data_6MJQ
#
_entry.id   6MJQ
#
_cell.length_a   78.967
_cell.length_b   191.858
_cell.length_c   150.957
_cell.angle_alpha   90.000
_cell.angle_beta   90.020
_cell.angle_gamma   90.000
#
_symmetry.space_group_name_H-M   'C 1 2 1'
#
loop_
_entity.id
_entity.type
_entity.pdbx_description
1 polymer 'T cell receptor alpha variable 11,T cell receptor alpha variable 11,T cell receptor alpha joining 18,Human nkt tcr alpha chain, chimeric protein'
2 polymer 'Beta-chain,T cell receptor chain,T cell receptor beta constant 2, CHIMERIC PROTEIN'
3 polymer 'Antigen-presenting glycoprotein CD1d1'
4 polymer Beta-2-microglobulin
5 branched 2-acetamido-2-deoxy-beta-D-glucopyranose-(1-4)-2-acetamido-2-deoxy-beta-D-glucopyranose
6 branched beta-D-mannopyranose-(1-4)-2-acetamido-2-deoxy-beta-D-glucopyranose-(1-4)-[alpha-L-fucopyranose-(1-6)]2-acetamido-2-deoxy-beta-D-glucopyranose
7 branched alpha-D-mannopyranose-(1-3)-beta-D-mannopyranose-(1-4)-2-acetamido-2-deoxy-beta-D-glucopyranose-(1-4)-[alpha-L-fucopyranose-(1-6)]2-acetamido-2-deoxy-beta-D-glucopyranose
8 non-polymer GLYCEROL
9 non-polymer 'SODIUM ION'
10 non-polymer 2-acetamido-2-deoxy-beta-D-glucopyranose
11 non-polymer N-{(2S,3S,4R)-3,4-dihydroxy-1-[(4-O-{[4-(trifluoromethyl)phenyl]methyl}-alpha-D-galactopyranosyl)oxy]octadecan-2-yl}hexacosanamide
12 water water
#
loop_
_entity_poly.entity_id
_entity_poly.type
_entity_poly.pdbx_seq_one_letter_code
_entity_poly.pdbx_strand_id
1 'polypeptide(L)'
;MKTQVEQSPQSLVVRQGENCVLQCNYSVTPDNHLRWFKQDTGKGLVSLTVLVDQKDKTSNGRYSATLDKDAKHSTLHITA
TLLDDTATYICVVGDRGSALGRLHFGAGTQLIVIPDIQNPDPAVYQLRDSKSSDKSVCLFTDFDSQTNVSQSKDSDVYIT
DKCVLDMRSMDFKSNSAVAWSNKSDFACANAFNNSIIPEDTFFPSPESS
;
C,G
2 'polypeptide(L)'
;MEAAVTQSPRNKVAVTGGKVTLSCNQTNNHNNMYWYRQDTGHGLRLIHYSYGAGSTEKGDIPDGYKASRPSQENFSLILE
LATPSQTSVYFCASGDEGYTQYFGPGTRLLVLEDLRNVTPPKVSLFEPSKAEISHTQKATLVCLATGFYPDHVELSWWVN
GKEVHSGVCTDPQPLKEQPALNDSRYSLSSRLRVSATFWQNPRNHFRCQVQFYGLSENDEWTQDRAKPVTQIVSAEAWGR
A
;
D,H
3 'polypeptide(L)'
;SEAQQKNYTFRCLQMSSFANRSWSRTDSVVWLGDLQTHRWSNDSATISFTKPWSQGKLSNQQWEKLQHMFQVYRVSFTRD
IQELVKMMSPKEDYPIEIQLSAGCEMYPGNASESFLHVAFQGKYVVRFWGTSWQTVPGAPSWLDLPIKVLNADQGTSATV
QMLLNDTCPLFVRGLLEAGKSDLEKQEKPVAWLSSVPSSAHGHRQLVCHVSGFYPKPVWVMWMRGDQEQQGTHRGDFLPN
ADETWYLQATLDVEAGEEAGLACRVKHSSLGGQDIILYWHHHHHH
;
A,E
4 'polypeptide(L)'
;IQKTPQIQVYSRHPPENGKPNILNCYVTQFHPPHIEIQMLKNGKKIPKVEMSDMSFSKDWSFYILAHTEFTPTETDTYAC
RVKHASMAEPKTVYWDRDM
;
B,F
#
loop_
_chem_comp.id
_chem_comp.type
_chem_comp.name
_chem_comp.formula
BMA D-saccharide, beta linking beta-D-mannopyranose 'C6 H12 O6'
FUC L-saccharide, alpha linking alpha-L-fucopyranose 'C6 H12 O5'
GOL non-polymer GLYCEROL 'C3 H8 O3'
JUD non-polymer N-{(2S,3S,4R)-3,4-dihydroxy-1-[(4-O-{[4-(trifluoromethyl)phenyl]methyl}-alpha-D-galactopyranosyl)oxy]octadecan-2-yl}hexacosanamide 'C58 H104 F3 N O9'
MAN D-saccharide, alpha linking alpha-D-mannopyranose 'C6 H12 O6'
NA non-polymer 'SODIUM ION' 'Na 1'
NAG D-saccharide, beta linking 2-acetamido-2-deoxy-beta-D-glucopyranose 'C8 H15 N O6'
#
# COMPACT_ATOMS: atom_id res chain seq x y z
N LYS A 2 -35.63 -14.43 -11.77
CA LYS A 2 -35.54 -12.95 -11.88
C LYS A 2 -34.09 -12.54 -12.18
N THR A 3 -33.15 -13.04 -11.37
CA THR A 3 -31.71 -12.73 -11.52
C THR A 3 -31.10 -13.66 -12.57
N GLN A 4 -29.92 -13.28 -13.08
CA GLN A 4 -29.25 -13.97 -14.17
C GLN A 4 -28.20 -14.95 -13.64
N VAL A 5 -27.97 -14.95 -12.32
CA VAL A 5 -26.99 -15.83 -11.67
C VAL A 5 -27.61 -16.39 -10.38
N GLU A 6 -27.76 -17.72 -10.34
CA GLU A 6 -28.34 -18.43 -9.20
C GLU A 6 -27.33 -19.46 -8.67
N GLN A 7 -27.19 -19.50 -7.34
CA GLN A 7 -26.26 -20.39 -6.65
C GLN A 7 -27.03 -21.39 -5.79
N SER A 8 -26.40 -22.54 -5.54
CA SER A 8 -26.97 -23.62 -4.75
C SER A 8 -25.84 -24.43 -4.10
N PRO A 9 -26.01 -24.82 -2.83
CA PRO A 9 -27.14 -24.51 -1.97
C PRO A 9 -27.09 -23.07 -1.45
N GLN A 10 -28.21 -22.59 -0.89
CA GLN A 10 -28.30 -21.27 -0.28
C GLN A 10 -27.36 -21.20 0.92
N SER A 11 -27.37 -22.27 1.73
CA SER A 11 -26.44 -22.46 2.84
C SER A 11 -26.28 -23.96 3.13
N LEU A 12 -25.19 -24.31 3.84
CA LEU A 12 -24.94 -25.69 4.24
C LEU A 12 -23.98 -25.73 5.43
N VAL A 13 -24.05 -26.83 6.20
CA VAL A 13 -23.21 -27.06 7.37
C VAL A 13 -22.48 -28.39 7.18
N VAL A 14 -21.15 -28.36 7.37
CA VAL A 14 -20.29 -29.53 7.20
C VAL A 14 -19.32 -29.61 8.39
N ARG A 15 -18.94 -30.84 8.74
CA ARG A 15 -17.93 -31.08 9.78
C ARG A 15 -16.54 -30.95 9.16
N GLN A 16 -15.56 -30.59 10.00
CA GLN A 16 -14.17 -30.40 9.57
C GLN A 16 -13.63 -31.72 9.01
N GLY A 17 -13.02 -31.64 7.82
CA GLY A 17 -12.42 -32.79 7.14
C GLY A 17 -13.24 -33.25 5.95
N GLU A 18 -14.55 -32.95 5.97
CA GLU A 18 -15.48 -33.36 4.92
C GLU A 18 -15.30 -32.46 3.69
N ASN A 19 -15.79 -32.94 2.54
CA ASN A 19 -15.81 -32.20 1.28
C ASN A 19 -17.20 -31.57 1.10
N CYS A 20 -17.29 -30.61 0.18
CA CYS A 20 -18.57 -29.99 -0.21
C CYS A 20 -18.44 -29.37 -1.61
N VAL A 21 -19.56 -29.39 -2.34
CA VAL A 21 -19.64 -28.94 -3.73
C VAL A 21 -20.65 -27.79 -3.81
N LEU A 22 -20.21 -26.65 -4.35
CA LEU A 22 -21.05 -25.46 -4.52
C LEU A 22 -21.41 -25.32 -6.00
N GLN A 23 -22.69 -25.04 -6.29
CA GLN A 23 -23.22 -24.94 -7.65
C GLN A 23 -23.35 -23.46 -8.04
N CYS A 24 -23.36 -23.21 -9.36
CA CYS A 24 -23.61 -21.88 -9.92
C CYS A 24 -24.13 -22.02 -11.35
N ASN A 25 -25.43 -21.76 -11.54
CA ASN A 25 -26.07 -21.72 -12.84
C ASN A 25 -26.36 -20.25 -13.20
N TYR A 26 -26.21 -19.90 -14.48
CA TYR A 26 -26.43 -18.55 -14.96
C TYR A 26 -27.13 -18.57 -16.32
N SER A 27 -27.76 -17.44 -16.66
CA SER A 27 -28.41 -17.23 -17.96
C SER A 27 -27.82 -16.00 -18.67
N VAL A 28 -26.64 -15.56 -18.22
CA VAL A 28 -25.95 -14.40 -18.78
C VAL A 28 -25.45 -14.76 -20.19
N THR A 29 -25.56 -13.79 -21.12
CA THR A 29 -25.15 -13.95 -22.50
C THR A 29 -24.56 -12.64 -23.01
N PRO A 30 -23.32 -12.67 -23.53
CA PRO A 30 -22.46 -13.84 -23.56
C PRO A 30 -21.76 -14.06 -22.21
N ASP A 31 -20.98 -15.14 -22.12
CA ASP A 31 -20.25 -15.52 -20.90
C ASP A 31 -18.76 -15.65 -21.23
N ASN A 32 -18.01 -14.58 -20.98
CA ASN A 32 -16.58 -14.53 -21.26
C ASN A 32 -15.83 -15.37 -20.21
N HIS A 33 -16.04 -15.04 -18.94
CA HIS A 33 -15.36 -15.69 -17.82
C HIS A 33 -16.28 -15.78 -16.60
N LEU A 34 -15.90 -16.66 -15.66
CA LEU A 34 -16.60 -16.85 -14.40
C LEU A 34 -15.56 -16.87 -13.27
N ARG A 35 -15.84 -16.12 -12.20
CA ARG A 35 -14.93 -15.99 -11.06
C ARG A 35 -15.66 -16.38 -9.77
N TRP A 36 -14.95 -17.13 -8.91
CA TRP A 36 -15.43 -17.47 -7.57
C TRP A 36 -14.70 -16.61 -6.54
N PHE A 37 -15.47 -15.89 -5.72
CA PHE A 37 -14.95 -15.09 -4.61
C PHE A 37 -15.19 -15.84 -3.29
N LYS A 38 -14.47 -15.40 -2.26
CA LYS A 38 -14.63 -15.88 -0.89
C LYS A 38 -14.71 -14.65 0.04
N GLN A 39 -15.85 -14.51 0.73
CA GLN A 39 -16.11 -13.36 1.60
C GLN A 39 -16.31 -13.85 3.04
N ASP A 40 -15.31 -13.63 3.89
CA ASP A 40 -15.38 -13.92 5.31
C ASP A 40 -16.31 -12.90 5.99
N THR A 41 -16.72 -13.21 7.22
CA THR A 41 -17.66 -12.39 7.99
C THR A 41 -17.08 -10.98 8.18
N GLY A 42 -17.67 -10.00 7.47
CA GLY A 42 -17.28 -8.60 7.57
C GLY A 42 -15.91 -8.35 6.97
N LYS A 43 -15.70 -8.86 5.75
CA LYS A 43 -14.41 -8.77 5.06
C LYS A 43 -14.65 -8.57 3.56
N GLY A 44 -13.56 -8.38 2.80
CA GLY A 44 -13.59 -8.12 1.37
C GLY A 44 -13.74 -9.40 0.56
N LEU A 45 -13.45 -9.29 -0.74
CA LEU A 45 -13.66 -10.36 -1.72
C LEU A 45 -12.30 -10.94 -2.14
N VAL A 46 -11.98 -12.11 -1.58
CA VAL A 46 -10.78 -12.88 -1.95
C VAL A 46 -11.13 -13.79 -3.13
N SER A 47 -10.47 -13.55 -4.27
CA SER A 47 -10.66 -14.35 -5.48
C SER A 47 -10.00 -15.72 -5.30
N LEU A 48 -10.73 -16.78 -5.67
CA LEU A 48 -10.26 -18.16 -5.55
C LEU A 48 -9.69 -18.63 -6.89
N THR A 49 -10.46 -18.46 -7.97
CA THR A 49 -10.05 -18.86 -9.32
C THR A 49 -10.93 -18.15 -10.36
N VAL A 50 -10.53 -18.28 -11.63
CA VAL A 50 -11.25 -17.71 -12.77
C VAL A 50 -11.19 -18.71 -13.94
N LEU A 51 -12.34 -18.97 -14.57
CA LEU A 51 -12.47 -19.92 -15.67
C LEU A 51 -12.90 -19.16 -16.93
N VAL A 52 -12.32 -19.55 -18.08
CA VAL A 52 -12.44 -18.78 -19.33
C VAL A 52 -12.84 -19.68 -20.51
N ASP A 53 -12.29 -20.90 -20.57
CA ASP A 53 -12.51 -21.82 -21.70
C ASP A 53 -13.93 -22.40 -21.65
N GLN A 54 -14.33 -23.05 -22.75
CA GLN A 54 -15.65 -23.64 -22.93
C GLN A 54 -15.86 -24.76 -21.89
N LYS A 55 -14.87 -25.66 -21.80
CA LYS A 55 -14.83 -26.74 -20.80
C LYS A 55 -13.55 -26.59 -19.97
N ASP A 56 -13.53 -25.61 -19.08
CA ASP A 56 -12.33 -25.24 -18.32
C ASP A 56 -12.33 -25.96 -16.96
N LYS A 57 -11.12 -26.24 -16.46
CA LYS A 57 -10.88 -26.81 -15.14
C LYS A 57 -9.76 -26.00 -14.48
N THR A 58 -9.93 -25.69 -13.19
CA THR A 58 -8.96 -24.90 -12.43
C THR A 58 -8.74 -25.52 -11.05
N SER A 59 -7.70 -25.07 -10.36
CA SER A 59 -7.35 -25.54 -9.02
C SER A 59 -6.57 -24.45 -8.27
N ASN A 60 -6.63 -24.52 -6.94
CA ASN A 60 -5.95 -23.59 -6.04
C ASN A 60 -5.75 -24.31 -4.69
N GLY A 61 -4.95 -25.38 -4.72
CA GLY A 61 -4.69 -26.21 -3.55
C GLY A 61 -5.88 -27.09 -3.22
N ARG A 62 -6.61 -26.72 -2.16
CA ARG A 62 -7.78 -27.45 -1.69
C ARG A 62 -9.00 -27.07 -2.56
N TYR A 63 -9.02 -25.82 -3.05
CA TYR A 63 -10.07 -25.34 -3.94
C TYR A 63 -9.84 -25.87 -5.36
N SER A 64 -10.93 -26.27 -6.02
CA SER A 64 -10.92 -26.58 -7.45
C SER A 64 -12.32 -26.33 -8.02
N ALA A 65 -12.39 -25.98 -9.31
CA ALA A 65 -13.63 -25.59 -9.97
C ALA A 65 -13.65 -26.06 -11.42
N THR A 66 -14.85 -26.12 -11.99
CA THR A 66 -15.10 -26.45 -13.39
C THR A 66 -16.14 -25.49 -13.97
N LEU A 67 -16.24 -25.48 -15.30
CA LEU A 67 -17.17 -24.62 -16.04
C LEU A 67 -17.54 -25.28 -17.36
N ASP A 68 -18.85 -25.32 -17.66
CA ASP A 68 -19.37 -25.73 -18.95
C ASP A 68 -20.29 -24.62 -19.48
N LYS A 69 -19.83 -23.92 -20.52
CA LYS A 69 -20.52 -22.75 -21.08
C LYS A 69 -21.76 -23.19 -21.88
N ASP A 70 -21.73 -24.42 -22.40
CA ASP A 70 -22.86 -25.00 -23.12
C ASP A 70 -24.06 -25.13 -22.17
N ALA A 71 -23.81 -25.68 -20.98
CA ALA A 71 -24.83 -25.88 -19.94
C ALA A 71 -25.03 -24.59 -19.14
N LYS A 72 -24.04 -23.69 -19.17
CA LYS A 72 -24.01 -22.46 -18.37
C LYS A 72 -24.02 -22.83 -16.89
N HIS A 73 -23.06 -23.69 -16.50
CA HIS A 73 -22.99 -24.30 -15.18
C HIS A 73 -21.54 -24.28 -14.68
N SER A 74 -21.38 -24.12 -13.36
CA SER A 74 -20.06 -24.07 -12.73
C SER A 74 -20.15 -24.62 -11.30
N THR A 75 -19.14 -25.41 -10.91
CA THR A 75 -19.04 -26.01 -9.58
C THR A 75 -17.74 -25.54 -8.91
N LEU A 76 -17.73 -25.58 -7.57
CA LEU A 76 -16.54 -25.28 -6.76
C LEU A 76 -16.40 -26.35 -5.68
N HIS A 77 -15.43 -27.25 -5.87
CA HIS A 77 -15.14 -28.33 -4.94
CA HIS A 77 -15.14 -28.33 -4.94
C HIS A 77 -14.15 -27.85 -3.89
N ILE A 78 -14.41 -28.19 -2.62
CA ILE A 78 -13.54 -27.86 -1.49
C ILE A 78 -13.15 -29.16 -0.79
N THR A 79 -11.90 -29.60 -0.99
CA THR A 79 -11.37 -30.82 -0.38
C THR A 79 -10.89 -30.50 1.04
N ALA A 80 -11.26 -31.36 2.00
CA ALA A 80 -10.82 -31.27 3.40
C ALA A 80 -11.08 -29.86 3.95
N THR A 81 -12.36 -29.58 4.25
CA THR A 81 -12.78 -28.28 4.76
C THR A 81 -12.14 -28.03 6.14
N LEU A 82 -11.55 -26.84 6.30
CA LEU A 82 -11.01 -26.37 7.57
C LEU A 82 -11.94 -25.29 8.13
N LEU A 83 -11.68 -24.89 9.39
CA LEU A 83 -12.52 -23.93 10.12
C LEU A 83 -12.61 -22.59 9.37
N ASP A 84 -11.48 -22.18 8.76
CA ASP A 84 -11.34 -20.87 8.11
C ASP A 84 -12.17 -20.78 6.81
N ASP A 85 -12.62 -21.93 6.30
CA ASP A 85 -13.46 -21.99 5.10
C ASP A 85 -14.87 -21.44 5.40
N THR A 86 -15.21 -21.34 6.69
CA THR A 86 -16.47 -20.72 7.13
C THR A 86 -16.57 -19.30 6.55
N ALA A 87 -17.32 -19.17 5.45
CA ALA A 87 -17.46 -17.91 4.72
C ALA A 87 -18.60 -18.00 3.70
N THR A 88 -18.90 -16.87 3.06
CA THR A 88 -19.84 -16.79 1.94
C THR A 88 -19.05 -16.85 0.63
N TYR A 89 -19.45 -17.77 -0.26
CA TYR A 89 -18.77 -18.01 -1.54
C TYR A 89 -19.65 -17.49 -2.68
N ILE A 90 -19.16 -16.45 -3.37
CA ILE A 90 -19.93 -15.71 -4.37
C ILE A 90 -19.48 -16.13 -5.77
N CYS A 91 -20.46 -16.21 -6.68
CA CYS A 91 -20.26 -16.56 -8.08
C CYS A 91 -20.50 -15.33 -8.95
N VAL A 92 -19.56 -15.03 -9.84
CA VAL A 92 -19.59 -13.82 -10.68
C VAL A 92 -19.33 -14.22 -12.14
N VAL A 93 -20.11 -13.62 -13.05
CA VAL A 93 -19.98 -13.86 -14.49
C VAL A 93 -19.80 -12.51 -15.20
N GLY A 94 -18.68 -12.37 -15.92
CA GLY A 94 -18.39 -11.22 -16.78
C GLY A 94 -18.75 -11.53 -18.21
N ASP A 95 -19.47 -10.61 -18.86
CA ASP A 95 -20.07 -10.85 -20.18
C ASP A 95 -19.15 -10.35 -21.30
N ARG A 96 -18.02 -9.72 -20.94
CA ARG A 96 -16.99 -9.33 -21.91
C ARG A 96 -15.60 -9.72 -21.37
N GLY A 97 -14.60 -9.68 -22.26
CA GLY A 97 -13.20 -9.85 -21.92
C GLY A 97 -12.46 -8.52 -21.89
N SER A 98 -13.16 -7.47 -21.46
CA SER A 98 -12.63 -6.11 -21.41
C SER A 98 -13.41 -5.29 -20.38
N ALA A 99 -13.04 -4.02 -20.23
CA ALA A 99 -13.65 -3.10 -19.26
C ALA A 99 -15.06 -2.68 -19.70
N LEU A 100 -15.43 -3.01 -20.95
CA LEU A 100 -16.77 -2.75 -21.49
C LEU A 100 -17.80 -3.64 -20.78
N GLY A 101 -17.35 -4.80 -20.28
CA GLY A 101 -18.22 -5.81 -19.68
C GLY A 101 -18.80 -5.37 -18.34
N ARG A 102 -19.99 -5.93 -18.04
CA ARG A 102 -20.64 -5.81 -16.74
C ARG A 102 -20.50 -7.14 -15.99
N LEU A 103 -20.37 -7.05 -14.66
CA LEU A 103 -20.27 -8.22 -13.79
C LEU A 103 -21.64 -8.53 -13.19
N HIS A 104 -22.08 -9.78 -13.36
CA HIS A 104 -23.35 -10.28 -12.82
C HIS A 104 -23.07 -11.17 -11.61
N PHE A 105 -23.43 -10.69 -10.42
CA PHE A 105 -23.11 -11.33 -9.15
C PHE A 105 -24.26 -12.25 -8.71
N GLY A 106 -23.89 -13.35 -8.03
CA GLY A 106 -24.82 -14.22 -7.35
C GLY A 106 -25.01 -13.81 -5.90
N ALA A 107 -26.05 -14.33 -5.26
CA ALA A 107 -26.39 -14.02 -3.86
C ALA A 107 -25.35 -14.62 -2.91
N GLY A 108 -24.80 -15.78 -3.29
CA GLY A 108 -23.74 -16.45 -2.55
C GLY A 108 -24.21 -17.72 -1.87
N THR A 109 -23.27 -18.43 -1.27
CA THR A 109 -23.51 -19.69 -0.55
C THR A 109 -22.82 -19.62 0.81
N GLN A 110 -23.62 -19.54 1.89
CA GLN A 110 -23.11 -19.47 3.26
C GLN A 110 -22.66 -20.87 3.70
N LEU A 111 -21.34 -21.04 3.84
CA LEU A 111 -20.75 -22.29 4.34
C LEU A 111 -20.40 -22.11 5.82
N ILE A 112 -20.70 -23.16 6.61
CA ILE A 112 -20.36 -23.23 8.03
C ILE A 112 -19.65 -24.57 8.28
N VAL A 113 -18.39 -24.50 8.72
CA VAL A 113 -17.59 -25.67 9.04
C VAL A 113 -17.58 -25.83 10.56
N ILE A 114 -18.06 -26.97 11.04
CA ILE A 114 -18.05 -27.31 12.47
C ILE A 114 -16.67 -27.89 12.81
N PRO A 115 -15.94 -27.32 13.80
CA PRO A 115 -14.58 -27.73 14.10
C PRO A 115 -14.50 -29.10 14.81
N ASP A 116 -13.42 -29.84 14.53
CA ASP A 116 -13.19 -31.15 15.11
C ASP A 116 -12.39 -30.98 16.41
N ILE A 117 -13.08 -31.09 17.55
CA ILE A 117 -12.47 -31.03 18.88
C ILE A 117 -11.97 -32.42 19.24
N GLN A 118 -10.64 -32.54 19.44
CA GLN A 118 -9.98 -33.81 19.68
C GLN A 118 -10.20 -34.24 21.15
N ASN A 119 -9.72 -33.41 22.08
CA ASN A 119 -9.71 -33.73 23.51
C ASN A 119 -10.56 -32.71 24.26
N PRO A 120 -11.87 -33.01 24.51
CA PRO A 120 -12.71 -32.12 25.32
C PRO A 120 -12.40 -32.24 26.82
N ASP A 121 -12.63 -31.15 27.56
CA ASP A 121 -12.36 -31.08 28.98
C ASP A 121 -13.27 -30.03 29.60
N PRO A 122 -14.61 -30.25 29.61
CA PRO A 122 -15.58 -29.21 29.95
C PRO A 122 -15.43 -28.68 31.39
N ALA A 123 -15.52 -27.36 31.54
CA ALA A 123 -15.36 -26.68 32.82
C ALA A 123 -16.02 -25.29 32.76
N VAL A 124 -16.41 -24.79 33.94
CA VAL A 124 -17.00 -23.47 34.10
C VAL A 124 -16.22 -22.71 35.17
N TYR A 125 -15.32 -21.82 34.72
CA TYR A 125 -14.47 -21.02 35.59
C TYR A 125 -15.12 -19.65 35.83
N GLN A 126 -14.68 -18.98 36.90
CA GLN A 126 -15.08 -17.60 37.22
C GLN A 126 -13.88 -16.68 37.03
N LEU A 127 -14.07 -15.63 36.22
CA LEU A 127 -13.05 -14.61 35.95
C LEU A 127 -13.44 -13.32 36.69
N ARG A 128 -12.45 -12.48 36.99
CA ARG A 128 -12.63 -11.25 37.76
C ARG A 128 -12.06 -10.05 36.99
N ASP A 129 -12.73 -8.90 37.12
CA ASP A 129 -12.38 -7.66 36.43
C ASP A 129 -11.15 -7.04 37.11
N SER A 130 -10.29 -6.40 36.31
CA SER A 130 -9.02 -5.84 36.76
C SER A 130 -9.25 -4.57 37.60
N LYS A 131 -10.13 -3.69 37.11
CA LYS A 131 -10.40 -2.40 37.75
C LYS A 131 -11.03 -2.62 39.13
N SER A 132 -12.24 -3.19 39.14
CA SER A 132 -12.99 -3.48 40.36
C SER A 132 -13.34 -4.98 40.40
N SER A 133 -12.97 -5.66 41.49
CA SER A 133 -13.05 -7.11 41.61
C SER A 133 -14.44 -7.57 42.05
N ASP A 134 -15.36 -6.63 42.26
CA ASP A 134 -16.76 -6.92 42.61
C ASP A 134 -17.45 -7.63 41.43
N LYS A 135 -17.17 -7.18 40.20
CA LYS A 135 -17.80 -7.70 38.99
C LYS A 135 -17.05 -8.98 38.56
N SER A 136 -17.76 -9.85 37.82
CA SER A 136 -17.24 -11.14 37.39
C SER A 136 -18.07 -11.70 36.23
N VAL A 137 -17.50 -12.70 35.55
CA VAL A 137 -18.15 -13.43 34.46
C VAL A 137 -17.88 -14.93 34.65
N CYS A 138 -18.78 -15.76 34.10
CA CYS A 138 -18.64 -17.22 34.13
C CYS A 138 -18.31 -17.73 32.72
N LEU A 139 -17.19 -18.46 32.59
CA LEU A 139 -16.65 -18.91 31.32
C LEU A 139 -16.79 -20.43 31.21
N PHE A 140 -17.85 -20.87 30.52
CA PHE A 140 -18.02 -22.28 30.13
C PHE A 140 -17.20 -22.53 28.86
N THR A 141 -16.25 -23.48 28.94
CA THR A 141 -15.25 -23.67 27.89
C THR A 141 -14.83 -25.14 27.81
N ASP A 142 -14.13 -25.47 26.72
CA ASP A 142 -13.50 -26.77 26.46
C ASP A 142 -14.57 -27.88 26.40
N PHE A 143 -15.62 -27.63 25.61
CA PHE A 143 -16.67 -28.61 25.34
C PHE A 143 -16.71 -28.87 23.83
N ASP A 144 -17.07 -30.11 23.46
CA ASP A 144 -17.11 -30.53 22.05
C ASP A 144 -18.32 -29.91 21.35
N SER A 145 -18.35 -30.01 20.02
CA SER A 145 -19.34 -29.35 19.17
C SER A 145 -20.75 -29.91 19.41
N GLN A 146 -20.83 -31.13 19.96
CA GLN A 146 -22.11 -31.81 20.25
C GLN A 146 -22.92 -31.01 21.27
N THR A 147 -22.24 -30.40 22.26
CA THR A 147 -22.87 -29.58 23.28
C THR A 147 -23.40 -28.29 22.65
N ASN A 148 -24.63 -27.89 23.03
CA ASN A 148 -25.28 -26.68 22.56
C ASN A 148 -25.65 -25.81 23.77
N VAL A 149 -25.20 -24.54 23.74
CA VAL A 149 -25.50 -23.56 24.77
C VAL A 149 -26.78 -22.82 24.36
N SER A 150 -27.63 -22.50 25.34
CA SER A 150 -28.92 -21.86 25.12
C SER A 150 -28.99 -20.53 25.90
N GLN A 151 -29.95 -19.69 25.52
CA GLN A 151 -30.20 -18.40 26.18
C GLN A 151 -30.68 -18.65 27.62
N SER A 152 -30.46 -17.66 28.49
CA SER A 152 -30.73 -17.77 29.92
C SER A 152 -32.25 -17.72 30.18
N LYS A 153 -32.66 -18.28 31.32
CA LYS A 153 -34.04 -18.25 31.78
C LYS A 153 -34.38 -16.83 32.24
N ASP A 154 -33.55 -16.29 33.14
CA ASP A 154 -33.66 -14.92 33.62
C ASP A 154 -33.11 -13.97 32.54
N SER A 155 -33.86 -12.92 32.24
CA SER A 155 -33.51 -11.94 31.20
C SER A 155 -32.39 -11.02 31.69
N ASP A 156 -32.28 -10.85 33.02
CA ASP A 156 -31.22 -10.07 33.66
C ASP A 156 -29.86 -10.77 33.45
N VAL A 157 -29.88 -12.11 33.42
CA VAL A 157 -28.70 -12.91 33.15
C VAL A 157 -28.47 -12.96 31.63
N TYR A 158 -27.22 -12.74 31.22
CA TYR A 158 -26.82 -12.70 29.81
C TYR A 158 -25.87 -13.86 29.52
N ILE A 159 -26.21 -14.65 28.49
CA ILE A 159 -25.38 -15.76 28.02
C ILE A 159 -25.22 -15.62 26.50
N THR A 160 -23.97 -15.68 26.04
CA THR A 160 -23.62 -15.55 24.62
C THR A 160 -23.72 -16.92 23.94
N ASP A 161 -23.80 -16.90 22.61
CA ASP A 161 -23.78 -18.11 21.80
C ASP A 161 -22.35 -18.66 21.79
N LYS A 162 -22.21 -19.97 21.56
CA LYS A 162 -20.92 -20.65 21.59
C LYS A 162 -20.07 -20.16 20.42
N CYS A 163 -18.75 -20.10 20.64
CA CYS A 163 -17.78 -19.57 19.68
C CYS A 163 -16.45 -20.32 19.85
N VAL A 164 -15.75 -20.53 18.74
CA VAL A 164 -14.50 -21.32 18.71
C VAL A 164 -13.33 -20.39 18.38
N LEU A 165 -12.19 -20.64 19.04
CA LEU A 165 -10.93 -19.94 18.78
C LEU A 165 -9.89 -20.97 18.32
N ASP A 166 -8.77 -20.48 17.79
CA ASP A 166 -7.75 -21.31 17.17
C ASP A 166 -6.36 -20.76 17.51
N MET A 167 -5.72 -21.37 18.52
CA MET A 167 -4.32 -21.13 18.83
C MET A 167 -3.46 -21.85 17.79
N ARG A 168 -2.94 -21.08 16.83
CA ARG A 168 -2.33 -21.61 15.61
C ARG A 168 -0.93 -22.17 15.90
N SER A 169 -0.22 -21.55 16.85
CA SER A 169 1.14 -21.94 17.23
C SER A 169 1.15 -23.34 17.85
N MET A 170 0.10 -23.67 18.62
CA MET A 170 -0.01 -24.95 19.33
C MET A 170 -0.93 -25.93 18.58
N ASP A 171 -1.61 -25.44 17.53
CA ASP A 171 -2.59 -26.23 16.76
C ASP A 171 -3.65 -26.79 17.72
N PHE A 172 -4.44 -25.88 18.29
CA PHE A 172 -5.41 -26.18 19.34
C PHE A 172 -6.68 -25.36 19.09
N LYS A 173 -7.84 -26.03 19.18
CA LYS A 173 -9.15 -25.41 19.02
C LYS A 173 -10.02 -25.78 20.24
N SER A 174 -10.91 -24.87 20.63
CA SER A 174 -11.78 -25.06 21.79
C SER A 174 -12.98 -24.10 21.73
N ASN A 175 -14.18 -24.65 21.97
CA ASN A 175 -15.41 -23.87 22.09
C ASN A 175 -15.41 -23.14 23.44
N SER A 176 -16.21 -22.08 23.53
CA SER A 176 -16.31 -21.26 24.74
C SER A 176 -17.57 -20.39 24.69
N ALA A 177 -18.07 -20.02 25.87
CA ALA A 177 -19.24 -19.15 26.02
C ALA A 177 -19.17 -18.44 27.37
N VAL A 178 -19.53 -17.15 27.37
CA VAL A 178 -19.46 -16.28 28.55
C VAL A 178 -20.88 -16.10 29.10
N ALA A 179 -20.97 -15.86 30.43
CA ALA A 179 -22.22 -15.56 31.10
C ALA A 179 -21.96 -14.56 32.24
N TRP A 180 -22.88 -13.60 32.41
CA TRP A 180 -22.78 -12.56 33.44
C TRP A 180 -24.17 -12.03 33.79
N SER A 181 -24.26 -11.34 34.94
CA SER A 181 -25.52 -10.76 35.43
C SER A 181 -25.25 -9.72 36.53
N ASN A 182 -26.32 -9.17 37.10
CA ASN A 182 -26.28 -8.24 38.23
C ASN A 182 -27.33 -8.66 39.27
N PHE A 186 -25.70 -14.37 41.69
CA PHE A 186 -25.43 -15.08 40.43
C PHE A 186 -24.07 -15.79 40.51
N ALA A 187 -24.11 -17.13 40.60
CA ALA A 187 -22.92 -17.97 40.65
C ALA A 187 -22.78 -18.76 39.34
N CYS A 188 -21.60 -19.36 39.15
CA CYS A 188 -21.27 -20.10 37.92
C CYS A 188 -21.93 -21.49 37.92
N ALA A 189 -22.27 -22.00 39.11
CA ALA A 189 -23.01 -23.25 39.25
C ALA A 189 -24.44 -23.09 38.72
N ASN A 190 -25.01 -21.90 38.91
CA ASN A 190 -26.39 -21.57 38.52
C ASN A 190 -26.43 -20.92 37.13
N ALA A 191 -25.25 -20.59 36.58
CA ALA A 191 -25.13 -19.81 35.34
C ALA A 191 -25.70 -20.58 34.15
N PHE A 192 -25.20 -21.80 33.94
CA PHE A 192 -25.56 -22.63 32.79
C PHE A 192 -26.46 -23.80 33.23
N ASN A 193 -27.56 -23.45 33.90
CA ASN A 193 -28.57 -24.42 34.33
C ASN A 193 -29.42 -24.81 33.11
N ASN A 194 -29.99 -23.80 32.43
CA ASN A 194 -30.86 -23.99 31.27
C ASN A 194 -30.00 -24.29 30.03
N SER A 195 -29.32 -25.45 30.06
CA SER A 195 -28.40 -25.89 29.01
C SER A 195 -27.96 -27.34 29.29
N ILE A 196 -28.06 -28.19 28.26
CA ILE A 196 -27.69 -29.59 28.36
C ILE A 196 -26.16 -29.71 28.28
N ILE A 197 -25.51 -29.49 29.43
CA ILE A 197 -24.05 -29.56 29.55
C ILE A 197 -23.64 -31.00 29.89
N PRO A 198 -22.44 -31.46 29.49
CA PRO A 198 -21.92 -32.77 29.90
C PRO A 198 -21.93 -32.98 31.42
N GLU A 199 -22.02 -34.25 31.84
CA GLU A 199 -22.14 -34.62 33.25
C GLU A 199 -20.79 -34.43 33.97
N ASP A 200 -19.69 -34.57 33.22
CA ASP A 200 -18.32 -34.52 33.77
C ASP A 200 -17.74 -33.11 33.63
N THR A 201 -18.57 -32.09 33.90
CA THR A 201 -18.14 -30.69 33.85
C THR A 201 -17.46 -30.33 35.17
N PHE A 202 -16.26 -29.75 35.07
CA PHE A 202 -15.44 -29.39 36.22
C PHE A 202 -15.87 -28.01 36.76
N PHE A 203 -16.46 -28.01 37.96
CA PHE A 203 -16.84 -26.81 38.69
C PHE A 203 -15.88 -26.61 39.86
N PRO A 204 -14.82 -25.78 39.71
CA PRO A 204 -13.83 -25.61 40.77
C PRO A 204 -14.33 -24.73 41.94
N SER A 205 -13.67 -24.85 43.10
CA SER A 205 -13.97 -24.05 44.27
C SER A 205 -12.77 -24.09 45.24
N GLU B 2 -1.01 -6.74 -5.86
CA GLU B 2 -0.20 -5.49 -6.00
C GLU B 2 -1.15 -4.28 -6.12
N ALA B 3 -2.11 -4.37 -7.05
CA ALA B 3 -3.07 -3.30 -7.33
C ALA B 3 -4.06 -3.16 -6.18
N ALA B 4 -3.72 -2.32 -5.18
CA ALA B 4 -4.54 -2.13 -3.98
C ALA B 4 -5.49 -0.94 -4.19
N VAL B 5 -6.63 -0.99 -3.49
CA VAL B 5 -7.65 0.08 -3.49
C VAL B 5 -8.08 0.30 -2.03
N THR B 6 -8.27 1.57 -1.67
CA THR B 6 -8.61 1.98 -0.30
C THR B 6 -9.94 2.74 -0.30
N GLN B 7 -10.71 2.55 0.77
CA GLN B 7 -12.00 3.20 0.97
C GLN B 7 -12.02 3.89 2.35
N SER B 8 -12.76 5.00 2.44
CA SER B 8 -12.93 5.74 3.67
C SER B 8 -14.22 6.56 3.63
N PRO B 9 -15.00 6.55 4.72
CA PRO B 9 -14.72 5.79 5.92
C PRO B 9 -15.01 4.29 5.75
N ARG B 10 -14.43 3.47 6.64
CA ARG B 10 -14.63 2.03 6.64
C ARG B 10 -15.96 1.68 7.31
N ASN B 11 -16.38 2.51 8.27
CA ASN B 11 -17.62 2.33 9.01
C ASN B 11 -18.20 3.71 9.32
N LYS B 12 -19.52 3.85 9.13
CA LYS B 12 -20.20 5.15 9.21
C LYS B 12 -21.61 4.99 9.78
N VAL B 13 -21.98 5.91 10.68
CA VAL B 13 -23.34 6.04 11.21
C VAL B 13 -23.86 7.43 10.84
N ALA B 14 -25.09 7.49 10.34
CA ALA B 14 -25.71 8.74 9.87
C ALA B 14 -27.20 8.75 10.22
N VAL B 15 -27.80 9.94 10.11
CA VAL B 15 -29.23 10.16 10.37
C VAL B 15 -29.92 10.48 9.04
N THR B 16 -31.24 10.24 8.99
CA THR B 16 -32.07 10.55 7.82
C THR B 16 -32.03 12.06 7.55
N GLY B 17 -31.79 12.42 6.29
CA GLY B 17 -31.74 13.82 5.84
C GLY B 17 -30.32 14.35 5.74
N GLY B 18 -29.37 13.66 6.39
CA GLY B 18 -27.97 14.07 6.42
C GLY B 18 -27.23 13.73 5.14
N LYS B 19 -26.07 14.36 4.95
CA LYS B 19 -25.19 14.12 3.82
C LYS B 19 -24.12 13.09 4.22
N VAL B 20 -23.91 12.09 3.35
CA VAL B 20 -22.89 11.06 3.55
C VAL B 20 -22.04 10.98 2.27
N THR B 21 -20.72 11.00 2.45
CA THR B 21 -19.75 10.99 1.34
C THR B 21 -18.77 9.83 1.53
N LEU B 22 -18.97 8.76 0.74
CA LEU B 22 -18.07 7.62 0.71
C LEU B 22 -17.01 7.87 -0.38
N SER B 23 -15.73 7.80 0.02
CA SER B 23 -14.60 8.07 -0.87
C SER B 23 -13.84 6.78 -1.18
N CYS B 24 -13.05 6.81 -2.25
CA CYS B 24 -12.33 5.64 -2.76
C CYS B 24 -11.08 6.09 -3.52
N ASN B 25 -9.91 5.95 -2.86
CA ASN B 25 -8.62 6.32 -3.42
C ASN B 25 -7.99 5.09 -4.10
N GLN B 26 -7.20 5.34 -5.15
CA GLN B 26 -6.60 4.29 -5.99
C GLN B 26 -5.35 4.87 -6.66
N THR B 27 -4.19 4.21 -6.44
CA THR B 27 -2.89 4.67 -6.95
C THR B 27 -2.33 3.66 -7.95
N ASN B 28 -3.20 3.15 -8.84
CA ASN B 28 -2.84 2.18 -9.87
C ASN B 28 -2.87 2.83 -11.26
N ASN B 29 -3.29 4.10 -11.31
CA ASN B 29 -3.50 4.85 -12.55
C ASN B 29 -4.55 4.15 -13.42
N HIS B 30 -5.58 3.58 -12.77
CA HIS B 30 -6.70 2.95 -13.44
C HIS B 30 -7.70 4.03 -13.88
N ASN B 31 -8.05 4.02 -15.17
CA ASN B 31 -9.01 4.95 -15.74
C ASN B 31 -10.40 4.69 -15.15
N ASN B 32 -10.76 3.42 -15.02
CA ASN B 32 -12.12 2.97 -14.73
C ASN B 32 -12.26 2.65 -13.24
N MET B 33 -13.31 3.19 -12.62
CA MET B 33 -13.64 2.94 -11.21
C MET B 33 -15.16 2.70 -11.10
N TYR B 34 -15.55 1.95 -10.07
CA TYR B 34 -16.92 1.44 -9.93
C TYR B 34 -17.38 1.53 -8.47
N TRP B 35 -18.70 1.60 -8.28
CA TRP B 35 -19.35 1.62 -6.97
C TRP B 35 -20.48 0.60 -6.93
N TYR B 36 -20.40 -0.33 -5.97
CA TYR B 36 -21.42 -1.35 -5.74
C TYR B 36 -21.97 -1.22 -4.32
N ARG B 37 -23.08 -1.93 -4.05
CA ARG B 37 -23.60 -2.13 -2.70
C ARG B 37 -24.05 -3.58 -2.53
N GLN B 38 -23.82 -4.14 -1.34
CA GLN B 38 -24.14 -5.52 -1.02
C GLN B 38 -25.26 -5.55 0.04
N ASP B 39 -26.27 -6.38 -0.20
CA ASP B 39 -27.42 -6.57 0.69
C ASP B 39 -27.73 -8.07 0.78
N THR B 40 -27.92 -8.56 2.01
CA THR B 40 -28.20 -9.96 2.28
C THR B 40 -29.44 -10.38 1.49
N GLY B 41 -29.29 -11.42 0.65
CA GLY B 41 -30.34 -11.92 -0.23
C GLY B 41 -30.10 -11.55 -1.69
N HIS B 42 -29.30 -10.50 -1.90
CA HIS B 42 -28.92 -10.01 -3.23
C HIS B 42 -27.41 -10.15 -3.41
N GLY B 43 -26.97 -10.05 -4.68
CA GLY B 43 -25.56 -9.91 -5.02
C GLY B 43 -25.15 -8.44 -5.02
N LEU B 44 -23.91 -8.17 -5.43
CA LEU B 44 -23.41 -6.80 -5.59
C LEU B 44 -24.07 -6.19 -6.84
N ARG B 45 -24.68 -5.02 -6.66
CA ARG B 45 -25.33 -4.28 -7.74
C ARG B 45 -24.58 -2.95 -7.95
N LEU B 46 -24.38 -2.60 -9.22
CA LEU B 46 -23.63 -1.41 -9.63
C LEU B 46 -24.51 -0.16 -9.44
N ILE B 47 -23.95 0.87 -8.81
CA ILE B 47 -24.64 2.13 -8.54
C ILE B 47 -24.21 3.16 -9.58
N HIS B 48 -22.91 3.49 -9.59
CA HIS B 48 -22.30 4.43 -10.52
C HIS B 48 -20.91 3.91 -10.91
N TYR B 49 -20.40 4.41 -12.04
CA TYR B 49 -19.04 4.10 -12.50
C TYR B 49 -18.50 5.27 -13.34
N SER B 50 -17.17 5.32 -13.48
CA SER B 50 -16.47 6.39 -14.17
C SER B 50 -15.38 5.81 -15.07
N TYR B 51 -15.21 6.42 -16.26
CA TYR B 51 -14.21 6.00 -17.24
C TYR B 51 -12.99 6.94 -17.21
N GLY B 52 -13.03 7.97 -16.35
CA GLY B 52 -11.94 8.93 -16.22
C GLY B 52 -12.38 10.18 -15.47
N ALA B 53 -11.40 11.01 -15.10
CA ALA B 53 -11.63 12.26 -14.37
C ALA B 53 -12.65 13.11 -15.12
N GLY B 54 -13.74 13.47 -14.44
CA GLY B 54 -14.83 14.28 -15.00
C GLY B 54 -16.05 13.45 -15.35
N SER B 55 -15.82 12.21 -15.79
CA SER B 55 -16.89 11.30 -16.22
C SER B 55 -17.54 10.63 -15.01
N THR B 56 -18.88 10.51 -15.06
CA THR B 56 -19.68 9.68 -14.16
C THR B 56 -20.89 9.14 -14.93
N GLU B 57 -21.21 7.87 -14.71
CA GLU B 57 -22.26 7.16 -15.44
C GLU B 57 -23.19 6.43 -14.47
N LYS B 58 -24.46 6.32 -14.85
CA LYS B 58 -25.49 5.64 -14.06
C LYS B 58 -25.34 4.13 -14.21
N GLY B 59 -25.47 3.40 -13.10
CA GLY B 59 -25.38 1.94 -13.07
C GLY B 59 -26.75 1.30 -13.22
N ASP B 60 -27.00 0.26 -12.40
CA ASP B 60 -28.28 -0.47 -12.38
C ASP B 60 -29.26 0.22 -11.43
N ILE B 61 -28.75 0.73 -10.30
CA ILE B 61 -29.58 1.30 -9.24
C ILE B 61 -29.00 2.66 -8.82
N PRO B 62 -28.96 3.66 -9.74
CA PRO B 62 -28.33 4.95 -9.45
C PRO B 62 -29.13 5.89 -8.54
N ASP B 63 -30.45 5.68 -8.44
CA ASP B 63 -31.36 6.59 -7.74
C ASP B 63 -30.98 6.67 -6.26
N GLY B 64 -30.86 7.91 -5.76
CA GLY B 64 -30.52 8.19 -4.36
C GLY B 64 -29.04 8.51 -4.18
N TYR B 65 -28.25 8.37 -5.26
CA TYR B 65 -26.80 8.53 -5.23
C TYR B 65 -26.36 9.51 -6.33
N LYS B 66 -25.35 10.33 -6.02
CA LYS B 66 -24.63 11.14 -6.99
C LYS B 66 -23.14 10.77 -6.92
N ALA B 67 -22.53 10.54 -8.08
CA ALA B 67 -21.11 10.20 -8.19
C ALA B 67 -20.30 11.48 -8.44
N SER B 68 -18.97 11.35 -8.30
CA SER B 68 -18.04 12.46 -8.49
C SER B 68 -16.62 11.92 -8.68
N ARG B 69 -16.03 12.24 -9.84
CA ARG B 69 -14.68 11.83 -10.20
C ARG B 69 -13.81 13.07 -10.38
N PRO B 70 -13.31 13.69 -9.29
CA PRO B 70 -12.48 14.90 -9.39
C PRO B 70 -11.09 14.65 -9.99
N SER B 71 -10.59 13.42 -9.90
CA SER B 71 -9.28 13.02 -10.41
C SER B 71 -9.27 11.53 -10.76
N GLN B 72 -8.13 11.07 -11.30
CA GLN B 72 -7.90 9.67 -11.63
C GLN B 72 -7.94 8.81 -10.36
N GLU B 73 -7.47 9.38 -9.24
CA GLU B 73 -7.25 8.64 -7.99
C GLU B 73 -8.56 8.47 -7.23
N ASN B 74 -9.23 9.60 -6.94
CA ASN B 74 -10.42 9.65 -6.08
C ASN B 74 -11.68 9.43 -6.92
N PHE B 75 -12.66 8.74 -6.32
CA PHE B 75 -13.99 8.53 -6.90
C PHE B 75 -15.00 8.38 -5.75
N SER B 76 -15.82 9.42 -5.56
CA SER B 76 -16.68 9.55 -4.38
C SER B 76 -18.14 9.23 -4.73
N LEU B 77 -18.82 8.53 -3.79
CA LEU B 77 -20.25 8.27 -3.85
C LEU B 77 -20.93 9.14 -2.78
N ILE B 78 -21.78 10.08 -3.24
CA ILE B 78 -22.38 11.09 -2.39
C ILE B 78 -23.88 10.79 -2.22
N LEU B 79 -24.28 10.53 -0.97
CA LEU B 79 -25.68 10.41 -0.57
C LEU B 79 -26.15 11.79 -0.10
N GLU B 80 -26.83 12.52 -0.98
CA GLU B 80 -27.23 13.91 -0.74
C GLU B 80 -28.26 13.94 0.39
N LEU B 81 -29.29 13.09 0.29
CA LEU B 81 -30.34 12.93 1.30
C LEU B 81 -30.41 11.45 1.72
N ALA B 82 -29.72 11.12 2.81
CA ALA B 82 -29.59 9.74 3.30
C ALA B 82 -30.96 9.23 3.77
N THR B 83 -31.21 7.94 3.54
CA THR B 83 -32.44 7.26 3.97
C THR B 83 -32.10 5.89 4.53
N PRO B 84 -32.96 5.30 5.41
CA PRO B 84 -32.72 3.96 5.95
C PRO B 84 -32.52 2.85 4.90
N SER B 85 -33.11 3.01 3.71
CA SER B 85 -33.06 2.04 2.62
C SER B 85 -31.64 1.93 2.03
N GLN B 86 -30.78 2.91 2.36
CA GLN B 86 -29.39 2.95 1.88
C GLN B 86 -28.43 2.35 2.92
N THR B 87 -28.99 1.75 3.97
CA THR B 87 -28.23 0.95 4.92
C THR B 87 -27.71 -0.31 4.20
N SER B 88 -26.39 -0.37 3.99
CA SER B 88 -25.78 -1.43 3.19
C SER B 88 -24.26 -1.44 3.41
N VAL B 89 -23.59 -2.40 2.76
CA VAL B 89 -22.13 -2.46 2.64
C VAL B 89 -21.77 -2.04 1.22
N TYR B 90 -20.97 -0.96 1.09
CA TYR B 90 -20.63 -0.37 -0.20
C TYR B 90 -19.19 -0.75 -0.56
N PHE B 91 -19.04 -1.38 -1.74
CA PHE B 91 -17.75 -1.81 -2.26
C PHE B 91 -17.35 -0.92 -3.44
N CYS B 92 -16.07 -0.55 -3.49
CA CYS B 92 -15.47 0.21 -4.58
C CYS B 92 -14.45 -0.66 -5.31
N ALA B 93 -14.35 -0.47 -6.63
CA ALA B 93 -13.44 -1.24 -7.47
C ALA B 93 -12.77 -0.31 -8.50
N SER B 94 -11.68 -0.81 -9.08
CA SER B 94 -10.94 -0.12 -10.14
C SER B 94 -10.36 -1.15 -11.12
N GLY B 95 -10.02 -0.69 -12.33
CA GLY B 95 -9.43 -1.54 -13.35
C GLY B 95 -9.00 -0.75 -14.58
N ASP B 96 -8.08 -1.35 -15.35
CA ASP B 96 -7.61 -0.78 -16.61
C ASP B 96 -8.57 -1.26 -17.73
N GLU B 97 -8.04 -1.47 -18.94
CA GLU B 97 -8.85 -1.87 -20.10
C GLU B 97 -9.30 -3.34 -19.97
N GLY B 98 -8.57 -4.12 -19.16
CA GLY B 98 -8.89 -5.54 -18.91
C GLY B 98 -10.18 -5.71 -18.13
N TYR B 99 -10.69 -6.95 -18.08
CA TYR B 99 -11.98 -7.26 -17.47
C TYR B 99 -11.88 -7.27 -15.94
N THR B 100 -10.68 -7.56 -15.41
CA THR B 100 -10.45 -7.69 -13.98
C THR B 100 -10.78 -6.36 -13.28
N GLN B 101 -11.59 -6.45 -12.21
CA GLN B 101 -11.89 -5.32 -11.33
C GLN B 101 -11.39 -5.64 -9.93
N TYR B 102 -10.44 -4.82 -9.45
CA TYR B 102 -9.79 -5.00 -8.15
C TYR B 102 -10.60 -4.27 -7.08
N PHE B 103 -11.23 -5.04 -6.17
CA PHE B 103 -12.19 -4.51 -5.22
C PHE B 103 -11.48 -4.00 -3.96
N GLY B 104 -12.10 -3.02 -3.31
CA GLY B 104 -11.64 -2.45 -2.04
C GLY B 104 -12.15 -3.26 -0.85
N PRO B 105 -11.79 -2.88 0.40
CA PRO B 105 -12.08 -3.69 1.58
C PRO B 105 -13.53 -3.63 2.07
N GLY B 106 -14.30 -2.64 1.60
CA GLY B 106 -15.73 -2.51 1.91
C GLY B 106 -15.98 -1.38 2.91
N THR B 107 -17.22 -0.86 2.88
CA THR B 107 -17.66 0.26 3.71
C THR B 107 -19.07 0.00 4.23
N ARG B 108 -19.20 -0.19 5.55
CA ARG B 108 -20.50 -0.40 6.19
C ARG B 108 -21.14 0.96 6.51
N LEU B 109 -22.42 1.09 6.17
CA LEU B 109 -23.20 2.31 6.42
C LEU B 109 -24.53 1.93 7.08
N LEU B 110 -24.84 2.61 8.20
CA LEU B 110 -26.11 2.49 8.91
C LEU B 110 -26.76 3.87 8.99
N VAL B 111 -27.97 3.99 8.43
CA VAL B 111 -28.74 5.22 8.45
C VAL B 111 -29.89 5.05 9.44
N LEU B 112 -29.74 5.68 10.62
CA LEU B 112 -30.74 5.63 11.69
C LEU B 112 -31.84 6.65 11.42
N GLU B 113 -32.96 6.51 12.14
CA GLU B 113 -34.07 7.45 12.09
C GLU B 113 -33.69 8.71 12.89
N ASP B 114 -33.20 8.49 14.12
CA ASP B 114 -32.75 9.56 15.02
C ASP B 114 -31.48 9.09 15.73
N LEU B 115 -30.72 10.04 16.28
CA LEU B 115 -29.44 9.79 16.94
C LEU B 115 -29.57 9.94 18.46
N ARG B 116 -30.81 9.93 18.97
CA ARG B 116 -31.11 10.27 20.37
C ARG B 116 -30.60 9.18 21.32
N ASN B 117 -30.57 7.93 20.84
CA ASN B 117 -30.25 6.76 21.69
C ASN B 117 -28.80 6.29 21.46
N VAL B 118 -28.01 7.06 20.70
CA VAL B 118 -26.63 6.69 20.39
C VAL B 118 -25.79 6.82 21.67
N THR B 119 -25.02 5.77 22.00
CA THR B 119 -24.24 5.68 23.24
C THR B 119 -23.00 4.83 22.99
N PRO B 120 -21.82 5.24 23.50
CA PRO B 120 -20.60 4.42 23.40
C PRO B 120 -20.54 3.33 24.47
N PRO B 121 -19.67 2.31 24.31
CA PRO B 121 -19.61 1.20 25.26
C PRO B 121 -18.75 1.44 26.49
N LYS B 122 -19.02 0.69 27.56
CA LYS B 122 -18.14 0.54 28.72
C LYS B 122 -17.41 -0.81 28.59
N VAL B 123 -16.07 -0.77 28.57
CA VAL B 123 -15.25 -1.95 28.33
C VAL B 123 -14.65 -2.41 29.65
N SER B 124 -14.82 -3.71 29.95
CA SER B 124 -14.19 -4.38 31.08
C SER B 124 -13.36 -5.56 30.59
N LEU B 125 -12.15 -5.72 31.17
CA LEU B 125 -11.26 -6.85 30.88
C LEU B 125 -11.22 -7.76 32.11
N PHE B 126 -11.63 -9.02 31.92
CA PHE B 126 -11.67 -10.01 32.98
C PHE B 126 -10.44 -10.92 32.88
N GLU B 127 -9.73 -11.06 34.01
CA GLU B 127 -8.47 -11.81 34.09
C GLU B 127 -8.77 -13.30 34.23
N PRO B 128 -7.87 -14.19 33.77
CA PRO B 128 -8.10 -15.64 33.82
C PRO B 128 -8.05 -16.19 35.25
N SER B 129 -8.72 -17.32 35.46
CA SER B 129 -8.81 -17.99 36.76
C SER B 129 -7.55 -18.82 37.01
N LYS B 130 -7.22 -19.00 38.29
CA LYS B 130 -6.10 -19.85 38.73
C LYS B 130 -6.46 -21.33 38.52
N ALA B 131 -7.77 -21.63 38.57
CA ALA B 131 -8.29 -22.98 38.33
C ALA B 131 -7.98 -23.42 36.90
N GLU B 132 -8.22 -22.53 35.93
CA GLU B 132 -8.01 -22.81 34.51
C GLU B 132 -6.52 -23.08 34.23
N ILE B 133 -5.66 -22.23 34.81
CA ILE B 133 -4.21 -22.28 34.59
C ILE B 133 -3.65 -23.61 35.12
N SER B 134 -4.13 -24.04 36.29
CA SER B 134 -3.67 -25.27 36.94
C SER B 134 -4.18 -26.51 36.19
N HIS B 135 -5.39 -26.41 35.63
CA HIS B 135 -6.09 -27.55 35.02
C HIS B 135 -5.63 -27.76 33.57
N THR B 136 -5.68 -26.68 32.77
CA THR B 136 -5.47 -26.75 31.31
C THR B 136 -4.08 -26.23 30.91
N GLN B 137 -3.39 -25.54 31.82
CA GLN B 137 -2.15 -24.82 31.53
C GLN B 137 -2.39 -23.83 30.38
N LYS B 138 -3.51 -23.10 30.48
CA LYS B 138 -3.91 -22.09 29.51
C LYS B 138 -4.66 -20.97 30.25
N ALA B 139 -4.54 -19.74 29.74
CA ALA B 139 -5.11 -18.55 30.36
C ALA B 139 -6.03 -17.84 29.36
N THR B 140 -7.33 -17.77 29.71
CA THR B 140 -8.36 -17.14 28.87
C THR B 140 -8.74 -15.78 29.48
N LEU B 141 -8.44 -14.71 28.75
CA LEU B 141 -8.91 -13.36 29.07
C LEU B 141 -10.26 -13.14 28.36
N VAL B 142 -11.17 -12.45 29.04
CA VAL B 142 -12.50 -12.15 28.50
C VAL B 142 -12.70 -10.63 28.53
N CYS B 143 -13.11 -10.09 27.37
CA CYS B 143 -13.45 -8.68 27.19
C CYS B 143 -14.97 -8.55 27.08
N LEU B 144 -15.50 -7.39 27.50
CA LEU B 144 -16.94 -7.19 27.60
C LEU B 144 -17.30 -5.72 27.34
N ALA B 145 -17.76 -5.44 26.11
CA ALA B 145 -18.35 -4.16 25.74
C ALA B 145 -19.85 -4.22 26.02
N THR B 146 -20.38 -3.21 26.72
CA THR B 146 -21.77 -3.22 27.19
C THR B 146 -22.36 -1.80 27.10
N GLY B 147 -23.67 -1.75 26.80
CA GLY B 147 -24.48 -0.54 26.88
C GLY B 147 -24.18 0.45 25.76
N PHE B 148 -24.07 -0.06 24.52
CA PHE B 148 -23.73 0.75 23.36
C PHE B 148 -24.80 0.61 22.27
N TYR B 149 -24.97 1.68 21.49
CA TYR B 149 -25.93 1.76 20.39
C TYR B 149 -25.45 2.81 19.39
N PRO B 150 -25.49 2.51 18.08
CA PRO B 150 -25.90 1.24 17.51
C PRO B 150 -24.78 0.17 17.60
N ASP B 151 -24.96 -0.95 16.88
CA ASP B 151 -24.13 -2.16 17.04
C ASP B 151 -22.91 -2.13 16.10
N HIS B 152 -22.46 -0.93 15.69
CA HIS B 152 -21.32 -0.77 14.80
C HIS B 152 -20.04 -0.58 15.63
N VAL B 153 -19.43 -1.71 16.03
CA VAL B 153 -18.22 -1.73 16.85
C VAL B 153 -17.24 -2.75 16.25
N GLU B 154 -15.94 -2.45 16.36
CA GLU B 154 -14.85 -3.35 15.97
C GLU B 154 -13.99 -3.63 17.21
N LEU B 155 -14.18 -4.83 17.79
CA LEU B 155 -13.42 -5.27 18.96
C LEU B 155 -12.15 -5.97 18.48
N SER B 156 -11.01 -5.63 19.12
CA SER B 156 -9.70 -6.17 18.75
C SER B 156 -8.81 -6.28 20.00
N TRP B 157 -7.88 -7.23 19.98
CA TRP B 157 -6.94 -7.51 21.06
C TRP B 157 -5.54 -7.03 20.66
N TRP B 158 -4.84 -6.41 21.61
CA TRP B 158 -3.49 -5.87 21.42
C TRP B 158 -2.58 -6.33 22.55
N VAL B 159 -1.50 -7.05 22.19
CA VAL B 159 -0.49 -7.51 23.14
C VAL B 159 0.83 -6.79 22.83
N ASN B 160 1.32 -6.02 23.81
CA ASN B 160 2.54 -5.23 23.70
C ASN B 160 2.44 -4.30 22.47
N GLY B 161 1.29 -3.60 22.37
CA GLY B 161 1.04 -2.61 21.33
C GLY B 161 1.09 -3.20 19.92
N LYS B 162 0.68 -4.47 19.80
CA LYS B 162 0.62 -5.16 18.51
C LYS B 162 -0.59 -6.10 18.52
N GLU B 163 -1.39 -6.02 17.45
CA GLU B 163 -2.67 -6.71 17.33
C GLU B 163 -2.44 -8.21 17.18
N VAL B 164 -3.18 -9.00 17.97
CA VAL B 164 -3.10 -10.48 17.94
C VAL B 164 -4.41 -11.02 17.36
N HIS B 165 -4.28 -12.04 16.50
CA HIS B 165 -5.41 -12.71 15.85
C HIS B 165 -5.51 -14.16 16.33
N SER B 166 -4.36 -14.84 16.44
CA SER B 166 -4.29 -16.22 16.92
C SER B 166 -4.84 -16.30 18.36
N GLY B 167 -5.71 -17.29 18.59
CA GLY B 167 -6.30 -17.57 19.90
C GLY B 167 -7.34 -16.55 20.30
N VAL B 168 -8.01 -15.94 19.31
CA VAL B 168 -9.04 -14.94 19.54
C VAL B 168 -10.39 -15.47 19.04
N CYS B 169 -11.45 -15.16 19.81
CA CYS B 169 -12.83 -15.48 19.46
C CYS B 169 -13.73 -14.30 19.88
N THR B 170 -14.48 -13.77 18.90
CA THR B 170 -15.44 -12.69 19.13
C THR B 170 -16.82 -13.18 18.71
N ASP B 171 -17.86 -12.67 19.39
CA ASP B 171 -19.24 -13.03 19.12
C ASP B 171 -19.62 -12.53 17.73
N PRO B 172 -20.21 -13.37 16.85
CA PRO B 172 -20.54 -12.96 15.49
C PRO B 172 -21.54 -11.78 15.44
N GLN B 173 -22.49 -11.77 16.38
CA GLN B 173 -23.54 -10.76 16.46
C GLN B 173 -23.72 -10.34 17.92
N PRO B 174 -23.75 -9.03 18.24
CA PRO B 174 -24.02 -8.56 19.61
C PRO B 174 -25.45 -8.89 20.07
N LEU B 175 -25.58 -9.31 21.33
CA LEU B 175 -26.88 -9.59 21.97
C LEU B 175 -27.44 -8.29 22.57
N LYS B 176 -28.76 -8.22 22.69
CA LYS B 176 -29.47 -7.05 23.21
C LYS B 176 -29.62 -7.16 24.73
N GLU B 177 -29.48 -6.01 25.41
CA GLU B 177 -29.56 -5.93 26.87
C GLU B 177 -31.03 -5.94 27.31
N GLN B 178 -31.87 -5.20 26.58
CA GLN B 178 -33.31 -5.11 26.83
C GLN B 178 -34.06 -5.49 25.55
N PRO B 179 -34.19 -6.81 25.24
CA PRO B 179 -34.89 -7.25 24.03
C PRO B 179 -36.33 -6.69 23.88
N ALA B 180 -36.99 -6.44 25.01
CA ALA B 180 -38.36 -5.91 25.05
C ALA B 180 -38.42 -4.52 24.38
N LEU B 181 -37.55 -3.61 24.84
CA LEU B 181 -37.50 -2.22 24.36
C LEU B 181 -37.06 -2.19 22.89
N ASN B 182 -37.48 -1.14 22.19
CA ASN B 182 -37.27 -0.99 20.74
C ASN B 182 -35.79 -0.66 20.48
N ASP B 183 -35.37 0.56 20.86
CA ASP B 183 -34.00 1.03 20.68
C ASP B 183 -33.15 0.59 21.87
N SER B 184 -32.86 -0.72 21.92
CA SER B 184 -32.14 -1.34 23.01
C SER B 184 -30.63 -1.21 22.78
N ARG B 185 -29.89 -1.04 23.89
CA ARG B 185 -28.43 -1.01 23.87
C ARG B 185 -27.92 -2.46 23.79
N TYR B 186 -26.76 -2.62 23.15
CA TYR B 186 -26.19 -3.93 22.85
C TYR B 186 -25.05 -4.25 23.82
N SER B 187 -24.62 -5.52 23.80
CA SER B 187 -23.44 -6.01 24.52
C SER B 187 -22.68 -7.00 23.63
N LEU B 188 -21.35 -7.02 23.79
CA LEU B 188 -20.46 -7.85 22.99
C LEU B 188 -19.32 -8.38 23.85
N SER B 189 -19.09 -9.69 23.81
CA SER B 189 -18.00 -10.35 24.51
C SER B 189 -16.96 -10.86 23.49
N SER B 190 -15.71 -10.97 23.94
CA SER B 190 -14.62 -11.53 23.15
C SER B 190 -13.63 -12.21 24.09
N ARG B 191 -12.90 -13.20 23.56
CA ARG B 191 -12.02 -14.08 24.33
C ARG B 191 -10.64 -14.12 23.67
N LEU B 192 -9.59 -14.10 24.51
CA LEU B 192 -8.20 -14.28 24.09
C LEU B 192 -7.56 -15.36 24.97
N ARG B 193 -7.25 -16.51 24.36
CA ARG B 193 -6.63 -17.64 25.05
C ARG B 193 -5.13 -17.66 24.71
N VAL B 194 -4.29 -17.73 25.75
CA VAL B 194 -2.84 -17.81 25.63
C VAL B 194 -2.33 -18.90 26.59
N SER B 195 -1.06 -19.27 26.45
CA SER B 195 -0.40 -20.22 27.35
C SER B 195 -0.19 -19.56 28.71
N ALA B 196 -0.15 -20.39 29.76
CA ALA B 196 -0.05 -19.93 31.14
C ALA B 196 1.22 -19.11 31.36
N THR B 197 2.34 -19.60 30.82
CA THR B 197 3.66 -18.98 30.98
C THR B 197 3.68 -17.59 30.35
N PHE B 198 2.92 -17.40 29.27
CA PHE B 198 2.81 -16.11 28.56
C PHE B 198 2.03 -15.11 29.40
N TRP B 199 0.95 -15.57 30.06
CA TRP B 199 0.14 -14.76 30.96
C TRP B 199 0.92 -14.46 32.25
N GLN B 200 1.68 -15.45 32.73
CA GLN B 200 2.42 -15.36 34.00
C GLN B 200 3.60 -14.39 33.87
N ASN B 201 4.07 -14.18 32.64
CA ASN B 201 5.14 -13.22 32.32
C ASN B 201 4.64 -11.80 32.58
N PRO B 202 5.18 -11.07 33.58
CA PRO B 202 4.67 -9.75 33.93
C PRO B 202 5.14 -8.57 33.05
N ARG B 203 5.84 -8.87 31.95
CA ARG B 203 6.30 -7.85 31.00
C ARG B 203 5.42 -7.87 29.73
N ASN B 204 4.34 -8.67 29.76
CA ASN B 204 3.36 -8.71 28.67
C ASN B 204 2.15 -7.84 29.06
N HIS B 205 1.85 -6.85 28.23
CA HIS B 205 0.74 -5.91 28.44
C HIS B 205 -0.43 -6.29 27.51
N PHE B 206 -1.52 -6.80 28.11
CA PHE B 206 -2.72 -7.20 27.39
C PHE B 206 -3.73 -6.04 27.41
N ARG B 207 -4.38 -5.81 26.26
CA ARG B 207 -5.36 -4.73 26.11
C ARG B 207 -6.42 -5.14 25.09
N CYS B 208 -7.70 -5.03 25.51
CA CYS B 208 -8.86 -5.15 24.64
C CYS B 208 -9.36 -3.75 24.28
N GLN B 209 -9.50 -3.50 22.98
CA GLN B 209 -9.92 -2.20 22.44
C GLN B 209 -11.20 -2.37 21.63
N VAL B 210 -12.13 -1.43 21.79
CA VAL B 210 -13.38 -1.37 21.04
C VAL B 210 -13.41 -0.04 20.26
N GLN B 211 -13.45 -0.14 18.92
CA GLN B 211 -13.60 1.01 18.03
C GLN B 211 -15.09 1.26 17.80
N PHE B 212 -15.67 2.17 18.58
CA PHE B 212 -17.08 2.53 18.48
C PHE B 212 -17.24 3.62 17.41
N TYR B 213 -18.25 3.46 16.55
CA TYR B 213 -18.62 4.42 15.51
C TYR B 213 -19.97 5.04 15.87
N GLY B 214 -19.99 6.38 16.00
CA GLY B 214 -21.18 7.13 16.38
C GLY B 214 -21.27 8.44 15.63
N LEU B 215 -21.42 9.54 16.39
CA LEU B 215 -21.59 10.88 15.83
C LEU B 215 -20.22 11.45 15.42
N SER B 216 -20.26 12.57 14.69
CA SER B 216 -19.08 13.33 14.28
C SER B 216 -19.14 14.72 14.92
N GLU B 217 -18.16 15.57 14.57
CA GLU B 217 -18.08 16.94 15.07
C GLU B 217 -19.25 17.78 14.53
N ASN B 218 -19.70 17.48 13.31
CA ASN B 218 -20.68 18.28 12.58
C ASN B 218 -22.09 18.04 13.13
N ASP B 219 -22.36 16.82 13.61
CA ASP B 219 -23.67 16.44 14.14
C ASP B 219 -24.00 17.29 15.37
N GLU B 220 -25.22 17.83 15.40
CA GLU B 220 -25.71 18.65 16.49
C GLU B 220 -26.20 17.74 17.63
N TRP B 221 -26.08 18.23 18.87
CA TRP B 221 -26.40 17.47 20.08
C TRP B 221 -27.21 18.36 21.03
N THR B 222 -28.44 17.91 21.36
CA THR B 222 -29.39 18.68 22.17
C THR B 222 -29.41 18.17 23.62
N GLN B 223 -29.02 16.91 23.83
CA GLN B 223 -29.07 16.27 25.16
C GLN B 223 -27.94 16.81 26.04
N ASP B 224 -28.06 16.55 27.35
CA ASP B 224 -27.19 17.13 28.38
C ASP B 224 -25.98 16.23 28.65
N ARG B 225 -26.09 14.94 28.31
CA ARG B 225 -24.98 13.97 28.51
C ARG B 225 -23.88 14.23 27.48
N ALA B 226 -22.75 13.52 27.65
CA ALA B 226 -21.59 13.65 26.77
C ALA B 226 -21.96 13.22 25.34
N LYS B 227 -21.36 13.89 24.35
CA LYS B 227 -21.66 13.68 22.94
C LYS B 227 -21.11 12.32 22.51
N PRO B 228 -21.96 11.38 22.07
CA PRO B 228 -21.52 10.01 21.75
C PRO B 228 -20.85 9.91 20.38
N VAL B 229 -19.60 10.39 20.30
CA VAL B 229 -18.87 10.52 19.05
C VAL B 229 -18.11 9.21 18.77
N THR B 230 -17.68 9.05 17.52
CA THR B 230 -16.79 7.98 17.09
C THR B 230 -15.50 8.03 17.92
N GLN B 231 -15.30 7.03 18.79
CA GLN B 231 -14.21 7.02 19.75
C GLN B 231 -13.73 5.59 20.00
N ILE B 232 -12.65 5.48 20.78
CA ILE B 232 -12.12 4.20 21.24
C ILE B 232 -12.33 4.11 22.75
N VAL B 233 -12.72 2.92 23.22
CA VAL B 233 -12.77 2.57 24.63
C VAL B 233 -12.03 1.23 24.79
N SER B 234 -11.24 1.11 25.86
CA SER B 234 -10.39 -0.04 26.08
C SER B 234 -10.19 -0.31 27.57
N ALA B 235 -9.73 -1.54 27.86
CA ALA B 235 -9.34 -1.98 29.19
C ALA B 235 -8.02 -2.75 29.07
N GLU B 236 -7.17 -2.65 30.09
CA GLU B 236 -5.80 -3.17 30.05
C GLU B 236 -5.50 -3.96 31.34
N ALA B 237 -4.49 -4.83 31.23
CA ALA B 237 -4.00 -5.63 32.35
C ALA B 237 -2.62 -6.20 32.02
N TRP B 238 -1.72 -6.19 33.01
CA TRP B 238 -0.38 -6.78 32.90
C TRP B 238 -0.44 -8.24 33.33
N GLY B 239 0.61 -9.00 33.00
CA GLY B 239 0.80 -10.36 33.46
C GLY B 239 1.21 -10.40 34.92
N ARG B 240 1.07 -11.57 35.55
CA ARG B 240 1.39 -11.75 36.97
C ARG B 240 1.55 -13.25 37.27
N ALA B 241 2.60 -13.57 38.04
CA ALA B 241 2.92 -14.94 38.44
C ALA B 241 2.49 -15.16 39.89
N LYS C 6 -14.22 -14.34 -62.98
CA LYS C 6 -13.92 -15.59 -62.23
C LYS C 6 -13.64 -15.28 -60.75
N ASN C 7 -12.99 -14.14 -60.47
CA ASN C 7 -12.64 -13.72 -59.11
C ASN C 7 -13.85 -13.03 -58.47
N TYR C 8 -14.59 -13.78 -57.65
CA TYR C 8 -15.78 -13.28 -56.96
C TYR C 8 -15.39 -12.71 -55.59
N THR C 9 -15.95 -11.55 -55.26
CA THR C 9 -15.74 -10.86 -53.99
C THR C 9 -17.00 -11.02 -53.12
N PHE C 10 -16.79 -11.48 -51.89
CA PHE C 10 -17.85 -11.64 -50.89
C PHE C 10 -17.78 -10.45 -49.91
N ARG C 11 -18.94 -9.81 -49.67
CA ARG C 11 -19.03 -8.61 -48.83
C ARG C 11 -20.18 -8.76 -47.84
N CYS C 12 -19.90 -8.45 -46.57
CA CYS C 12 -20.89 -8.41 -45.48
C CYS C 12 -20.98 -6.98 -44.95
N LEU C 13 -21.91 -6.21 -45.53
CA LEU C 13 -22.05 -4.78 -45.24
C LEU C 13 -23.01 -4.60 -44.06
N GLN C 14 -22.53 -3.90 -43.01
CA GLN C 14 -23.32 -3.55 -41.83
C GLN C 14 -23.43 -2.03 -41.73
N MET C 15 -24.62 -1.55 -41.34
CA MET C 15 -24.92 -0.12 -41.18
C MET C 15 -25.58 0.07 -39.81
N SER C 16 -24.94 0.87 -38.95
CA SER C 16 -25.40 1.10 -37.58
C SER C 16 -25.55 2.60 -37.33
N SER C 17 -26.77 3.01 -36.94
CA SER C 17 -27.11 4.40 -36.63
C SER C 17 -27.35 4.52 -35.12
N PHE C 18 -26.73 5.55 -34.51
CA PHE C 18 -26.91 5.89 -33.11
C PHE C 18 -27.31 7.37 -33.01
N ALA C 19 -28.60 7.63 -32.71
CA ALA C 19 -29.17 8.98 -32.68
C ALA C 19 -28.93 9.63 -31.32
N ASN C 20 -29.08 8.84 -30.24
CA ASN C 20 -28.86 9.30 -28.87
C ASN C 20 -28.50 8.07 -28.01
N ARG C 21 -28.37 8.27 -26.70
CA ARG C 21 -28.01 7.23 -25.73
C ARG C 21 -28.87 5.98 -25.95
N SER C 22 -30.20 6.16 -26.03
CA SER C 22 -31.16 5.07 -26.06
C SER C 22 -31.32 4.52 -27.48
N TRP C 23 -31.81 5.35 -28.39
CA TRP C 23 -32.26 4.95 -29.73
C TRP C 23 -31.06 4.55 -30.60
N SER C 24 -31.17 3.37 -31.24
CA SER C 24 -30.18 2.89 -32.22
C SER C 24 -30.79 1.73 -33.02
N ARG C 25 -30.33 1.58 -34.27
CA ARG C 25 -30.72 0.46 -35.14
C ARG C 25 -29.52 0.03 -35.98
N THR C 26 -29.45 -1.28 -36.26
CA THR C 26 -28.39 -1.89 -37.04
C THR C 26 -29.02 -2.76 -38.15
N ASP C 27 -28.59 -2.53 -39.40
CA ASP C 27 -29.08 -3.23 -40.57
C ASP C 27 -27.89 -3.78 -41.36
N SER C 28 -28.07 -4.96 -41.98
CA SER C 28 -27.01 -5.64 -42.71
C SER C 28 -27.53 -6.21 -44.04
N VAL C 29 -26.61 -6.32 -45.00
CA VAL C 29 -26.83 -7.01 -46.28
C VAL C 29 -25.55 -7.77 -46.64
N VAL C 30 -25.66 -8.75 -47.54
CA VAL C 30 -24.53 -9.55 -47.98
C VAL C 30 -24.60 -9.70 -49.51
N TRP C 31 -23.44 -9.52 -50.16
CA TRP C 31 -23.30 -9.58 -51.61
C TRP C 31 -22.23 -10.60 -52.00
N LEU C 32 -22.56 -11.47 -52.96
CA LEU C 32 -21.59 -12.32 -53.64
C LEU C 32 -21.49 -11.85 -55.10
N GLY C 33 -20.47 -11.03 -55.38
CA GLY C 33 -20.34 -10.34 -56.65
C GLY C 33 -21.26 -9.14 -56.72
N ASP C 34 -22.39 -9.29 -57.42
CA ASP C 34 -23.42 -8.26 -57.54
C ASP C 34 -24.81 -8.87 -57.32
N LEU C 35 -24.87 -9.92 -56.48
CA LEU C 35 -26.10 -10.61 -56.13
C LEU C 35 -26.23 -10.61 -54.60
N GLN C 36 -27.37 -10.12 -54.10
CA GLN C 36 -27.65 -10.11 -52.66
C GLN C 36 -27.99 -11.55 -52.22
N THR C 37 -27.24 -12.06 -51.24
CA THR C 37 -27.39 -13.43 -50.74
C THR C 37 -28.16 -13.44 -49.42
N HIS C 38 -27.94 -12.43 -48.57
CA HIS C 38 -28.58 -12.35 -47.24
C HIS C 38 -29.11 -10.94 -46.98
N ARG C 39 -30.10 -10.88 -46.08
CA ARG C 39 -30.64 -9.64 -45.51
C ARG C 39 -30.82 -9.86 -44.00
N TRP C 40 -30.61 -8.80 -43.22
CA TRP C 40 -30.84 -8.86 -41.77
C TRP C 40 -31.26 -7.47 -41.25
N SER C 41 -32.59 -7.27 -41.15
CA SER C 41 -33.20 -6.06 -40.63
C SER C 41 -33.06 -6.02 -39.11
N ASN C 42 -33.16 -4.80 -38.54
CA ASN C 42 -33.14 -4.61 -37.09
C ASN C 42 -34.39 -5.26 -36.47
N ASP C 43 -35.50 -5.21 -37.21
CA ASP C 43 -36.79 -5.77 -36.79
C ASP C 43 -36.65 -7.29 -36.60
N SER C 44 -36.04 -7.95 -37.59
CA SER C 44 -35.90 -9.41 -37.63
C SER C 44 -34.88 -9.88 -36.59
N ALA C 45 -35.17 -11.02 -35.97
CA ALA C 45 -34.31 -11.65 -34.97
C ALA C 45 -33.33 -12.64 -35.62
N THR C 46 -33.62 -13.01 -36.88
CA THR C 46 -32.84 -13.99 -37.63
C THR C 46 -32.45 -13.40 -38.99
N ILE C 47 -31.40 -14.00 -39.60
CA ILE C 47 -30.89 -13.57 -40.89
C ILE C 47 -31.77 -14.19 -41.99
N SER C 48 -32.22 -13.34 -42.93
CA SER C 48 -33.10 -13.73 -44.03
C SER C 48 -32.26 -14.12 -45.25
N PHE C 49 -32.59 -15.27 -45.86
CA PHE C 49 -32.07 -15.66 -47.16
C PHE C 49 -32.84 -14.94 -48.26
N THR C 50 -32.11 -14.37 -49.23
CA THR C 50 -32.70 -13.72 -50.40
C THR C 50 -32.59 -14.64 -51.64
N LYS C 51 -31.77 -15.69 -51.52
CA LYS C 51 -31.61 -16.70 -52.57
C LYS C 51 -31.88 -18.09 -52.00
N PRO C 52 -32.21 -19.09 -52.85
CA PRO C 52 -32.40 -20.47 -52.38
C PRO C 52 -31.11 -21.18 -51.92
N TRP C 53 -29.95 -20.65 -52.32
CA TRP C 53 -28.64 -21.27 -52.07
C TRP C 53 -27.81 -20.46 -51.08
N SER C 54 -28.49 -19.63 -50.27
CA SER C 54 -27.85 -18.67 -49.38
C SER C 54 -27.16 -19.38 -48.20
N GLN C 55 -27.70 -20.54 -47.81
CA GLN C 55 -27.12 -21.36 -46.73
C GLN C 55 -25.81 -22.01 -47.22
N GLY C 56 -25.69 -22.19 -48.53
CA GLY C 56 -24.47 -22.72 -49.16
C GLY C 56 -24.36 -24.21 -48.97
N LYS C 57 -23.17 -24.67 -48.54
CA LYS C 57 -22.89 -26.09 -48.27
C LYS C 57 -22.72 -26.30 -46.76
N LEU C 58 -23.40 -25.48 -45.96
CA LEU C 58 -23.45 -25.63 -44.50
C LEU C 58 -24.70 -26.42 -44.13
N SER C 59 -24.54 -27.34 -43.17
CA SER C 59 -25.66 -28.07 -42.58
C SER C 59 -26.50 -27.11 -41.74
N ASN C 60 -27.70 -27.56 -41.36
CA ASN C 60 -28.66 -26.74 -40.61
C ASN C 60 -28.08 -26.42 -39.22
N GLN C 61 -27.37 -27.39 -38.62
CA GLN C 61 -26.76 -27.22 -37.30
C GLN C 61 -25.60 -26.21 -37.37
N GLN C 62 -24.80 -26.30 -38.46
CA GLN C 62 -23.66 -25.41 -38.68
C GLN C 62 -24.13 -23.97 -38.83
N TRP C 63 -25.27 -23.77 -39.49
CA TRP C 63 -25.84 -22.45 -39.73
C TRP C 63 -26.37 -21.84 -38.42
N GLU C 64 -26.98 -22.68 -37.58
CA GLU C 64 -27.56 -22.24 -36.30
C GLU C 64 -26.46 -21.71 -35.37
N LYS C 65 -25.36 -22.46 -35.27
CA LYS C 65 -24.19 -22.07 -34.48
C LYS C 65 -23.65 -20.72 -34.98
N LEU C 66 -23.64 -20.55 -36.31
CA LEU C 66 -23.09 -19.36 -36.96
C LEU C 66 -24.04 -18.17 -36.79
N GLN C 67 -25.36 -18.42 -36.92
CA GLN C 67 -26.38 -17.38 -36.79
C GLN C 67 -26.40 -16.85 -35.35
N HIS C 68 -26.37 -17.76 -34.37
CA HIS C 68 -26.37 -17.42 -32.95
C HIS C 68 -25.15 -16.54 -32.62
N MET C 69 -24.01 -16.86 -33.23
CA MET C 69 -22.77 -16.11 -33.07
C MET C 69 -23.01 -14.63 -33.44
N PHE C 70 -23.69 -14.41 -34.57
CA PHE C 70 -24.00 -13.07 -35.06
C PHE C 70 -25.06 -12.39 -34.19
N GLN C 71 -26.07 -13.16 -33.78
CA GLN C 71 -27.17 -12.67 -32.93
C GLN C 71 -26.61 -12.06 -31.64
N VAL C 72 -25.60 -12.74 -31.06
CA VAL C 72 -24.92 -12.28 -29.85
C VAL C 72 -24.12 -11.01 -30.18
N TYR C 73 -23.41 -11.04 -31.31
CA TYR C 73 -22.55 -9.93 -31.74
C TYR C 73 -23.35 -8.63 -31.87
N ARG C 74 -24.52 -8.71 -32.52
CA ARG C 74 -25.33 -7.52 -32.82
C ARG C 74 -25.75 -6.81 -31.53
N VAL C 75 -26.12 -7.60 -30.51
CA VAL C 75 -26.52 -7.07 -29.20
C VAL C 75 -25.29 -6.46 -28.50
N SER C 76 -24.18 -7.18 -28.55
CA SER C 76 -22.94 -6.79 -27.87
C SER C 76 -22.31 -5.56 -28.54
N PHE C 77 -22.37 -5.52 -29.88
CA PHE C 77 -21.87 -4.41 -30.68
C PHE C 77 -22.55 -3.10 -30.27
N THR C 78 -23.89 -3.14 -30.13
CA THR C 78 -24.70 -1.98 -29.81
C THR C 78 -24.26 -1.40 -28.45
N ARG C 79 -24.13 -2.27 -27.44
CA ARG C 79 -23.81 -1.86 -26.07
C ARG C 79 -22.36 -1.35 -26.00
N ASP C 80 -21.45 -2.04 -26.70
CA ASP C 80 -20.02 -1.70 -26.72
C ASP C 80 -19.84 -0.26 -27.23
N ILE C 81 -20.44 0.04 -28.39
CA ILE C 81 -20.37 1.36 -29.01
C ILE C 81 -20.90 2.43 -28.04
N GLN C 82 -22.06 2.13 -27.43
CA GLN C 82 -22.70 3.03 -26.46
C GLN C 82 -21.76 3.33 -25.30
N GLU C 83 -21.03 2.30 -24.83
CA GLU C 83 -20.10 2.42 -23.71
C GLU C 83 -18.81 3.13 -24.16
N LEU C 84 -18.39 2.89 -25.40
CA LEU C 84 -17.20 3.54 -25.97
C LEU C 84 -17.43 5.05 -26.12
N VAL C 85 -18.69 5.45 -26.38
CA VAL C 85 -19.06 6.86 -26.50
C VAL C 85 -18.96 7.53 -25.12
N LYS C 86 -19.42 6.83 -24.07
CA LYS C 86 -19.33 7.31 -22.68
C LYS C 86 -17.86 7.49 -22.28
N MET C 87 -17.01 6.57 -22.77
CA MET C 87 -15.59 6.52 -22.42
C MET C 87 -14.85 7.74 -23.01
N MET C 88 -15.15 8.08 -24.26
CA MET C 88 -14.50 9.18 -24.98
C MET C 88 -15.10 10.53 -24.55
N SER C 89 -16.42 10.54 -24.28
CA SER C 89 -17.19 11.74 -23.95
C SER C 89 -16.40 12.65 -23.01
N PRO C 90 -16.43 13.98 -23.24
CA PRO C 90 -17.25 14.63 -24.27
C PRO C 90 -16.54 14.86 -25.62
N LYS C 91 -15.53 14.04 -25.91
CA LYS C 91 -14.73 14.15 -27.14
C LYS C 91 -15.64 13.95 -28.37
N GLU C 92 -16.38 12.83 -28.37
CA GLU C 92 -17.33 12.51 -29.44
C GLU C 92 -18.72 12.30 -28.82
N ASP C 93 -19.76 12.56 -29.62
CA ASP C 93 -21.15 12.56 -29.18
C ASP C 93 -22.06 12.16 -30.34
N TYR C 94 -23.27 11.71 -30.01
CA TYR C 94 -24.31 11.35 -30.99
C TYR C 94 -24.73 12.61 -31.74
N PRO C 95 -25.20 12.47 -32.99
CA PRO C 95 -25.42 11.20 -33.66
C PRO C 95 -24.14 10.59 -34.25
N ILE C 96 -24.12 9.26 -34.34
CA ILE C 96 -22.97 8.48 -34.83
C ILE C 96 -23.48 7.44 -35.83
N GLU C 97 -22.70 7.26 -36.90
CA GLU C 97 -22.96 6.26 -37.94
C GLU C 97 -21.69 5.41 -38.12
N ILE C 98 -21.80 4.11 -37.78
CA ILE C 98 -20.70 3.16 -37.95
C ILE C 98 -21.07 2.19 -39.08
N GLN C 99 -20.07 1.84 -39.89
CA GLN C 99 -20.22 0.93 -41.03
C GLN C 99 -19.09 -0.11 -40.97
N LEU C 100 -19.45 -1.39 -41.15
CA LEU C 100 -18.49 -2.47 -41.29
C LEU C 100 -18.59 -3.06 -42.70
N SER C 101 -17.45 -3.47 -43.26
CA SER C 101 -17.37 -4.10 -44.57
C SER C 101 -16.43 -5.32 -44.49
N ALA C 102 -16.96 -6.41 -43.93
CA ALA C 102 -16.24 -7.67 -43.80
C ALA C 102 -16.50 -8.54 -45.04
N GLY C 103 -15.63 -9.52 -45.27
CA GLY C 103 -15.74 -10.44 -46.40
C GLY C 103 -14.40 -11.02 -46.79
N CYS C 104 -14.37 -11.70 -47.94
CA CYS C 104 -13.16 -12.35 -48.44
C CYS C 104 -13.23 -12.54 -49.96
N GLU C 105 -12.23 -12.01 -50.67
CA GLU C 105 -12.06 -12.18 -52.11
C GLU C 105 -11.61 -13.61 -52.40
N MET C 106 -12.20 -14.23 -53.44
CA MET C 106 -11.89 -15.61 -53.82
C MET C 106 -11.05 -15.61 -55.09
N TYR C 107 -9.87 -16.23 -55.01
CA TYR C 107 -8.94 -16.40 -56.14
C TYR C 107 -8.90 -17.88 -56.53
N PRO C 108 -8.49 -18.23 -57.76
CA PRO C 108 -8.47 -19.63 -58.20
C PRO C 108 -7.50 -20.48 -57.38
N GLY C 109 -7.81 -21.79 -57.30
CA GLY C 109 -7.17 -22.71 -56.37
C GLY C 109 -7.81 -22.61 -55.00
N ASN C 110 -7.00 -22.81 -53.95
CA ASN C 110 -7.39 -22.53 -52.57
C ASN C 110 -6.64 -21.28 -52.10
N ALA C 111 -6.98 -20.13 -52.70
CA ALA C 111 -6.37 -18.85 -52.38
C ALA C 111 -7.45 -17.79 -52.18
N SER C 112 -7.30 -17.00 -51.11
CA SER C 112 -8.25 -15.93 -50.76
C SER C 112 -7.54 -14.86 -49.90
N GLU C 113 -8.25 -13.75 -49.70
CA GLU C 113 -7.81 -12.65 -48.85
C GLU C 113 -9.03 -12.08 -48.10
N SER C 114 -9.12 -12.41 -46.80
CA SER C 114 -10.18 -11.93 -45.94
C SER C 114 -9.87 -10.50 -45.47
N PHE C 115 -10.91 -9.74 -45.13
CA PHE C 115 -10.79 -8.35 -44.71
C PHE C 115 -11.97 -7.98 -43.81
N LEU C 116 -11.73 -6.98 -42.93
CA LEU C 116 -12.74 -6.44 -42.03
C LEU C 116 -12.44 -4.95 -41.82
N HIS C 117 -13.11 -4.10 -42.61
CA HIS C 117 -12.91 -2.65 -42.61
C HIS C 117 -14.05 -1.99 -41.83
N VAL C 118 -13.69 -1.05 -40.95
CA VAL C 118 -14.64 -0.33 -40.10
C VAL C 118 -14.54 1.16 -40.43
N ALA C 119 -15.69 1.80 -40.64
CA ALA C 119 -15.78 3.23 -40.94
C ALA C 119 -16.61 3.92 -39.85
N PHE C 120 -16.21 5.16 -39.53
CA PHE C 120 -16.83 5.97 -38.49
C PHE C 120 -17.16 7.34 -39.06
N GLN C 121 -18.47 7.63 -39.19
CA GLN C 121 -19.00 8.87 -39.79
C GLN C 121 -18.57 8.94 -41.26
N GLY C 122 -18.57 7.79 -41.95
CA GLY C 122 -18.29 7.69 -43.37
C GLY C 122 -16.81 7.79 -43.70
N LYS C 123 -15.95 7.53 -42.72
CA LYS C 123 -14.50 7.61 -42.88
C LYS C 123 -13.87 6.30 -42.36
N TYR C 124 -13.15 5.62 -43.26
CA TYR C 124 -12.46 4.36 -42.96
C TYR C 124 -11.32 4.64 -41.96
N VAL C 125 -11.46 4.10 -40.75
CA VAL C 125 -10.57 4.44 -39.61
C VAL C 125 -9.90 3.20 -39.04
N VAL C 126 -10.63 2.08 -38.93
CA VAL C 126 -10.16 0.89 -38.22
C VAL C 126 -10.32 -0.34 -39.12
N ARG C 127 -9.42 -1.32 -38.93
CA ARG C 127 -9.49 -2.62 -39.59
C ARG C 127 -8.99 -3.70 -38.62
N PHE C 128 -9.35 -4.96 -38.90
CA PHE C 128 -8.79 -6.12 -38.22
C PHE C 128 -7.69 -6.72 -39.11
N TRP C 129 -6.45 -6.67 -38.60
CA TRP C 129 -5.28 -7.15 -39.31
C TRP C 129 -4.46 -8.05 -38.38
N GLY C 130 -4.15 -9.26 -38.86
CA GLY C 130 -3.38 -10.24 -38.11
C GLY C 130 -4.21 -10.85 -36.99
N THR C 131 -3.97 -10.38 -35.76
CA THR C 131 -4.60 -10.92 -34.54
C THR C 131 -5.07 -9.79 -33.63
N SER C 132 -5.35 -8.62 -34.19
CA SER C 132 -5.72 -7.44 -33.40
C SER C 132 -6.35 -6.36 -34.29
N TRP C 133 -7.06 -5.44 -33.63
CA TRP C 133 -7.57 -4.22 -34.26
C TRP C 133 -6.45 -3.18 -34.31
N GLN C 134 -6.34 -2.49 -35.45
CA GLN C 134 -5.40 -1.38 -35.62
C GLN C 134 -6.08 -0.27 -36.43
N THR C 135 -5.60 0.97 -36.24
CA THR C 135 -6.06 2.11 -37.02
C THR C 135 -5.32 2.11 -38.37
N VAL C 136 -5.79 2.98 -39.28
CA VAL C 136 -5.18 3.17 -40.60
C VAL C 136 -4.77 4.63 -40.73
N PRO C 137 -3.84 4.97 -41.65
CA PRO C 137 -3.45 6.36 -41.89
C PRO C 137 -4.66 7.28 -42.13
N GLY C 138 -4.73 8.38 -41.38
CA GLY C 138 -5.83 9.35 -41.48
C GLY C 138 -6.74 9.32 -40.26
N ALA C 139 -6.67 8.24 -39.47
CA ALA C 139 -7.54 8.01 -38.32
C ALA C 139 -7.16 8.97 -37.19
N PRO C 140 -8.15 9.57 -36.49
CA PRO C 140 -7.88 10.36 -35.28
C PRO C 140 -7.13 9.54 -34.21
N SER C 141 -6.50 10.24 -33.27
CA SER C 141 -5.65 9.65 -32.24
C SER C 141 -6.48 9.14 -31.05
N TRP C 142 -7.69 9.67 -30.89
CA TRP C 142 -8.56 9.31 -29.76
C TRP C 142 -9.06 7.86 -29.88
N LEU C 143 -9.04 7.32 -31.10
CA LEU C 143 -9.44 5.94 -31.39
C LEU C 143 -8.49 4.93 -30.72
N ASP C 144 -7.28 5.38 -30.35
CA ASP C 144 -6.25 4.53 -29.75
C ASP C 144 -6.78 3.82 -28.50
N LEU C 145 -7.59 4.51 -27.69
CA LEU C 145 -8.13 3.94 -26.45
C LEU C 145 -9.18 2.88 -26.75
N PRO C 146 -10.24 3.17 -27.56
CA PRO C 146 -11.12 2.13 -28.08
C PRO C 146 -10.40 0.88 -28.62
N ILE C 147 -9.35 1.10 -29.42
CA ILE C 147 -8.56 0.02 -30.01
C ILE C 147 -7.88 -0.80 -28.90
N LYS C 148 -7.32 -0.10 -27.91
CA LYS C 148 -6.64 -0.73 -26.77
C LYS C 148 -7.62 -1.64 -26.01
N VAL C 149 -8.86 -1.16 -25.85
CA VAL C 149 -9.91 -1.87 -25.12
C VAL C 149 -10.32 -3.12 -25.92
N LEU C 150 -10.54 -2.96 -27.23
CA LEU C 150 -11.01 -4.03 -28.11
C LEU C 150 -9.95 -5.14 -28.23
N ASN C 151 -8.67 -4.75 -28.14
CA ASN C 151 -7.54 -5.68 -28.25
C ASN C 151 -7.33 -6.42 -26.93
N ALA C 152 -7.87 -5.89 -25.83
CA ALA C 152 -7.83 -6.54 -24.52
C ALA C 152 -8.72 -7.79 -24.53
N ASP C 153 -9.78 -7.76 -25.34
CA ASP C 153 -10.74 -8.86 -25.48
C ASP C 153 -10.11 -9.96 -26.36
N GLN C 154 -9.43 -10.91 -25.71
CA GLN C 154 -8.72 -11.99 -26.37
C GLN C 154 -9.72 -12.91 -27.10
N GLY C 155 -10.90 -13.11 -26.49
CA GLY C 155 -11.93 -13.99 -27.01
C GLY C 155 -12.50 -13.52 -28.34
N THR C 156 -12.75 -12.21 -28.46
CA THR C 156 -13.25 -11.60 -29.69
C THR C 156 -12.22 -11.77 -30.81
N SER C 157 -10.94 -11.56 -30.48
CA SER C 157 -9.85 -11.66 -31.44
C SER C 157 -9.81 -13.07 -32.07
N ALA C 158 -9.77 -14.09 -31.21
CA ALA C 158 -9.69 -15.49 -31.62
C ALA C 158 -10.88 -15.86 -32.52
N THR C 159 -12.08 -15.36 -32.16
CA THR C 159 -13.32 -15.63 -32.87
C THR C 159 -13.27 -15.01 -34.27
N VAL C 160 -12.83 -13.75 -34.35
CA VAL C 160 -12.75 -13.01 -35.62
C VAL C 160 -11.68 -13.64 -36.52
N GLN C 161 -10.56 -14.06 -35.92
CA GLN C 161 -9.47 -14.72 -36.64
C GLN C 161 -10.02 -15.97 -37.36
N MET C 162 -10.76 -16.81 -36.61
CA MET C 162 -11.36 -18.04 -37.13
C MET C 162 -12.37 -17.70 -38.24
N LEU C 163 -13.12 -16.61 -38.06
CA LEU C 163 -14.17 -16.19 -38.99
C LEU C 163 -13.56 -15.80 -40.34
N LEU C 164 -12.48 -15.01 -40.31
CA LEU C 164 -11.84 -14.49 -41.51
C LEU C 164 -10.99 -15.56 -42.17
N ASN C 165 -10.15 -16.25 -41.38
CA ASN C 165 -9.15 -17.20 -41.88
C ASN C 165 -9.83 -18.46 -42.43
N ASP C 166 -10.75 -19.03 -41.66
CA ASP C 166 -11.29 -20.38 -41.90
C ASP C 166 -12.70 -20.32 -42.51
N THR C 167 -13.62 -19.65 -41.82
CA THR C 167 -15.05 -19.76 -42.10
C THR C 167 -15.42 -19.07 -43.42
N CYS C 168 -14.95 -17.83 -43.62
CA CYS C 168 -15.30 -17.04 -44.82
C CYS C 168 -14.98 -17.82 -46.09
N PRO C 169 -13.72 -18.24 -46.34
CA PRO C 169 -13.38 -18.94 -47.58
C PRO C 169 -14.13 -20.27 -47.75
N LEU C 170 -14.27 -21.02 -46.66
CA LEU C 170 -15.00 -22.30 -46.66
C LEU C 170 -16.45 -22.07 -47.08
N PHE C 171 -17.09 -21.05 -46.50
CA PHE C 171 -18.51 -20.75 -46.70
C PHE C 171 -18.77 -20.32 -48.15
N VAL C 172 -17.90 -19.43 -48.67
CA VAL C 172 -18.08 -18.83 -49.99
C VAL C 172 -17.84 -19.88 -51.08
N ARG C 173 -16.85 -20.76 -50.86
CA ARG C 173 -16.57 -21.88 -51.78
C ARG C 173 -17.83 -22.73 -51.96
N GLY C 174 -18.63 -22.85 -50.88
CA GLY C 174 -19.91 -23.54 -50.90
C GLY C 174 -20.96 -22.78 -51.71
N LEU C 175 -21.01 -21.46 -51.53
CA LEU C 175 -21.98 -20.58 -52.22
C LEU C 175 -21.79 -20.68 -53.73
N LEU C 176 -20.53 -20.65 -54.19
CA LEU C 176 -20.18 -20.63 -55.61
C LEU C 176 -20.64 -21.93 -56.29
N GLU C 177 -20.54 -23.05 -55.56
CA GLU C 177 -21.01 -24.35 -56.03
C GLU C 177 -22.55 -24.37 -56.04
N ALA C 178 -23.15 -23.97 -54.91
CA ALA C 178 -24.59 -24.06 -54.68
C ALA C 178 -25.36 -23.13 -55.62
N GLY C 179 -24.81 -21.94 -55.88
CA GLY C 179 -25.44 -20.92 -56.73
C GLY C 179 -24.66 -20.68 -58.00
N LYS C 180 -24.18 -21.76 -58.63
CA LYS C 180 -23.36 -21.68 -59.84
C LYS C 180 -24.21 -21.14 -61.00
N SER C 181 -25.34 -21.81 -61.26
CA SER C 181 -26.23 -21.49 -62.39
C SER C 181 -26.79 -20.07 -62.25
N ASP C 182 -27.04 -19.65 -61.00
CA ASP C 182 -27.62 -18.33 -60.71
C ASP C 182 -26.56 -17.23 -60.92
N LEU C 183 -25.30 -17.56 -60.62
CA LEU C 183 -24.17 -16.64 -60.80
C LEU C 183 -23.81 -16.52 -62.30
N GLU C 184 -23.86 -17.65 -63.01
CA GLU C 184 -23.40 -17.74 -64.40
C GLU C 184 -24.58 -17.56 -65.38
N LYS C 185 -25.67 -16.93 -64.92
CA LYS C 185 -26.86 -16.72 -65.74
C LYS C 185 -26.57 -15.66 -66.81
N GLN C 186 -27.29 -15.76 -67.94
CA GLN C 186 -27.14 -14.87 -69.08
C GLN C 186 -28.52 -14.32 -69.47
N GLU C 187 -28.65 -12.99 -69.48
CA GLU C 187 -29.90 -12.30 -69.84
C GLU C 187 -29.62 -11.30 -70.98
N LYS C 188 -30.57 -11.22 -71.92
CA LYS C 188 -30.41 -10.45 -73.14
C LYS C 188 -30.82 -9.00 -72.92
N PRO C 189 -29.99 -8.01 -73.34
CA PRO C 189 -30.39 -6.60 -73.28
C PRO C 189 -31.43 -6.22 -74.34
N VAL C 190 -32.35 -5.33 -73.97
CA VAL C 190 -33.28 -4.70 -74.89
C VAL C 190 -32.88 -3.23 -75.03
N ALA C 191 -32.95 -2.71 -76.26
CA ALA C 191 -32.49 -1.35 -76.57
C ALA C 191 -33.62 -0.54 -77.22
N TRP C 192 -33.55 0.79 -77.05
CA TRP C 192 -34.44 1.74 -77.70
C TRP C 192 -33.79 3.12 -77.72
N LEU C 193 -34.14 3.92 -78.74
CA LEU C 193 -33.50 5.21 -79.02
C LEU C 193 -34.41 6.36 -78.60
N SER C 194 -33.82 7.55 -78.44
CA SER C 194 -34.53 8.78 -78.05
C SER C 194 -33.59 9.98 -78.20
N SER C 195 -34.14 11.20 -78.06
CA SER C 195 -33.39 12.45 -78.27
C SER C 195 -33.97 13.58 -77.40
N VAL C 196 -33.07 14.45 -76.94
CA VAL C 196 -33.43 15.65 -76.15
C VAL C 196 -32.49 16.80 -76.55
N PRO C 197 -32.91 18.08 -76.42
CA PRO C 197 -32.03 19.22 -76.69
C PRO C 197 -31.01 19.43 -75.57
N SER C 198 -29.73 19.56 -75.95
CA SER C 198 -28.62 19.77 -75.01
C SER C 198 -28.52 21.25 -74.65
N SER C 199 -27.46 21.61 -73.90
CA SER C 199 -27.21 22.97 -73.44
C SER C 199 -27.04 23.93 -74.63
N ALA C 200 -26.35 23.45 -75.68
CA ALA C 200 -26.05 24.25 -76.87
C ALA C 200 -27.35 24.60 -77.62
N HIS C 201 -27.25 25.62 -78.48
CA HIS C 201 -28.40 26.23 -79.15
C HIS C 201 -28.99 25.28 -80.21
N GLY C 202 -28.16 24.94 -81.21
CA GLY C 202 -28.57 24.11 -82.35
C GLY C 202 -27.95 22.73 -82.30
N HIS C 203 -28.01 22.09 -81.13
CA HIS C 203 -27.42 20.77 -80.88
C HIS C 203 -28.48 19.85 -80.28
N ARG C 204 -28.51 18.60 -80.76
CA ARG C 204 -29.34 17.52 -80.23
C ARG C 204 -28.44 16.57 -79.44
N GLN C 205 -29.06 15.72 -78.61
CA GLN C 205 -28.36 14.69 -77.84
C GLN C 205 -29.13 13.37 -77.96
N LEU C 206 -28.62 12.48 -78.82
CA LEU C 206 -29.19 11.15 -79.04
C LEU C 206 -28.80 10.25 -77.85
N VAL C 207 -29.78 9.47 -77.36
CA VAL C 207 -29.61 8.58 -76.22
C VAL C 207 -29.95 7.16 -76.66
N CYS C 208 -29.07 6.21 -76.32
CA CYS C 208 -29.23 4.79 -76.64
C CYS C 208 -29.37 3.99 -75.34
N HIS C 209 -30.62 3.63 -75.01
CA HIS C 209 -30.96 2.92 -73.78
C HIS C 209 -30.65 1.42 -73.96
N VAL C 210 -30.14 0.80 -72.89
CA VAL C 210 -29.90 -0.64 -72.83
C VAL C 210 -30.31 -1.11 -71.43
N SER C 211 -31.14 -2.16 -71.36
CA SER C 211 -31.76 -2.59 -70.11
C SER C 211 -32.01 -4.10 -70.10
N GLY C 212 -31.77 -4.72 -68.94
CA GLY C 212 -32.14 -6.10 -68.66
C GLY C 212 -31.06 -7.11 -69.05
N PHE C 213 -29.79 -6.73 -68.84
CA PHE C 213 -28.64 -7.57 -69.20
C PHE C 213 -27.86 -7.97 -67.95
N TYR C 214 -27.26 -9.16 -68.01
CA TYR C 214 -26.42 -9.71 -66.94
C TYR C 214 -25.49 -10.76 -67.56
N PRO C 215 -24.19 -10.72 -67.22
CA PRO C 215 -23.59 -9.89 -66.18
C PRO C 215 -23.28 -8.45 -66.62
N LYS C 216 -22.54 -7.71 -65.79
CA LYS C 216 -22.33 -6.26 -65.91
C LYS C 216 -21.56 -5.92 -67.18
N PRO C 217 -20.49 -6.65 -67.57
CA PRO C 217 -19.71 -6.31 -68.76
C PRO C 217 -20.56 -6.19 -70.03
N VAL C 218 -20.49 -5.02 -70.69
CA VAL C 218 -21.28 -4.71 -71.89
C VAL C 218 -20.54 -3.65 -72.71
N TRP C 219 -20.78 -3.67 -74.04
CA TRP C 219 -20.17 -2.74 -75.00
C TRP C 219 -21.28 -2.01 -75.77
N VAL C 220 -21.27 -0.68 -75.71
CA VAL C 220 -22.28 0.17 -76.34
C VAL C 220 -21.58 1.37 -76.99
N MET C 221 -21.82 1.57 -78.30
CA MET C 221 -21.22 2.65 -79.07
C MET C 221 -22.20 3.13 -80.16
N TRP C 222 -22.24 4.45 -80.37
CA TRP C 222 -22.87 5.05 -81.54
C TRP C 222 -21.93 4.89 -82.73
N MET C 223 -22.50 4.59 -83.91
CA MET C 223 -21.72 4.29 -85.11
C MET C 223 -22.37 4.94 -86.34
N ARG C 224 -21.52 5.43 -87.25
CA ARG C 224 -21.92 5.92 -88.56
C ARG C 224 -21.38 4.95 -89.62
N GLY C 225 -22.22 3.99 -90.02
CA GLY C 225 -21.85 2.93 -90.96
C GLY C 225 -20.99 1.88 -90.29
N ASP C 226 -19.67 2.10 -90.30
CA ASP C 226 -18.70 1.23 -89.61
C ASP C 226 -17.57 2.12 -89.05
N GLN C 227 -17.96 3.28 -88.50
CA GLN C 227 -17.04 4.27 -87.95
C GLN C 227 -17.48 4.62 -86.53
N GLU C 228 -16.63 4.31 -85.55
CA GLU C 228 -16.92 4.54 -84.14
C GLU C 228 -16.96 6.05 -83.86
N GLN C 229 -18.07 6.50 -83.27
CA GLN C 229 -18.24 7.89 -82.85
C GLN C 229 -17.57 8.09 -81.48
N GLN C 230 -16.47 8.86 -81.48
CA GLN C 230 -15.63 9.06 -80.29
C GLN C 230 -16.31 10.03 -79.31
N GLY C 231 -17.40 10.68 -79.74
CA GLY C 231 -18.19 11.58 -78.90
C GLY C 231 -19.05 10.83 -77.88
N THR C 232 -19.27 9.53 -78.12
CA THR C 232 -20.10 8.67 -77.27
C THR C 232 -19.58 8.71 -75.82
N HIS C 233 -20.47 9.13 -74.90
CA HIS C 233 -20.20 9.12 -73.46
C HIS C 233 -21.30 8.32 -72.75
N ARG C 234 -20.93 7.14 -72.24
CA ARG C 234 -21.85 6.25 -71.54
C ARG C 234 -21.84 6.59 -70.05
N GLY C 235 -23.01 6.47 -69.41
CA GLY C 235 -23.21 6.81 -68.00
C GLY C 235 -22.85 5.65 -67.09
N ASP C 236 -23.41 5.67 -65.87
CA ASP C 236 -23.15 4.66 -64.85
C ASP C 236 -24.06 3.45 -65.11
N PHE C 237 -23.68 2.32 -64.50
CA PHE C 237 -24.50 1.11 -64.50
C PHE C 237 -25.58 1.24 -63.42
N LEU C 238 -26.82 1.46 -63.84
CA LEU C 238 -27.96 1.61 -62.93
C LEU C 238 -28.66 0.25 -62.78
N PRO C 239 -28.99 -0.18 -61.54
CA PRO C 239 -29.62 -1.49 -61.33
C PRO C 239 -31.12 -1.52 -61.63
N ASN C 240 -31.62 -2.72 -61.93
CA ASN C 240 -33.07 -3.00 -62.05
C ASN C 240 -33.50 -3.84 -60.84
N ALA C 241 -34.82 -3.93 -60.64
CA ALA C 241 -35.42 -4.61 -59.50
C ALA C 241 -35.20 -6.13 -59.60
N ASP C 242 -35.20 -6.66 -60.83
CA ASP C 242 -35.13 -8.10 -61.10
C ASP C 242 -33.66 -8.56 -61.24
N GLU C 243 -32.74 -7.80 -60.65
CA GLU C 243 -31.30 -8.12 -60.60
C GLU C 243 -30.75 -8.23 -62.03
N THR C 244 -30.98 -7.17 -62.81
CA THR C 244 -30.34 -6.93 -64.10
C THR C 244 -29.89 -5.46 -64.14
N TRP C 245 -29.11 -5.11 -65.16
CA TRP C 245 -28.46 -3.79 -65.22
C TRP C 245 -29.10 -2.93 -66.31
N TYR C 246 -28.97 -1.60 -66.13
CA TYR C 246 -29.44 -0.59 -67.06
C TYR C 246 -28.28 0.37 -67.36
N LEU C 247 -28.16 0.76 -68.64
CA LEU C 247 -27.10 1.64 -69.11
C LEU C 247 -27.61 2.45 -70.31
N GLN C 248 -27.21 3.72 -70.36
CA GLN C 248 -27.52 4.61 -71.49
C GLN C 248 -26.23 5.28 -71.98
N ALA C 249 -26.07 5.35 -73.30
CA ALA C 249 -24.96 6.02 -73.96
C ALA C 249 -25.49 7.25 -74.72
N THR C 250 -24.83 8.40 -74.50
CA THR C 250 -25.25 9.68 -75.08
C THR C 250 -24.20 10.15 -76.08
N LEU C 251 -24.66 10.70 -77.20
CA LEU C 251 -23.82 11.30 -78.23
C LEU C 251 -24.41 12.64 -78.65
N ASP C 252 -23.61 13.71 -78.53
CA ASP C 252 -24.02 15.07 -78.90
C ASP C 252 -23.79 15.25 -80.41
N VAL C 253 -24.84 15.71 -81.11
CA VAL C 253 -24.83 15.88 -82.57
C VAL C 253 -25.52 17.21 -82.92
N GLU C 254 -25.45 17.57 -84.20
CA GLU C 254 -26.15 18.74 -84.74
C GLU C 254 -27.56 18.31 -85.18
N ALA C 255 -28.50 19.27 -85.17
CA ALA C 255 -29.87 19.05 -85.61
C ALA C 255 -29.90 18.88 -87.14
N GLY C 256 -30.72 17.93 -87.60
CA GLY C 256 -30.79 17.57 -89.02
C GLY C 256 -29.53 16.86 -89.49
N GLU C 257 -28.88 16.13 -88.59
CA GLU C 257 -27.66 15.37 -88.86
C GLU C 257 -27.70 14.05 -88.08
N GLU C 258 -28.87 13.40 -88.08
CA GLU C 258 -29.07 12.12 -87.40
C GLU C 258 -29.37 11.03 -88.43
N ALA C 259 -28.94 11.27 -89.68
CA ALA C 259 -29.16 10.34 -90.79
C ALA C 259 -28.00 9.32 -90.83
N GLY C 260 -28.34 8.04 -90.72
CA GLY C 260 -27.39 6.94 -90.81
C GLY C 260 -26.57 6.77 -89.53
N LEU C 261 -27.16 7.16 -88.39
CA LEU C 261 -26.56 6.95 -87.07
C LEU C 261 -27.25 5.76 -86.40
N ALA C 262 -26.44 4.78 -85.97
CA ALA C 262 -26.92 3.56 -85.35
C ALA C 262 -26.23 3.37 -83.99
N CYS C 263 -26.85 2.55 -83.13
CA CYS C 263 -26.31 2.18 -81.84
C CYS C 263 -26.07 0.66 -81.81
N ARG C 264 -24.80 0.26 -81.84
CA ARG C 264 -24.38 -1.14 -81.80
C ARG C 264 -24.16 -1.54 -80.32
N VAL C 265 -24.64 -2.74 -79.96
CA VAL C 265 -24.54 -3.26 -78.59
C VAL C 265 -24.10 -4.74 -78.67
N LYS C 266 -22.91 -5.02 -78.12
CA LYS C 266 -22.41 -6.39 -77.95
C LYS C 266 -22.61 -6.81 -76.49
N HIS C 267 -22.94 -8.09 -76.29
CA HIS C 267 -23.07 -8.69 -74.96
C HIS C 267 -22.93 -10.21 -75.07
N SER C 268 -22.44 -10.83 -73.99
CA SER C 268 -22.13 -12.27 -73.94
C SER C 268 -23.38 -13.12 -74.21
N SER C 269 -24.53 -12.67 -73.71
CA SER C 269 -25.79 -13.42 -73.78
C SER C 269 -26.31 -13.48 -75.23
N LEU C 270 -26.02 -12.44 -76.01
CA LEU C 270 -26.46 -12.34 -77.40
C LEU C 270 -25.74 -13.39 -78.25
N GLY C 271 -24.43 -13.52 -78.04
CA GLY C 271 -23.59 -14.55 -78.67
C GLY C 271 -23.53 -14.38 -80.17
N GLY C 272 -22.78 -13.36 -80.62
CA GLY C 272 -22.54 -13.09 -82.04
C GLY C 272 -23.54 -12.11 -82.62
N GLN C 273 -24.84 -12.41 -82.46
CA GLN C 273 -25.93 -11.62 -83.01
C GLN C 273 -26.06 -10.30 -82.23
N ASP C 274 -25.25 -9.31 -82.62
CA ASP C 274 -25.22 -7.99 -81.98
C ASP C 274 -26.50 -7.22 -82.34
N ILE C 275 -26.93 -6.34 -81.42
CA ILE C 275 -28.11 -5.50 -81.60
C ILE C 275 -27.67 -4.21 -82.30
N ILE C 276 -28.41 -3.83 -83.35
CA ILE C 276 -28.20 -2.57 -84.08
C ILE C 276 -29.57 -1.89 -84.24
N LEU C 277 -29.65 -0.62 -83.80
CA LEU C 277 -30.87 0.19 -83.97
C LEU C 277 -30.51 1.48 -84.71
N TYR C 278 -31.14 1.66 -85.88
CA TYR C 278 -30.93 2.83 -86.74
C TYR C 278 -31.97 3.91 -86.40
N TRP C 279 -31.55 5.18 -86.50
CA TRP C 279 -32.40 6.33 -86.22
C TRP C 279 -33.38 6.55 -87.37
N LYS D 3 -22.90 14.97 -48.59
CA LYS D 3 -23.09 15.18 -50.06
C LYS D 3 -24.59 15.22 -50.38
N THR D 4 -24.96 15.99 -51.42
CA THR D 4 -26.34 16.08 -51.91
C THR D 4 -26.66 14.82 -52.71
N PRO D 5 -27.84 14.20 -52.51
CA PRO D 5 -28.18 12.94 -53.17
C PRO D 5 -28.43 13.08 -54.68
N GLN D 6 -27.82 12.18 -55.47
CA GLN D 6 -28.01 12.11 -56.91
C GLN D 6 -29.15 11.14 -57.22
N ILE D 7 -30.19 11.64 -57.89
CA ILE D 7 -31.38 10.86 -58.24
C ILE D 7 -31.36 10.59 -59.76
N GLN D 8 -31.85 9.41 -60.14
CA GLN D 8 -31.90 8.98 -61.54
C GLN D 8 -33.17 8.13 -61.76
N VAL D 9 -34.00 8.56 -62.71
CA VAL D 9 -35.27 7.90 -63.03
C VAL D 9 -35.13 7.24 -64.41
N TYR D 10 -35.64 6.01 -64.53
CA TYR D 10 -35.55 5.22 -65.76
C TYR D 10 -36.54 4.07 -65.71
N SER D 11 -36.98 3.63 -66.91
CA SER D 11 -37.94 2.54 -67.08
C SER D 11 -37.19 1.22 -67.38
N ARG D 12 -37.78 0.11 -66.92
CA ARG D 12 -37.19 -1.23 -67.07
C ARG D 12 -37.24 -1.65 -68.55
N HIS D 13 -38.44 -1.57 -69.14
CA HIS D 13 -38.68 -1.96 -70.52
C HIS D 13 -38.80 -0.70 -71.38
N PRO D 14 -38.75 -0.82 -72.73
CA PRO D 14 -38.97 0.32 -73.62
C PRO D 14 -40.32 1.00 -73.38
N PRO D 15 -40.37 2.34 -73.22
CA PRO D 15 -41.62 3.03 -72.90
C PRO D 15 -42.57 3.12 -74.10
N GLU D 16 -43.80 2.61 -73.93
CA GLU D 16 -44.84 2.65 -74.96
C GLU D 16 -46.19 2.92 -74.27
N ASN D 17 -46.96 3.84 -74.86
CA ASN D 17 -48.22 4.32 -74.28
C ASN D 17 -49.25 3.19 -74.29
N GLY D 18 -49.77 2.86 -73.10
CA GLY D 18 -50.77 1.81 -72.91
C GLY D 18 -50.19 0.60 -72.17
N LYS D 19 -49.03 0.13 -72.64
CA LYS D 19 -48.41 -1.10 -72.14
C LYS D 19 -47.91 -0.90 -70.71
N PRO D 20 -48.21 -1.83 -69.77
CA PRO D 20 -47.64 -1.78 -68.43
C PRO D 20 -46.11 -1.90 -68.41
N ASN D 21 -45.49 -1.35 -67.36
CA ASN D 21 -44.04 -1.22 -67.25
C ASN D 21 -43.68 -0.99 -65.79
N ILE D 22 -42.38 -1.07 -65.46
CA ILE D 22 -41.84 -0.75 -64.14
C ILE D 22 -41.00 0.53 -64.26
N LEU D 23 -41.19 1.44 -63.30
CA LEU D 23 -40.40 2.68 -63.20
C LEU D 23 -39.44 2.55 -62.00
N ASN D 24 -38.17 2.87 -62.23
CA ASN D 24 -37.12 2.78 -61.21
C ASN D 24 -36.70 4.19 -60.77
N CYS D 25 -36.30 4.30 -59.50
CA CYS D 25 -35.71 5.52 -58.95
C CYS D 25 -34.49 5.15 -58.10
N TYR D 26 -33.30 5.51 -58.60
CA TYR D 26 -32.03 5.13 -58.00
C TYR D 26 -31.40 6.36 -57.31
N VAL D 27 -31.46 6.38 -55.98
CA VAL D 27 -30.90 7.45 -55.15
C VAL D 27 -29.53 6.99 -54.64
N THR D 28 -28.50 7.83 -54.85
CA THR D 28 -27.11 7.50 -54.55
C THR D 28 -26.38 8.70 -53.95
N GLN D 29 -25.19 8.43 -53.38
CA GLN D 29 -24.24 9.43 -52.91
C GLN D 29 -24.90 10.34 -51.86
N PHE D 30 -25.28 9.74 -50.72
CA PHE D 30 -25.88 10.48 -49.61
C PHE D 30 -25.45 9.86 -48.27
N HIS D 31 -25.32 10.73 -47.27
CA HIS D 31 -25.08 10.35 -45.87
C HIS D 31 -25.40 11.55 -44.98
N PRO D 32 -26.05 11.32 -43.83
CA PRO D 32 -26.38 10.01 -43.26
C PRO D 32 -27.47 9.26 -44.00
N PRO D 33 -27.67 7.94 -43.72
CA PRO D 33 -28.59 7.11 -44.51
C PRO D 33 -30.09 7.36 -44.31
N HIS D 34 -30.48 8.13 -43.28
CA HIS D 34 -31.88 8.47 -43.05
C HIS D 34 -32.40 9.34 -44.19
N ILE D 35 -33.27 8.75 -45.03
CA ILE D 35 -33.77 9.40 -46.24
C ILE D 35 -35.24 9.00 -46.45
N GLU D 36 -36.02 9.92 -47.04
CA GLU D 36 -37.44 9.72 -47.35
C GLU D 36 -37.64 9.83 -48.86
N ILE D 37 -37.97 8.71 -49.50
CA ILE D 37 -38.14 8.61 -50.96
C ILE D 37 -39.62 8.39 -51.28
N GLN D 38 -40.11 9.13 -52.28
CA GLN D 38 -41.49 9.06 -52.74
C GLN D 38 -41.50 9.07 -54.27
N MET D 39 -42.32 8.20 -54.87
CA MET D 39 -42.57 8.19 -56.30
C MET D 39 -43.95 8.79 -56.57
N LEU D 40 -44.00 9.80 -57.44
CA LEU D 40 -45.19 10.63 -57.65
C LEU D 40 -45.78 10.35 -59.03
N LYS D 41 -47.12 10.48 -59.12
CA LYS D 41 -47.87 10.46 -60.37
C LYS D 41 -48.76 11.71 -60.42
N ASN D 42 -48.35 12.69 -61.24
CA ASN D 42 -49.03 13.98 -61.37
C ASN D 42 -49.02 14.72 -60.03
N GLY D 43 -47.93 14.55 -59.27
CA GLY D 43 -47.73 15.22 -57.98
C GLY D 43 -48.27 14.43 -56.79
N LYS D 44 -49.09 13.41 -57.06
CA LYS D 44 -49.75 12.62 -56.03
C LYS D 44 -48.86 11.44 -55.63
N LYS D 45 -48.97 11.03 -54.36
CA LYS D 45 -48.13 9.97 -53.79
C LYS D 45 -48.67 8.61 -54.24
N ILE D 46 -47.81 7.81 -54.90
CA ILE D 46 -48.15 6.46 -55.33
C ILE D 46 -48.06 5.53 -54.12
N PRO D 47 -49.13 4.79 -53.76
CA PRO D 47 -49.08 3.84 -52.65
C PRO D 47 -48.48 2.48 -53.08
N LYS D 48 -47.91 1.77 -52.11
CA LYS D 48 -47.32 0.44 -52.32
C LYS D 48 -46.15 0.57 -53.30
N VAL D 49 -45.04 1.15 -52.82
CA VAL D 49 -43.79 1.29 -53.57
C VAL D 49 -42.75 0.37 -52.94
N GLU D 50 -42.15 -0.49 -53.76
CA GLU D 50 -41.17 -1.47 -53.30
C GLU D 50 -39.79 -0.82 -53.23
N MET D 51 -39.22 -0.78 -52.02
CA MET D 51 -37.86 -0.31 -51.78
C MET D 51 -36.92 -1.52 -51.71
N SER D 52 -35.72 -1.38 -52.29
CA SER D 52 -34.65 -2.34 -52.12
C SER D 52 -34.00 -2.15 -50.74
N ASP D 53 -33.25 -3.14 -50.28
CA ASP D 53 -32.49 -3.05 -49.05
C ASP D 53 -31.37 -2.02 -49.25
N MET D 54 -31.19 -1.14 -48.26
CA MET D 54 -30.18 -0.10 -48.33
C MET D 54 -28.79 -0.74 -48.18
N SER D 55 -27.81 -0.13 -48.88
CA SER D 55 -26.44 -0.63 -48.94
C SER D 55 -25.49 0.57 -49.11
N PHE D 56 -24.20 0.30 -49.34
CA PHE D 56 -23.23 1.35 -49.64
C PHE D 56 -22.11 0.79 -50.53
N SER D 57 -21.35 1.70 -51.14
CA SER D 57 -20.31 1.39 -52.12
C SER D 57 -18.93 1.38 -51.44
N LYS D 58 -17.86 1.33 -52.25
CA LYS D 58 -16.48 1.29 -51.78
C LYS D 58 -16.15 2.57 -50.99
N ASP D 59 -16.77 3.70 -51.37
CA ASP D 59 -16.51 5.01 -50.75
C ASP D 59 -17.48 5.28 -49.60
N TRP D 60 -18.16 4.23 -49.11
CA TRP D 60 -18.99 4.26 -47.89
C TRP D 60 -20.23 5.16 -48.07
N SER D 61 -20.59 5.45 -49.33
CA SER D 61 -21.74 6.29 -49.65
C SER D 61 -22.95 5.39 -49.92
N PHE D 62 -24.09 5.73 -49.31
CA PHE D 62 -25.28 4.89 -49.32
C PHE D 62 -26.00 5.00 -50.67
N TYR D 63 -26.69 3.92 -51.05
CA TYR D 63 -27.55 3.89 -52.24
C TYR D 63 -28.77 2.99 -51.98
N ILE D 64 -29.87 3.28 -52.68
CA ILE D 64 -31.12 2.55 -52.54
C ILE D 64 -31.92 2.66 -53.84
N LEU D 65 -32.65 1.59 -54.18
CA LEU D 65 -33.46 1.50 -55.39
C LEU D 65 -34.94 1.37 -55.03
N ALA D 66 -35.70 2.44 -55.29
CA ALA D 66 -37.16 2.42 -55.23
C ALA D 66 -37.71 2.14 -56.64
N HIS D 67 -38.81 1.39 -56.70
CA HIS D 67 -39.46 1.05 -57.97
C HIS D 67 -40.94 0.74 -57.76
N THR D 68 -41.72 0.92 -58.83
CA THR D 68 -43.16 0.67 -58.83
C THR D 68 -43.65 0.44 -60.26
N GLU D 69 -44.80 -0.22 -60.40
CA GLU D 69 -45.43 -0.46 -61.70
C GLU D 69 -46.14 0.82 -62.16
N PHE D 70 -46.20 1.02 -63.48
CA PHE D 70 -46.81 2.20 -64.08
C PHE D 70 -47.14 1.94 -65.55
N THR D 71 -48.17 2.63 -66.05
CA THR D 71 -48.57 2.63 -67.46
C THR D 71 -48.36 4.04 -68.02
N PRO D 72 -47.27 4.29 -68.78
CA PRO D 72 -46.93 5.65 -69.21
C PRO D 72 -47.84 6.17 -70.33
N THR D 73 -48.64 7.21 -70.01
CA THR D 73 -49.53 7.86 -70.98
C THR D 73 -48.85 9.14 -71.51
N GLU D 74 -49.54 9.81 -72.44
CA GLU D 74 -49.07 11.06 -73.02
C GLU D 74 -49.22 12.21 -72.00
N THR D 75 -50.32 12.17 -71.23
CA THR D 75 -50.71 13.27 -70.34
C THR D 75 -49.97 13.18 -69.00
N ASP D 76 -49.92 11.97 -68.41
CA ASP D 76 -49.46 11.77 -67.04
C ASP D 76 -47.95 12.03 -66.94
N THR D 77 -47.54 12.63 -65.81
CA THR D 77 -46.15 12.88 -65.47
C THR D 77 -45.78 12.05 -64.23
N TYR D 78 -44.56 11.49 -64.23
CA TYR D 78 -44.02 10.70 -63.13
C TYR D 78 -42.75 11.36 -62.61
N ALA D 79 -42.53 11.29 -61.29
CA ALA D 79 -41.40 11.93 -60.63
C ALA D 79 -40.96 11.12 -59.40
N CYS D 80 -39.81 11.50 -58.84
CA CYS D 80 -39.24 10.88 -57.64
C CYS D 80 -38.75 11.97 -56.68
N ARG D 81 -39.47 12.14 -55.57
CA ARG D 81 -39.22 13.18 -54.58
C ARG D 81 -38.37 12.61 -53.44
N VAL D 82 -37.32 13.36 -53.06
CA VAL D 82 -36.35 12.92 -52.05
C VAL D 82 -36.18 14.04 -51.00
N LYS D 83 -36.44 13.69 -49.74
CA LYS D 83 -36.20 14.58 -48.60
C LYS D 83 -34.98 14.05 -47.82
N HIS D 84 -33.99 14.92 -47.60
CA HIS D 84 -32.73 14.58 -46.94
C HIS D 84 -32.28 15.77 -46.08
N ALA D 85 -31.49 15.45 -45.04
CA ALA D 85 -31.00 16.44 -44.06
C ALA D 85 -30.03 17.42 -44.74
N SER D 86 -29.26 16.93 -45.72
CA SER D 86 -28.26 17.73 -46.43
C SER D 86 -28.94 18.89 -47.17
N MET D 87 -30.04 18.58 -47.87
CA MET D 87 -30.80 19.56 -48.65
C MET D 87 -31.76 20.32 -47.73
N ALA D 88 -32.10 21.56 -48.13
CA ALA D 88 -33.03 22.41 -47.39
C ALA D 88 -34.47 22.10 -47.83
N GLU D 89 -34.70 22.16 -49.15
CA GLU D 89 -35.99 21.86 -49.77
C GLU D 89 -35.91 20.52 -50.49
N PRO D 90 -36.93 19.63 -50.37
CA PRO D 90 -36.94 18.36 -51.07
C PRO D 90 -36.76 18.51 -52.59
N LYS D 91 -35.84 17.72 -53.16
CA LYS D 91 -35.53 17.73 -54.59
C LYS D 91 -36.48 16.77 -55.31
N THR D 92 -36.91 17.16 -56.52
CA THR D 92 -37.84 16.40 -57.34
C THR D 92 -37.27 16.25 -58.76
N VAL D 93 -37.03 15.01 -59.17
CA VAL D 93 -36.55 14.68 -60.51
C VAL D 93 -37.70 14.01 -61.28
N TYR D 94 -38.10 14.62 -62.40
CA TYR D 94 -39.20 14.15 -63.24
C TYR D 94 -38.65 13.13 -64.26
N TRP D 95 -39.49 12.14 -64.59
CA TRP D 95 -39.19 11.16 -65.63
C TRP D 95 -39.41 11.80 -67.00
N ASP D 96 -38.42 11.65 -67.87
CA ASP D 96 -38.50 12.03 -69.28
C ASP D 96 -38.21 10.78 -70.12
N ARG D 97 -39.21 10.34 -70.88
CA ARG D 97 -39.11 9.14 -71.74
C ARG D 97 -37.95 9.29 -72.72
N ASP D 98 -37.67 10.53 -73.14
CA ASP D 98 -36.62 10.85 -74.09
C ASP D 98 -35.24 10.71 -73.43
N MET D 99 -35.08 11.25 -72.22
CA MET D 99 -33.83 11.18 -71.46
C MET D 99 -33.63 9.75 -70.96
N LYS E 6 -3.65 36.00 42.34
CA LYS E 6 -4.39 35.32 41.23
C LYS E 6 -3.67 34.02 40.84
N ASN E 7 -4.45 33.04 40.41
CA ASN E 7 -3.95 31.72 40.00
C ASN E 7 -3.43 31.78 38.56
N TYR E 8 -2.11 31.90 38.42
CA TYR E 8 -1.44 31.99 37.11
C TYR E 8 -1.05 30.59 36.64
N THR E 9 -1.32 30.31 35.36
CA THR E 9 -0.99 29.04 34.72
C THR E 9 0.22 29.25 33.79
N PHE E 10 1.23 28.39 33.96
CA PHE E 10 2.43 28.39 33.13
C PHE E 10 2.32 27.26 32.09
N ARG E 11 2.58 27.58 30.83
CA ARG E 11 2.42 26.65 29.71
C ARG E 11 3.66 26.70 28.80
N CYS E 12 4.18 25.52 28.46
CA CYS E 12 5.28 25.35 27.53
C CYS E 12 4.79 24.55 26.32
N LEU E 13 4.33 25.28 25.29
CA LEU E 13 3.70 24.69 24.12
C LEU E 13 4.76 24.38 23.07
N GLN E 14 4.82 23.12 22.63
CA GLN E 14 5.72 22.64 21.58
C GLN E 14 4.88 22.15 20.40
N MET E 15 5.35 22.44 19.17
CA MET E 15 4.71 22.04 17.93
C MET E 15 5.77 21.39 17.02
N SER E 16 5.56 20.12 16.67
CA SER E 16 6.52 19.36 15.88
C SER E 16 5.82 18.78 14.64
N SER E 17 6.34 19.13 13.46
CA SER E 17 5.84 18.65 12.17
C SER E 17 6.85 17.67 11.55
N PHE E 18 6.35 16.53 11.08
CA PHE E 18 7.14 15.53 10.38
C PHE E 18 6.46 15.22 9.04
N ALA E 19 7.04 15.71 7.95
CA ALA E 19 6.48 15.59 6.59
C ALA E 19 6.86 14.26 5.96
N ASN E 20 8.12 13.85 6.16
CA ASN E 20 8.66 12.58 5.66
C ASN E 20 9.81 12.16 6.56
N ARG E 21 10.50 11.06 6.18
CA ARG E 21 11.63 10.51 6.92
C ARG E 21 12.63 11.60 7.31
N SER E 22 13.04 12.41 6.32
CA SER E 22 14.11 13.39 6.47
C SER E 22 13.58 14.69 7.09
N TRP E 23 12.67 15.36 6.39
CA TRP E 23 12.23 16.72 6.71
C TRP E 23 11.41 16.74 8.00
N SER E 24 11.76 17.65 8.92
CA SER E 24 11.00 17.90 10.15
C SER E 24 11.43 19.23 10.76
N ARG E 25 10.51 19.89 11.47
CA ARG E 25 10.80 21.12 12.22
C ARG E 25 10.01 21.12 13.54
N THR E 26 10.61 21.70 14.57
CA THR E 26 10.02 21.82 15.91
C THR E 26 10.10 23.28 16.37
N ASP E 27 8.94 23.82 16.79
CA ASP E 27 8.82 25.20 17.25
C ASP E 27 8.13 25.21 18.62
N SER E 28 8.54 26.14 19.49
CA SER E 28 8.02 26.23 20.86
C SER E 28 7.71 27.69 21.23
N VAL E 29 6.76 27.86 22.16
CA VAL E 29 6.45 29.12 22.80
C VAL E 29 6.13 28.84 24.27
N VAL E 30 6.19 29.87 25.11
CA VAL E 30 5.90 29.76 26.54
C VAL E 30 5.02 30.93 26.97
N TRP E 31 3.99 30.62 27.76
CA TRP E 31 3.01 31.60 28.25
C TRP E 31 2.93 31.54 29.78
N LEU E 32 2.98 32.72 30.40
CA LEU E 32 2.64 32.89 31.82
C LEU E 32 1.34 33.71 31.89
N GLY E 33 0.22 33.00 32.05
CA GLY E 33 -1.11 33.59 31.95
C GLY E 33 -1.51 33.79 30.50
N ASP E 34 -1.38 35.05 30.04
CA ASP E 34 -1.66 35.41 28.65
C ASP E 34 -0.55 36.33 28.13
N LEU E 35 0.67 36.13 28.63
CA LEU E 35 1.86 36.87 28.21
C LEU E 35 2.93 35.87 27.77
N GLN E 36 3.44 36.04 26.55
CA GLN E 36 4.50 35.21 26.01
C GLN E 36 5.82 35.57 26.70
N THR E 37 6.47 34.58 27.32
CA THR E 37 7.71 34.77 28.08
C THR E 37 8.93 34.31 27.26
N HIS E 38 8.76 33.24 26.48
CA HIS E 38 9.86 32.67 25.69
C HIS E 38 9.39 32.33 24.27
N ARG E 39 10.36 32.28 23.35
CA ARG E 39 10.20 31.80 21.98
C ARG E 39 11.41 30.92 21.65
N TRP E 40 11.18 29.87 20.85
CA TRP E 40 12.26 29.00 20.38
C TRP E 40 11.93 28.44 19.01
N SER E 41 12.44 29.12 17.97
CA SER E 41 12.28 28.72 16.58
C SER E 41 13.20 27.54 16.26
N ASN E 42 12.88 26.80 15.20
CA ASN E 42 13.69 25.68 14.71
C ASN E 42 15.04 26.22 14.21
N ASP E 43 15.00 27.43 13.62
CA ASP E 43 16.18 28.10 13.07
C ASP E 43 17.19 28.39 14.19
N SER E 44 16.69 28.94 15.30
CA SER E 44 17.50 29.36 16.44
C SER E 44 18.04 28.15 17.20
N ALA E 45 19.28 28.25 17.68
CA ALA E 45 19.97 27.21 18.45
C ALA E 45 19.72 27.41 19.95
N THR E 46 19.24 28.60 20.33
CA THR E 46 19.03 28.98 21.73
C THR E 46 17.60 29.51 21.90
N ILE E 47 17.11 29.50 23.15
CA ILE E 47 15.79 29.96 23.50
C ILE E 47 15.82 31.50 23.62
N SER E 48 14.88 32.16 22.95
CA SER E 48 14.77 33.62 22.92
C SER E 48 13.84 34.10 24.04
N PHE E 49 14.30 35.12 24.78
CA PHE E 49 13.46 35.85 25.73
C PHE E 49 12.61 36.87 24.96
N THR E 50 11.31 36.93 25.28
CA THR E 50 10.39 37.92 24.70
C THR E 50 10.10 39.02 25.73
N LYS E 51 10.48 38.79 26.99
CA LYS E 51 10.33 39.77 28.07
C LYS E 51 11.68 39.99 28.74
N PRO E 52 11.89 41.14 29.45
CA PRO E 52 13.12 41.38 30.19
C PRO E 52 13.32 40.49 31.42
N TRP E 53 12.23 39.87 31.92
CA TRP E 53 12.22 39.11 33.17
C TRP E 53 12.02 37.62 32.89
N SER E 54 12.34 37.18 31.65
CA SER E 54 12.06 35.83 31.17
C SER E 54 12.99 34.80 31.86
N GLN E 55 14.19 35.24 32.24
CA GLN E 55 15.16 34.38 32.94
C GLN E 55 14.68 34.13 34.38
N GLY E 56 13.87 35.06 34.92
CA GLY E 56 13.27 34.93 36.24
C GLY E 56 14.28 35.23 37.34
N LYS E 57 14.33 34.34 38.33
CA LYS E 57 15.28 34.43 39.46
C LYS E 57 16.32 33.32 39.35
N LEU E 58 16.63 32.88 38.13
CA LEU E 58 17.70 31.93 37.86
C LEU E 58 18.97 32.70 37.51
N SER E 59 20.11 32.23 38.04
CA SER E 59 21.42 32.73 37.67
C SER E 59 21.74 32.33 36.24
N ASN E 60 22.79 32.95 35.67
CA ASN E 60 23.19 32.73 34.28
C ASN E 60 23.65 31.28 34.10
N GLN E 61 24.33 30.74 35.11
CA GLN E 61 24.84 29.36 35.07
C GLN E 61 23.67 28.37 35.15
N GLN E 62 22.68 28.68 35.99
CA GLN E 62 21.49 27.83 36.17
C GLN E 62 20.69 27.75 34.86
N TRP E 63 20.62 28.86 34.13
CA TRP E 63 19.89 28.95 32.87
C TRP E 63 20.59 28.14 31.77
N GLU E 64 21.93 28.18 31.76
CA GLU E 64 22.75 27.50 30.75
C GLU E 64 22.56 25.98 30.88
N LYS E 65 22.62 25.48 32.12
CA LYS E 65 22.40 24.06 32.43
C LYS E 65 21.01 23.64 31.94
N LEU E 66 20.02 24.52 32.15
CA LEU E 66 18.62 24.27 31.82
C LEU E 66 18.41 24.33 30.30
N GLN E 67 19.03 25.31 29.65
CA GLN E 67 18.91 25.50 28.20
C GLN E 67 19.53 24.32 27.45
N HIS E 68 20.73 23.91 27.89
CA HIS E 68 21.46 22.77 27.31
C HIS E 68 20.61 21.49 27.40
N MET E 69 19.91 21.33 28.53
CA MET E 69 19.01 20.20 28.78
C MET E 69 17.96 20.12 27.67
N PHE E 70 17.38 21.28 27.32
CA PHE E 70 16.34 21.39 26.28
C PHE E 70 16.97 21.19 24.89
N GLN E 71 18.15 21.77 24.67
CA GLN E 71 18.87 21.68 23.40
C GLN E 71 19.11 20.21 23.02
N VAL E 72 19.47 19.41 24.03
CA VAL E 72 19.69 17.96 23.86
C VAL E 72 18.34 17.28 23.56
N TYR E 73 17.31 17.66 24.33
CA TYR E 73 15.97 17.09 24.20
C TYR E 73 15.44 17.23 22.77
N ARG E 74 15.55 18.44 22.22
CA ARG E 74 14.96 18.77 20.91
C ARG E 74 15.56 17.88 19.82
N VAL E 75 16.87 17.62 19.89
CA VAL E 75 17.58 16.77 18.94
C VAL E 75 17.13 15.32 19.13
N SER E 76 17.07 14.89 20.41
CA SER E 76 16.75 13.52 20.78
C SER E 76 15.27 13.20 20.47
N PHE E 77 14.39 14.18 20.71
CA PHE E 77 12.96 14.07 20.46
C PHE E 77 12.71 13.77 18.98
N THR E 78 13.40 14.51 18.10
CA THR E 78 13.25 14.39 16.65
C THR E 78 13.59 12.97 16.20
N ARG E 79 14.73 12.45 16.67
CA ARG E 79 15.24 11.14 16.26
C ARG E 79 14.35 10.03 16.83
N ASP E 80 13.93 10.19 18.09
CA ASP E 80 13.09 9.21 18.79
C ASP E 80 11.78 8.99 18.01
N ILE E 81 11.10 10.09 17.67
CA ILE E 81 9.82 10.05 16.94
C ILE E 81 10.05 9.34 15.59
N GLN E 82 11.12 9.71 14.89
CA GLN E 82 11.48 9.14 13.59
C GLN E 82 11.67 7.61 13.71
N GLU E 83 12.28 7.17 14.82
CA GLU E 83 12.55 5.75 15.08
C GLU E 83 11.27 5.04 15.52
N LEU E 84 10.41 5.75 16.27
CA LEU E 84 9.13 5.21 16.73
C LEU E 84 8.19 4.96 15.54
N VAL E 85 8.31 5.78 14.49
CA VAL E 85 7.53 5.64 13.27
C VAL E 85 7.96 4.38 12.51
N LYS E 86 9.29 4.14 12.47
CA LYS E 86 9.86 2.94 11.85
C LYS E 86 9.39 1.68 12.59
N MET E 87 9.26 1.80 13.91
CA MET E 87 8.91 0.69 14.80
C MET E 87 7.46 0.26 14.56
N MET E 88 6.55 1.24 14.44
CA MET E 88 5.12 0.97 14.24
C MET E 88 4.82 0.60 12.79
N SER E 89 5.56 1.22 11.85
CA SER E 89 5.36 1.06 10.40
C SER E 89 5.08 -0.40 10.04
N PRO E 90 4.11 -0.63 9.13
CA PRO E 90 3.39 0.39 8.38
C PRO E 90 2.05 0.81 9.02
N LYS E 91 1.92 0.68 10.35
CA LYS E 91 0.72 1.03 11.09
C LYS E 91 0.41 2.53 10.93
N GLU E 92 1.41 3.36 11.23
CA GLU E 92 1.33 4.81 11.09
C GLU E 92 2.46 5.29 10.17
N ASP E 93 2.21 6.42 9.50
CA ASP E 93 3.10 6.96 8.48
C ASP E 93 2.98 8.49 8.45
N TYR E 94 4.01 9.15 7.89
CA TYR E 94 4.03 10.60 7.70
C TYR E 94 2.93 10.98 6.70
N PRO E 95 2.40 12.21 6.79
CA PRO E 95 2.83 13.26 7.72
C PRO E 95 2.28 13.09 9.14
N ILE E 96 3.05 13.56 10.13
CA ILE E 96 2.71 13.46 11.55
C ILE E 96 2.91 14.84 12.20
N GLU E 97 1.99 15.18 13.10
CA GLU E 97 2.04 16.41 13.90
C GLU E 97 1.90 16.04 15.38
N ILE E 98 2.97 16.29 16.15
CA ILE E 98 2.99 16.04 17.59
C ILE E 98 3.00 17.40 18.30
N GLN E 99 2.25 17.47 19.42
CA GLN E 99 2.13 18.67 20.24
C GLN E 99 2.32 18.29 21.72
N LEU E 100 3.16 19.06 22.43
CA LEU E 100 3.33 18.93 23.87
C LEU E 100 2.81 20.19 24.56
N SER E 101 2.22 20.02 25.74
CA SER E 101 1.71 21.10 26.56
C SER E 101 2.12 20.87 28.02
N ALA E 102 3.39 21.15 28.32
CA ALA E 102 3.95 21.03 29.67
C ALA E 102 3.79 22.37 30.40
N GLY E 103 3.87 22.31 31.74
CA GLY E 103 3.75 23.49 32.58
C GLY E 103 3.28 23.13 33.99
N CYS E 104 2.93 24.16 34.77
CA CYS E 104 2.49 23.98 36.15
C CYS E 104 1.64 25.18 36.59
N GLU E 105 0.42 24.88 37.06
CA GLU E 105 -0.50 25.87 37.62
C GLU E 105 0.00 26.28 39.01
N MET E 106 -0.05 27.59 39.31
CA MET E 106 0.43 28.15 40.57
C MET E 106 -0.77 28.53 41.44
N TYR E 107 -0.82 27.96 42.64
CA TYR E 107 -1.82 28.24 43.66
C TYR E 107 -1.16 29.00 44.81
N PRO E 108 -1.93 29.75 45.64
CA PRO E 108 -1.33 30.49 46.76
C PRO E 108 -0.74 29.55 47.82
N GLY E 109 0.30 30.03 48.52
CA GLY E 109 1.01 29.25 49.55
C GLY E 109 1.73 28.05 48.96
N ASN E 110 2.94 28.30 48.43
CA ASN E 110 3.78 27.32 47.71
C ASN E 110 3.03 26.01 47.49
N ALA E 111 2.02 26.08 46.62
CA ALA E 111 1.23 24.93 46.15
C ALA E 111 1.08 25.01 44.63
N SER E 112 1.20 23.86 43.95
CA SER E 112 1.15 23.80 42.49
C SER E 112 0.73 22.42 42.01
N GLU E 113 0.45 22.33 40.70
CA GLU E 113 0.14 21.08 40.01
C GLU E 113 0.79 21.10 38.62
N SER E 114 1.89 20.34 38.47
CA SER E 114 2.61 20.22 37.20
C SER E 114 1.88 19.22 36.30
N PHE E 115 2.09 19.38 34.97
CA PHE E 115 1.44 18.54 33.97
C PHE E 115 2.30 18.50 32.70
N LEU E 116 2.17 17.41 31.94
CA LEU E 116 2.85 17.21 30.67
C LEU E 116 1.94 16.38 29.75
N HIS E 117 1.18 17.08 28.90
CA HIS E 117 0.20 16.48 28.00
C HIS E 117 0.78 16.40 26.59
N VAL E 118 0.62 15.24 25.95
CA VAL E 118 1.13 14.99 24.60
C VAL E 118 -0.05 14.66 23.68
N ALA E 119 -0.09 15.33 22.52
CA ALA E 119 -1.13 15.12 21.51
C ALA E 119 -0.50 14.62 20.21
N PHE E 120 -1.21 13.73 19.52
CA PHE E 120 -0.76 13.11 18.28
C PHE E 120 -1.86 13.27 17.21
N GLN E 121 -1.56 14.08 16.18
CA GLN E 121 -2.49 14.42 15.10
C GLN E 121 -3.70 15.17 15.68
N GLY E 122 -3.44 16.04 16.67
CA GLY E 122 -4.44 16.92 17.26
C GLY E 122 -5.36 16.21 18.25
N LYS E 123 -4.90 15.05 18.76
CA LYS E 123 -5.67 14.25 19.71
C LYS E 123 -4.80 13.93 20.93
N TYR E 124 -5.26 14.35 22.11
CA TYR E 124 -4.58 14.13 23.39
C TYR E 124 -4.58 12.63 23.71
N VAL E 125 -3.39 12.02 23.70
CA VAL E 125 -3.24 10.56 23.76
C VAL E 125 -2.38 10.14 24.96
N VAL E 126 -1.30 10.88 25.24
CA VAL E 126 -0.29 10.48 26.22
C VAL E 126 -0.05 11.63 27.21
N ARG E 127 0.29 11.26 28.45
CA ARG E 127 0.70 12.20 29.50
C ARG E 127 1.79 11.55 30.36
N PHE E 128 2.54 12.40 31.08
CA PHE E 128 3.46 11.94 32.12
C PHE E 128 2.78 12.09 33.48
N TRP E 129 2.56 10.95 34.15
CA TRP E 129 1.89 10.88 35.44
C TRP E 129 2.72 10.01 36.39
N GLY E 130 3.01 10.56 37.57
CA GLY E 130 3.80 9.87 38.59
C GLY E 130 5.27 9.79 38.20
N THR E 131 5.69 8.61 37.73
CA THR E 131 7.08 8.32 37.41
C THR E 131 7.19 7.58 36.06
N SER E 132 6.20 7.77 35.18
CA SER E 132 6.15 7.05 33.91
C SER E 132 5.17 7.72 32.93
N TRP E 133 5.32 7.38 31.65
CA TRP E 133 4.37 7.74 30.60
C TRP E 133 3.21 6.74 30.61
N GLN E 134 1.98 7.26 30.48
CA GLN E 134 0.79 6.43 30.36
C GLN E 134 -0.14 7.05 29.31
N THR E 135 -0.99 6.23 28.70
CA THR E 135 -2.02 6.67 27.77
C THR E 135 -3.22 7.19 28.59
N VAL E 136 -4.16 7.84 27.88
CA VAL E 136 -5.39 8.35 28.47
C VAL E 136 -6.58 7.70 27.73
N PRO E 137 -7.79 7.67 28.33
CA PRO E 137 -8.96 7.13 27.65
C PRO E 137 -9.19 7.77 26.27
N GLY E 138 -9.34 6.92 25.24
CA GLY E 138 -9.53 7.34 23.86
C GLY E 138 -8.32 7.04 22.99
N ALA E 139 -7.17 6.79 23.61
CA ALA E 139 -5.90 6.58 22.92
C ALA E 139 -5.91 5.22 22.21
N PRO E 140 -5.41 5.14 20.96
CA PRO E 140 -5.21 3.85 20.28
C PRO E 140 -4.32 2.89 21.10
N SER E 141 -4.42 1.60 20.78
CA SER E 141 -3.73 0.53 21.53
C SER E 141 -2.28 0.36 21.04
N TRP E 142 -1.98 0.82 19.83
CA TRP E 142 -0.65 0.68 19.23
C TRP E 142 0.38 1.54 19.98
N LEU E 143 -0.08 2.59 20.65
CA LEU E 143 0.76 3.49 21.45
C LEU E 143 1.42 2.76 22.63
N ASP E 144 0.87 1.60 23.01
CA ASP E 144 1.35 0.83 24.16
C ASP E 144 2.84 0.49 24.02
N LEU E 145 3.29 0.20 22.79
CA LEU E 145 4.68 -0.18 22.53
C LEU E 145 5.59 1.05 22.65
N PRO E 146 5.33 2.17 21.96
CA PRO E 146 6.01 3.44 22.25
C PRO E 146 6.13 3.78 23.73
N ILE E 147 5.01 3.64 24.47
CA ILE E 147 4.96 3.93 25.91
C ILE E 147 5.91 2.98 26.66
N LYS E 148 5.89 1.69 26.30
CA LYS E 148 6.74 0.67 26.92
C LYS E 148 8.22 1.05 26.72
N VAL E 149 8.56 1.54 25.53
CA VAL E 149 9.92 1.91 25.17
C VAL E 149 10.35 3.14 25.97
N LEU E 150 9.49 4.16 26.03
CA LEU E 150 9.77 5.43 26.70
C LEU E 150 9.93 5.22 28.22
N ASN E 151 9.21 4.24 28.76
CA ASN E 151 9.22 3.93 30.20
C ASN E 151 10.47 3.10 30.55
N ALA E 152 11.08 2.46 29.54
CA ALA E 152 12.34 1.73 29.71
C ALA E 152 13.49 2.69 30.01
N ASP E 153 13.39 3.93 29.49
CA ASP E 153 14.39 4.98 29.67
C ASP E 153 14.23 5.58 31.09
N GLN E 154 14.95 5.00 32.05
CA GLN E 154 14.89 5.39 33.45
C GLN E 154 15.40 6.83 33.63
N GLY E 155 16.43 7.19 32.84
CA GLY E 155 17.08 8.49 32.93
C GLY E 155 16.16 9.64 32.54
N THR E 156 15.37 9.44 31.47
CA THR E 156 14.40 10.43 31.00
C THR E 156 13.33 10.66 32.06
N SER E 157 12.87 9.56 32.68
CA SER E 157 11.83 9.59 33.71
C SER E 157 12.27 10.48 34.88
N ALA E 158 13.46 10.18 35.43
CA ALA E 158 14.02 10.89 36.58
C ALA E 158 14.17 12.39 36.27
N THR E 159 14.62 12.70 35.05
CA THR E 159 14.85 14.07 34.60
C THR E 159 13.52 14.84 34.52
N VAL E 160 12.49 14.21 33.94
CA VAL E 160 11.17 14.81 33.76
C VAL E 160 10.51 15.01 35.13
N GLN E 161 10.67 14.02 36.03
CA GLN E 161 10.15 14.09 37.40
C GLN E 161 10.69 15.34 38.10
N MET E 162 12.01 15.54 38.02
CA MET E 162 12.68 16.69 38.62
C MET E 162 12.19 18.00 38.00
N LEU E 163 11.96 17.97 36.68
CA LEU E 163 11.53 19.15 35.91
C LEU E 163 10.15 19.61 36.36
N LEU E 164 9.21 18.66 36.49
CA LEU E 164 7.82 18.94 36.84
C LEU E 164 7.69 19.25 38.33
N ASN E 165 8.27 18.38 39.17
CA ASN E 165 8.09 18.44 40.63
C ASN E 165 8.82 19.66 41.23
N ASP E 166 10.07 19.87 40.83
CA ASP E 166 10.98 20.82 41.50
C ASP E 166 11.14 22.10 40.68
N THR E 167 11.56 21.96 39.42
CA THR E 167 12.07 23.09 38.62
C THR E 167 10.93 24.03 38.21
N CYS E 168 9.83 23.48 37.69
CA CYS E 168 8.69 24.28 37.19
C CYS E 168 8.21 25.25 38.26
N PRO E 169 7.77 24.78 39.46
CA PRO E 169 7.24 25.69 40.48
C PRO E 169 8.27 26.71 40.97
N LEU E 170 9.53 26.27 41.14
CA LEU E 170 10.63 27.13 41.57
C LEU E 170 10.83 28.27 40.56
N PHE E 171 10.85 27.91 39.27
CA PHE E 171 11.13 28.83 38.16
C PHE E 171 10.01 29.88 38.04
N VAL E 172 8.76 29.43 38.10
CA VAL E 172 7.59 30.27 37.88
C VAL E 172 7.43 31.25 39.05
N ARG E 173 7.70 30.77 40.28
CA ARG E 173 7.66 31.62 41.48
C ARG E 173 8.61 32.81 41.30
N GLY E 174 9.74 32.58 40.61
CA GLY E 174 10.68 33.62 40.25
C GLY E 174 10.12 34.59 39.22
N LEU E 175 9.46 34.06 38.20
CA LEU E 175 8.87 34.86 37.10
C LEU E 175 7.84 35.84 37.66
N LEU E 176 6.99 35.37 38.58
CA LEU E 176 5.88 36.16 39.14
C LEU E 176 6.44 37.36 39.92
N GLU E 177 7.56 37.16 40.62
CA GLU E 177 8.26 38.22 41.34
C GLU E 177 8.92 39.18 40.34
N ALA E 178 9.67 38.62 39.39
CA ALA E 178 10.51 39.38 38.45
C ALA E 178 9.63 40.22 37.50
N GLY E 179 8.49 39.66 37.08
CA GLY E 179 7.57 40.32 36.15
C GLY E 179 6.24 40.66 36.79
N LYS E 180 6.29 41.16 38.03
CA LYS E 180 5.09 41.50 38.81
C LYS E 180 4.35 42.66 38.15
N SER E 181 5.07 43.77 37.94
CA SER E 181 4.51 45.01 37.40
C SER E 181 3.96 44.78 35.98
N ASP E 182 4.62 43.92 35.21
CA ASP E 182 4.26 43.64 33.82
C ASP E 182 3.00 42.75 33.79
N LEU E 183 2.86 41.87 34.78
CA LEU E 183 1.69 40.99 34.92
C LEU E 183 0.48 41.79 35.42
N GLU E 184 0.73 42.70 36.37
CA GLU E 184 -0.34 43.43 37.08
C GLU E 184 -0.61 44.79 36.41
N LYS E 185 -0.22 44.93 35.14
CA LYS E 185 -0.39 46.19 34.40
C LYS E 185 -1.88 46.40 34.10
N GLN E 186 -2.26 47.68 33.97
CA GLN E 186 -3.64 48.10 33.71
C GLN E 186 -3.65 49.06 32.50
N GLU E 187 -4.43 48.70 31.47
CA GLU E 187 -4.56 49.49 30.24
C GLU E 187 -6.04 49.80 30.00
N LYS E 188 -6.32 51.02 29.54
CA LYS E 188 -7.68 51.54 29.41
C LYS E 188 -8.26 51.15 28.05
N PRO E 189 -9.50 50.61 27.99
CA PRO E 189 -10.16 50.34 26.71
C PRO E 189 -10.66 51.62 26.03
N VAL E 190 -10.58 51.63 24.69
CA VAL E 190 -11.18 52.65 23.84
C VAL E 190 -12.36 52.02 23.10
N ALA E 191 -13.46 52.76 22.99
CA ALA E 191 -14.70 52.25 22.40
C ALA E 191 -15.15 53.14 21.24
N TRP E 192 -15.89 52.53 20.30
CA TRP E 192 -16.54 53.24 19.19
C TRP E 192 -17.68 52.40 18.65
N LEU E 193 -18.70 53.06 18.10
CA LEU E 193 -19.96 52.44 17.67
C LEU E 193 -20.00 52.34 16.14
N SER E 194 -20.89 51.46 15.65
CA SER E 194 -21.10 51.22 14.22
C SER E 194 -22.35 50.36 14.01
N SER E 195 -22.78 50.20 12.75
CA SER E 195 -24.00 49.47 12.40
C SER E 195 -23.89 48.86 11.00
N VAL E 196 -24.53 47.69 10.84
CA VAL E 196 -24.64 46.98 9.55
C VAL E 196 -26.02 46.34 9.47
N PRO E 197 -26.58 46.13 8.26
CA PRO E 197 -27.85 45.40 8.10
C PRO E 197 -27.64 43.89 8.26
N SER E 198 -28.46 43.26 9.12
CA SER E 198 -28.37 41.83 9.42
C SER E 198 -29.15 41.03 8.37
N SER E 199 -29.26 39.71 8.61
CA SER E 199 -29.95 38.78 7.72
C SER E 199 -31.43 39.18 7.54
N ALA E 200 -32.06 39.65 8.62
CA ALA E 200 -33.48 40.02 8.63
C ALA E 200 -33.71 41.24 7.72
N HIS E 201 -34.98 41.43 7.33
CA HIS E 201 -35.37 42.35 6.26
C HIS E 201 -35.24 43.80 6.75
N GLY E 202 -36.03 44.15 7.77
CA GLY E 202 -36.06 45.50 8.35
C GLY E 202 -35.43 45.54 9.73
N HIS E 203 -34.25 44.94 9.86
CA HIS E 203 -33.51 44.85 11.11
C HIS E 203 -32.07 45.34 10.91
N ARG E 204 -31.59 46.13 11.88
CA ARG E 204 -30.20 46.61 11.93
C ARG E 204 -29.45 45.85 13.03
N GLN E 205 -28.11 45.94 13.01
CA GLN E 205 -27.26 45.30 14.00
C GLN E 205 -26.19 46.29 14.46
N LEU E 206 -26.41 46.88 15.65
CA LEU E 206 -25.48 47.82 16.27
C LEU E 206 -24.31 47.03 16.87
N VAL E 207 -23.08 47.55 16.66
CA VAL E 207 -21.85 46.93 17.14
C VAL E 207 -21.12 47.92 18.04
N CYS E 208 -20.68 47.44 19.21
CA CYS E 208 -19.94 48.23 20.19
C CYS E 208 -18.51 47.67 20.35
N HIS E 209 -17.55 48.33 19.70
CA HIS E 209 -16.16 47.90 19.69
C HIS E 209 -15.47 48.33 20.99
N VAL E 210 -14.60 47.46 21.51
CA VAL E 210 -13.77 47.75 22.68
C VAL E 210 -12.37 47.15 22.41
N SER E 211 -11.33 47.97 22.58
CA SER E 211 -9.97 47.61 22.18
C SER E 211 -8.93 48.26 23.09
N GLY E 212 -7.88 47.50 23.41
CA GLY E 212 -6.67 47.99 24.08
C GLY E 212 -6.77 47.92 25.60
N PHE E 213 -7.40 46.86 26.12
CA PHE E 213 -7.60 46.70 27.56
C PHE E 213 -6.86 45.45 28.05
N TYR E 214 -6.42 45.51 29.31
CA TYR E 214 -5.72 44.42 30.00
C TYR E 214 -5.88 44.62 31.50
N PRO E 215 -6.23 43.56 32.25
CA PRO E 215 -6.30 42.18 31.80
C PRO E 215 -7.62 41.83 31.09
N LYS E 216 -7.83 40.53 30.85
CA LYS E 216 -8.90 40.00 30.00
C LYS E 216 -10.29 40.31 30.57
N PRO E 217 -10.54 40.16 31.89
CA PRO E 217 -11.87 40.41 32.46
C PRO E 217 -12.43 41.81 32.11
N VAL E 218 -13.61 41.83 31.48
CA VAL E 218 -14.27 43.06 31.04
C VAL E 218 -15.79 42.84 30.98
N TRP E 219 -16.54 43.93 31.15
CA TRP E 219 -18.01 43.93 31.12
C TRP E 219 -18.50 44.93 30.06
N VAL E 220 -19.29 44.44 29.10
CA VAL E 220 -19.81 45.24 27.99
C VAL E 220 -21.28 44.87 27.76
N MET E 221 -22.16 45.87 27.78
CA MET E 221 -23.60 45.69 27.59
C MET E 221 -24.19 46.91 26.88
N TRP E 222 -25.14 46.64 25.96
CA TRP E 222 -26.02 47.67 25.39
C TRP E 222 -27.10 47.99 26.42
N MET E 223 -27.46 49.27 26.55
CA MET E 223 -28.40 49.73 27.58
C MET E 223 -29.33 50.80 26.99
N ARG E 224 -30.59 50.75 27.43
CA ARG E 224 -31.60 51.77 27.15
C ARG E 224 -31.92 52.52 28.46
N GLY E 225 -31.22 53.63 28.68
CA GLY E 225 -31.33 54.41 29.92
C GLY E 225 -30.58 53.74 31.06
N ASP E 226 -31.28 52.85 31.78
CA ASP E 226 -30.71 52.04 32.85
C ASP E 226 -31.37 50.66 32.83
N GLN E 227 -31.58 50.13 31.62
CA GLN E 227 -32.24 48.85 31.38
C GLN E 227 -31.33 47.99 30.49
N GLU E 228 -30.85 46.87 31.03
CA GLU E 228 -29.93 45.97 30.33
C GLU E 228 -30.67 45.30 29.16
N GLN E 229 -30.10 45.42 27.95
CA GLN E 229 -30.60 44.77 26.75
C GLN E 229 -30.10 43.32 26.72
N GLN E 230 -31.03 42.37 26.89
CA GLN E 230 -30.69 40.95 27.02
C GLN E 230 -30.39 40.34 25.65
N GLY E 231 -30.64 41.11 24.57
CA GLY E 231 -30.30 40.71 23.20
C GLY E 231 -28.81 40.78 22.91
N THR E 232 -28.06 41.52 23.74
CA THR E 232 -26.62 41.71 23.59
C THR E 232 -25.90 40.36 23.54
N HIS E 233 -25.19 40.11 22.44
CA HIS E 233 -24.34 38.93 22.26
C HIS E 233 -22.91 39.39 21.95
N ARG E 234 -21.99 39.18 22.91
CA ARG E 234 -20.59 39.55 22.77
C ARG E 234 -19.82 38.37 22.17
N GLY E 235 -18.83 38.69 21.33
CA GLY E 235 -18.03 37.70 20.62
C GLY E 235 -16.86 37.20 21.47
N ASP E 236 -15.84 36.67 20.79
CA ASP E 236 -14.64 36.13 21.43
C ASP E 236 -13.68 37.27 21.76
N PHE E 237 -12.74 37.00 22.66
CA PHE E 237 -11.63 37.90 22.98
C PHE E 237 -10.55 37.75 21.91
N LEU E 238 -10.43 38.75 21.03
CA LEU E 238 -9.44 38.76 19.95
C LEU E 238 -8.21 39.53 20.42
N PRO E 239 -6.98 39.01 20.20
CA PRO E 239 -5.76 39.68 20.67
C PRO E 239 -5.30 40.84 19.78
N ASN E 240 -4.54 41.76 20.37
CA ASN E 240 -3.85 42.83 19.65
C ASN E 240 -2.34 42.53 19.67
N ALA E 241 -1.60 43.23 18.81
CA ALA E 241 -0.16 43.02 18.63
C ALA E 241 0.62 43.46 19.88
N ASP E 242 0.14 44.51 20.55
CA ASP E 242 0.83 45.14 21.69
C ASP E 242 0.40 44.49 23.01
N GLU E 243 -0.08 43.23 22.94
CA GLU E 243 -0.45 42.41 24.11
C GLU E 243 -1.56 43.11 24.89
N THR E 244 -2.64 43.47 24.17
CA THR E 244 -3.91 43.91 24.73
C THR E 244 -5.04 43.16 24.00
N TRP E 245 -6.27 43.28 24.51
CA TRP E 245 -7.40 42.50 24.03
C TRP E 245 -8.38 43.37 23.25
N TYR E 246 -9.13 42.73 22.35
CA TYR E 246 -10.18 43.34 21.54
C TYR E 246 -11.46 42.52 21.70
N LEU E 247 -12.60 43.22 21.81
CA LEU E 247 -13.91 42.61 22.01
C LEU E 247 -14.99 43.50 21.38
N GLN E 248 -15.99 42.87 20.74
CA GLN E 248 -17.14 43.57 20.20
C GLN E 248 -18.43 42.90 20.68
N ALA E 249 -19.41 43.73 21.06
CA ALA E 249 -20.73 43.28 21.48
C ALA E 249 -21.77 43.74 20.44
N THR E 250 -22.62 42.79 19.99
CA THR E 250 -23.61 43.04 18.95
C THR E 250 -25.02 42.93 19.54
N LEU E 251 -25.90 43.85 19.12
CA LEU E 251 -27.32 43.85 19.51
C LEU E 251 -28.17 44.07 18.26
N ASP E 252 -29.10 43.14 18.01
CA ASP E 252 -30.01 43.20 16.88
C ASP E 252 -31.21 44.08 17.28
N VAL E 253 -31.52 45.08 16.44
CA VAL E 253 -32.60 46.05 16.69
C VAL E 253 -33.37 46.28 15.39
N GLU E 254 -34.49 47.03 15.51
CA GLU E 254 -35.28 47.46 14.36
C GLU E 254 -34.72 48.80 13.84
N ALA E 255 -34.92 49.04 12.54
CA ALA E 255 -34.47 50.28 11.89
C ALA E 255 -35.35 51.44 12.36
N GLY E 256 -34.72 52.60 12.61
CA GLY E 256 -35.39 53.78 13.16
C GLY E 256 -35.79 53.58 14.61
N GLU E 257 -35.02 52.76 15.33
CA GLU E 257 -35.24 52.46 16.75
C GLU E 257 -33.88 52.35 17.46
N GLU E 258 -32.98 53.29 17.14
CA GLU E 258 -31.65 53.37 17.75
C GLU E 258 -31.53 54.65 18.58
N ALA E 259 -32.68 55.19 19.01
CA ALA E 259 -32.74 56.41 19.80
C ALA E 259 -32.64 56.06 21.29
N GLY E 260 -31.62 56.62 21.95
CA GLY E 260 -31.39 56.43 23.38
C GLY E 260 -30.80 55.07 23.72
N LEU E 261 -30.04 54.50 22.77
CA LEU E 261 -29.29 53.26 22.99
C LEU E 261 -27.82 53.61 23.21
N ALA E 262 -27.27 53.13 24.33
CA ALA E 262 -25.90 53.39 24.74
C ALA E 262 -25.17 52.06 24.98
N CYS E 263 -23.84 52.11 24.94
CA CYS E 263 -22.98 50.97 25.26
C CYS E 263 -22.11 51.31 26.48
N ARG E 264 -22.43 50.67 27.62
CA ARG E 264 -21.71 50.84 28.87
C ARG E 264 -20.58 49.80 28.94
N VAL E 265 -19.40 50.23 29.39
CA VAL E 265 -18.21 49.38 29.50
C VAL E 265 -17.53 49.65 30.85
N LYS E 266 -17.49 48.61 31.69
CA LYS E 266 -16.75 48.63 32.96
C LYS E 266 -15.44 47.86 32.78
N HIS E 267 -14.37 48.35 33.43
CA HIS E 267 -13.07 47.69 33.44
C HIS E 267 -12.27 48.18 34.64
N SER E 268 -11.36 47.32 35.14
CA SER E 268 -10.58 47.57 36.35
C SER E 268 -9.70 48.82 36.20
N SER E 269 -9.15 49.03 34.99
CA SER E 269 -8.21 50.12 34.71
C SER E 269 -8.91 51.47 34.77
N LEU E 270 -10.20 51.51 34.42
CA LEU E 270 -11.00 52.74 34.39
C LEU E 270 -11.20 53.24 35.84
N GLY E 271 -11.54 52.31 36.74
CA GLY E 271 -11.67 52.58 38.16
C GLY E 271 -12.80 53.56 38.46
N GLY E 272 -14.04 53.06 38.33
CA GLY E 272 -15.25 53.83 38.65
C GLY E 272 -15.82 54.54 37.43
N GLN E 273 -14.97 55.33 36.75
CA GLN E 273 -15.36 56.14 35.60
C GLN E 273 -15.61 55.23 34.39
N ASP E 274 -16.83 54.68 34.31
CA ASP E 274 -17.23 53.77 33.24
C ASP E 274 -17.41 54.57 31.94
N ILE E 275 -17.16 53.89 30.81
CA ILE E 275 -17.31 54.48 29.47
C ILE E 275 -18.75 54.25 29.01
N ILE E 276 -19.37 55.33 28.51
CA ILE E 276 -20.71 55.31 27.94
C ILE E 276 -20.66 56.05 26.59
N LEU E 277 -21.12 55.39 25.53
CA LEU E 277 -21.22 55.97 24.20
C LEU E 277 -22.67 55.86 23.70
N TYR E 278 -23.30 57.02 23.44
CA TYR E 278 -24.66 57.11 22.96
C TYR E 278 -24.66 57.15 21.42
N TRP E 279 -25.70 56.56 20.83
CA TRP E 279 -25.87 56.50 19.38
C TRP E 279 -26.35 57.87 18.87
N THR F 3 35.87 10.15 14.48
CA THR F 3 34.95 9.25 15.25
C THR F 3 34.58 9.93 16.58
N GLN F 4 33.51 9.42 17.20
CA GLN F 4 32.93 10.02 18.41
C GLN F 4 33.45 9.30 19.67
N VAL F 5 34.21 8.21 19.50
CA VAL F 5 34.77 7.45 20.61
C VAL F 5 36.22 7.10 20.29
N GLU F 6 37.15 7.60 21.12
CA GLU F 6 38.59 7.38 20.97
C GLU F 6 39.14 6.72 22.24
N GLN F 7 39.98 5.69 22.05
CA GLN F 7 40.58 4.93 23.14
C GLN F 7 42.10 5.13 23.13
N SER F 8 42.71 4.94 24.31
CA SER F 8 44.15 5.09 24.51
C SER F 8 44.59 4.18 25.66
N PRO F 9 45.74 3.52 25.54
CA PRO F 9 46.59 3.50 24.36
C PRO F 9 46.02 2.62 23.25
N GLN F 10 46.57 2.75 22.03
CA GLN F 10 46.18 1.93 20.89
C GLN F 10 46.55 0.47 21.18
N SER F 11 47.74 0.26 21.73
CA SER F 11 48.19 -1.04 22.21
C SER F 11 49.25 -0.85 23.30
N LEU F 12 49.47 -1.90 24.11
CA LEU F 12 50.48 -1.88 25.17
C LEU F 12 50.87 -3.32 25.54
N VAL F 13 52.08 -3.46 26.09
CA VAL F 13 52.65 -4.73 26.53
C VAL F 13 53.03 -4.61 28.01
N VAL F 14 52.56 -5.57 28.82
CA VAL F 14 52.81 -5.59 30.26
C VAL F 14 53.24 -7.00 30.68
N ARG F 15 54.06 -7.08 31.72
CA ARG F 15 54.47 -8.35 32.31
C ARG F 15 53.38 -8.82 33.29
N GLN F 16 53.29 -10.13 33.48
CA GLN F 16 52.30 -10.76 34.37
C GLN F 16 52.51 -10.25 35.80
N GLY F 17 51.43 -9.81 36.43
CA GLY F 17 51.43 -9.31 37.80
C GLY F 17 51.29 -7.80 37.87
N GLU F 18 51.67 -7.10 36.79
CA GLU F 18 51.64 -5.64 36.72
C GLU F 18 50.19 -5.18 36.49
N ASN F 19 49.95 -3.90 36.79
CA ASN F 19 48.66 -3.24 36.54
C ASN F 19 48.74 -2.46 35.22
N CYS F 20 47.57 -2.08 34.69
CA CYS F 20 47.48 -1.22 33.50
C CYS F 20 46.13 -0.51 33.48
N VAL F 21 46.13 0.72 32.93
CA VAL F 21 44.97 1.60 32.89
C VAL F 21 44.65 1.91 31.43
N LEU F 22 43.40 1.65 31.03
CA LEU F 22 42.91 1.89 29.68
C LEU F 22 42.00 3.12 29.69
N GLN F 23 42.19 4.02 28.71
CA GLN F 23 41.45 5.28 28.62
C GLN F 23 40.33 5.15 27.59
N CYS F 24 39.31 6.01 27.70
CA CYS F 24 38.23 6.12 26.73
C CYS F 24 37.60 7.52 26.83
N ASN F 25 37.87 8.36 25.82
CA ASN F 25 37.26 9.67 25.68
C ASN F 25 36.24 9.62 24.54
N TYR F 26 35.12 10.32 24.70
CA TYR F 26 34.05 10.35 23.70
C TYR F 26 33.47 11.77 23.58
N SER F 27 32.82 12.02 22.44
CA SER F 27 32.11 13.28 22.18
C SER F 27 30.64 13.01 21.86
N VAL F 28 30.15 11.82 22.23
CA VAL F 28 28.76 11.40 21.99
C VAL F 28 27.85 12.23 22.91
N THR F 29 26.69 12.64 22.37
CA THR F 29 25.70 13.43 23.11
C THR F 29 24.30 13.00 22.68
N PRO F 30 23.45 12.61 23.65
CA PRO F 30 23.79 12.50 25.06
C PRO F 30 24.51 11.17 25.35
N ASP F 31 24.91 10.99 26.61
CA ASP F 31 25.64 9.80 27.07
C ASP F 31 24.87 9.15 28.23
N ASN F 32 24.04 8.16 27.91
CA ASN F 32 23.21 7.45 28.89
C ASN F 32 24.10 6.53 29.73
N HIS F 33 24.83 5.64 29.04
CA HIS F 33 25.67 4.64 29.70
C HIS F 33 26.92 4.37 28.85
N LEU F 34 27.91 3.75 29.50
CA LEU F 34 29.17 3.34 28.87
C LEU F 34 29.47 1.91 29.30
N ARG F 35 29.84 1.05 28.33
CA ARG F 35 30.11 -0.36 28.56
C ARG F 35 31.51 -0.71 28.05
N TRP F 36 32.24 -1.51 28.83
CA TRP F 36 33.54 -2.05 28.45
C TRP F 36 33.37 -3.53 28.07
N PHE F 37 33.80 -3.87 26.85
CA PHE F 37 33.81 -5.25 26.37
C PHE F 37 35.23 -5.80 26.42
N LYS F 38 35.34 -7.13 26.34
CA LYS F 38 36.61 -7.85 26.23
C LYS F 38 36.50 -8.86 25.09
N GLN F 39 37.34 -8.70 24.07
CA GLN F 39 37.32 -9.55 22.88
C GLN F 39 38.66 -10.29 22.74
N ASP F 40 38.64 -11.58 23.05
CA ASP F 40 39.79 -12.47 22.86
C ASP F 40 39.98 -12.71 21.36
N THR F 41 41.17 -13.23 21.01
CA THR F 41 41.56 -13.47 19.62
C THR F 41 40.57 -14.44 18.96
N GLY F 42 39.75 -13.91 18.04
CA GLY F 42 38.77 -14.68 17.29
C GLY F 42 37.63 -15.18 18.16
N LYS F 43 37.06 -14.27 18.96
CA LYS F 43 36.00 -14.59 19.91
C LYS F 43 34.99 -13.43 19.97
N GLY F 44 33.91 -13.64 20.74
CA GLY F 44 32.82 -12.67 20.87
C GLY F 44 33.15 -11.57 21.87
N LEU F 45 32.10 -10.86 22.30
CA LEU F 45 32.21 -9.69 23.15
C LEU F 45 31.72 -10.02 24.57
N VAL F 46 32.68 -10.23 25.48
CA VAL F 46 32.40 -10.46 26.90
C VAL F 46 32.33 -9.09 27.61
N SER F 47 31.16 -8.76 28.14
CA SER F 47 30.94 -7.52 28.89
C SER F 47 31.63 -7.60 30.25
N LEU F 48 32.35 -6.53 30.60
CA LEU F 48 33.09 -6.45 31.87
C LEU F 48 32.25 -5.69 32.91
N THR F 49 31.77 -4.50 32.53
CA THR F 49 30.95 -3.66 33.41
C THR F 49 30.21 -2.61 32.57
N VAL F 50 29.28 -1.90 33.23
CA VAL F 50 28.49 -0.82 32.62
C VAL F 50 28.31 0.30 33.67
N LEU F 51 28.55 1.54 33.23
CA LEU F 51 28.47 2.73 34.09
C LEU F 51 27.36 3.65 33.57
N VAL F 52 26.59 4.23 34.50
CA VAL F 52 25.34 4.94 34.18
C VAL F 52 25.30 6.34 34.84
N ASP F 53 25.78 6.45 36.09
CA ASP F 53 25.70 7.69 36.86
C ASP F 53 26.70 8.72 36.32
N GLN F 54 26.55 9.97 36.78
CA GLN F 54 27.38 11.12 36.37
C GLN F 54 28.84 10.87 36.77
N LYS F 55 29.04 10.49 38.05
CA LYS F 55 30.35 10.11 38.60
C LYS F 55 30.24 8.69 39.16
N ASP F 56 30.21 7.70 38.25
CA ASP F 56 29.96 6.30 38.60
C ASP F 56 31.31 5.57 38.78
N LYS F 57 31.29 4.56 39.67
CA LYS F 57 32.41 3.65 39.90
C LYS F 57 31.86 2.21 39.91
N THR F 58 32.59 1.29 39.27
CA THR F 58 32.18 -0.10 39.17
C THR F 58 33.39 -1.02 39.42
N SER F 59 33.12 -2.30 39.64
CA SER F 59 34.14 -3.32 39.87
C SER F 59 33.61 -4.70 39.44
N ASN F 60 34.56 -5.59 39.12
CA ASN F 60 34.28 -6.96 38.70
C ASN F 60 35.52 -7.81 39.01
N GLY F 61 35.83 -7.91 40.31
CA GLY F 61 37.00 -8.64 40.79
C GLY F 61 38.28 -7.86 40.55
N ARG F 62 39.06 -8.29 39.54
CA ARG F 62 40.32 -7.65 39.18
C ARG F 62 40.04 -6.41 38.31
N TYR F 63 38.96 -6.46 37.53
CA TYR F 63 38.51 -5.34 36.70
C TYR F 63 37.81 -4.30 37.57
N SER F 64 38.08 -3.02 37.30
CA SER F 64 37.34 -1.89 37.87
C SER F 64 37.41 -0.70 36.91
N ALA F 65 36.38 0.14 36.93
CA ALA F 65 36.23 1.24 35.98
C ALA F 65 35.57 2.45 36.65
N THR F 66 35.75 3.62 36.03
CA THR F 66 35.15 4.87 36.45
C THR F 66 34.61 5.62 35.21
N LEU F 67 33.78 6.64 35.46
CA LEU F 67 33.16 7.43 34.41
C LEU F 67 32.86 8.83 34.95
N ASP F 68 33.25 9.86 34.19
CA ASP F 68 32.87 11.25 34.43
C ASP F 68 32.24 11.82 33.16
N LYS F 69 30.92 12.05 33.22
CA LYS F 69 30.13 12.49 32.07
C LYS F 69 30.40 13.96 31.75
N ASP F 70 30.81 14.73 32.77
CA ASP F 70 31.18 16.14 32.60
C ASP F 70 32.40 16.25 31.68
N ALA F 71 33.41 15.41 31.95
CA ALA F 71 34.66 15.36 31.18
C ALA F 71 34.48 14.49 29.92
N LYS F 72 33.47 13.61 29.95
CA LYS F 72 33.21 12.60 28.90
C LYS F 72 34.42 11.66 28.81
N HIS F 73 34.80 11.09 29.95
CA HIS F 73 36.01 10.31 30.11
C HIS F 73 35.71 9.05 30.94
N SER F 74 36.40 7.95 30.62
CA SER F 74 36.23 6.68 31.31
C SER F 74 37.55 5.89 31.29
N THR F 75 37.86 5.25 32.43
CA THR F 75 39.06 4.44 32.60
C THR F 75 38.66 3.01 32.98
N LEU F 76 39.54 2.06 32.69
CA LEU F 76 39.38 0.64 33.06
C LEU F 76 40.70 0.14 33.66
N HIS F 77 40.72 -0.02 34.99
CA HIS F 77 41.89 -0.50 35.72
CA HIS F 77 41.89 -0.50 35.72
C HIS F 77 41.85 -2.04 35.78
N ILE F 78 43.01 -2.66 35.55
CA ILE F 78 43.18 -4.11 35.62
C ILE F 78 44.28 -4.41 36.64
N THR F 79 43.88 -4.89 37.82
CA THR F 79 44.81 -5.24 38.89
C THR F 79 45.34 -6.67 38.65
N ALA F 80 46.66 -6.84 38.79
CA ALA F 80 47.34 -8.13 38.67
C ALA F 80 46.95 -8.83 37.37
N THR F 81 47.51 -8.36 36.25
CA THR F 81 47.22 -8.89 34.93
C THR F 81 47.70 -10.34 34.83
N LEU F 82 46.81 -11.22 34.36
CA LEU F 82 47.13 -12.63 34.06
C LEU F 82 47.23 -12.81 32.55
N LEU F 83 47.70 -14.00 32.14
CA LEU F 83 47.95 -14.33 30.73
C LEU F 83 46.67 -14.18 29.90
N ASP F 84 45.52 -14.57 30.50
CA ASP F 84 44.23 -14.64 29.81
C ASP F 84 43.68 -13.23 29.51
N ASP F 85 44.24 -12.20 30.16
CA ASP F 85 43.85 -10.81 29.92
C ASP F 85 44.30 -10.34 28.54
N THR F 86 45.24 -11.08 27.92
CA THR F 86 45.68 -10.83 26.54
C THR F 86 44.46 -10.82 25.61
N ALA F 87 43.98 -9.62 25.28
CA ALA F 87 42.77 -9.44 24.46
C ALA F 87 42.65 -7.98 24.03
N THR F 88 41.65 -7.71 23.18
CA THR F 88 41.27 -6.36 22.77
C THR F 88 40.10 -5.89 23.65
N TYR F 89 40.26 -4.70 24.26
CA TYR F 89 39.28 -4.13 25.18
C TYR F 89 38.58 -2.94 24.49
N ILE F 90 37.27 -3.09 24.25
CA ILE F 90 36.48 -2.15 23.45
C ILE F 90 35.63 -1.29 24.39
N CYS F 91 35.49 -0.01 24.02
CA CYS F 91 34.71 0.97 24.73
C CYS F 91 33.47 1.34 23.89
N VAL F 92 32.29 1.30 24.52
CA VAL F 92 31.01 1.51 23.85
C VAL F 92 30.19 2.54 24.65
N VAL F 93 29.54 3.46 23.93
CA VAL F 93 28.69 4.49 24.52
C VAL F 93 27.31 4.43 23.86
N GLY F 94 26.28 4.21 24.68
CA GLY F 94 24.88 4.27 24.25
C GLY F 94 24.27 5.63 24.58
N ASP F 95 23.59 6.22 23.60
CA ASP F 95 23.12 7.61 23.69
C ASP F 95 21.69 7.68 24.22
N ARG F 96 21.04 6.52 24.44
CA ARG F 96 19.73 6.45 25.08
C ARG F 96 19.74 5.35 26.14
N GLY F 97 18.70 5.35 26.98
CA GLY F 97 18.43 4.30 27.96
C GLY F 97 17.30 3.39 27.50
N SER F 98 17.24 3.14 26.18
CA SER F 98 16.19 2.34 25.55
C SER F 98 16.69 1.82 24.20
N ALA F 99 15.84 1.07 23.51
CA ALA F 99 16.16 0.44 22.22
C ALA F 99 16.21 1.49 21.09
N LEU F 100 15.76 2.71 21.39
CA LEU F 100 15.83 3.84 20.46
C LEU F 100 17.28 4.27 20.23
N GLY F 101 18.14 4.02 21.23
CA GLY F 101 19.53 4.45 21.22
C GLY F 101 20.39 3.71 20.21
N ARG F 102 21.45 4.39 19.76
CA ARG F 102 22.49 3.83 18.92
C ARG F 102 23.75 3.65 19.77
N LEU F 103 24.53 2.59 19.48
CA LEU F 103 25.77 2.29 20.17
C LEU F 103 26.95 2.81 19.33
N HIS F 104 27.81 3.62 19.98
CA HIS F 104 29.01 4.18 19.36
C HIS F 104 30.24 3.44 19.88
N PHE F 105 30.89 2.66 19.01
CA PHE F 105 31.98 1.76 19.38
C PHE F 105 33.33 2.46 19.17
N GLY F 106 34.30 2.11 20.03
CA GLY F 106 35.70 2.49 19.87
C GLY F 106 36.45 1.42 19.11
N ALA F 107 37.66 1.78 18.63
CA ALA F 107 38.52 0.90 17.86
C ALA F 107 39.07 -0.23 18.75
N GLY F 108 39.32 0.09 20.02
CA GLY F 108 39.75 -0.87 21.03
C GLY F 108 41.20 -0.63 21.44
N THR F 109 41.63 -1.41 22.44
CA THR F 109 42.99 -1.35 23.00
C THR F 109 43.55 -2.77 23.08
N GLN F 110 44.55 -3.06 22.24
CA GLN F 110 45.19 -4.38 22.19
C GLN F 110 46.16 -4.53 23.36
N LEU F 111 45.80 -5.37 24.33
CA LEU F 111 46.64 -5.68 25.48
C LEU F 111 47.37 -7.01 25.24
N ILE F 112 48.66 -7.04 25.60
CA ILE F 112 49.49 -8.24 25.54
C ILE F 112 50.19 -8.40 26.89
N VAL F 113 49.89 -9.51 27.58
CA VAL F 113 50.48 -9.85 28.87
C VAL F 113 51.58 -10.89 28.63
N ILE F 114 52.82 -10.56 29.00
CA ILE F 114 53.96 -11.46 28.92
C ILE F 114 53.95 -12.35 30.15
N PRO F 115 53.95 -13.70 29.99
CA PRO F 115 53.83 -14.61 31.11
C PRO F 115 55.10 -14.70 31.97
N ASP F 116 54.92 -14.93 33.28
CA ASP F 116 56.00 -15.05 34.24
C ASP F 116 56.42 -16.52 34.34
N ILE F 117 57.55 -16.86 33.68
CA ILE F 117 58.12 -18.21 33.72
C ILE F 117 59.01 -18.30 34.97
N GLN F 118 58.65 -19.22 35.88
CA GLN F 118 59.33 -19.39 37.16
C GLN F 118 60.64 -20.14 36.96
N ASN F 119 60.54 -21.38 36.46
CA ASN F 119 61.67 -22.30 36.36
C ASN F 119 61.92 -22.65 34.89
N PRO F 120 62.82 -21.93 34.18
CA PRO F 120 63.16 -22.27 32.80
C PRO F 120 64.10 -23.49 32.74
N ASP F 121 64.02 -24.23 31.63
CA ASP F 121 64.80 -25.45 31.42
C ASP F 121 64.93 -25.68 29.90
N PRO F 122 65.66 -24.78 29.18
CA PRO F 122 65.64 -24.77 27.72
C PRO F 122 66.20 -26.07 27.10
N ALA F 123 65.52 -26.56 26.07
CA ALA F 123 65.87 -27.79 25.38
C ALA F 123 65.26 -27.81 23.98
N VAL F 124 65.89 -28.57 23.08
CA VAL F 124 65.42 -28.77 21.70
C VAL F 124 65.32 -30.27 21.43
N TYR F 125 64.09 -30.79 21.49
CA TYR F 125 63.81 -32.21 21.28
C TYR F 125 63.39 -32.44 19.82
N GLN F 126 63.50 -33.70 19.37
CA GLN F 126 63.02 -34.14 18.06
C GLN F 126 61.81 -35.06 18.25
N LEU F 127 60.71 -34.71 17.57
CA LEU F 127 59.47 -35.49 17.58
C LEU F 127 59.32 -36.19 16.23
N ARG F 128 58.56 -37.31 16.21
CA ARG F 128 58.39 -38.14 15.01
C ARG F 128 56.90 -38.33 14.73
N ASP F 129 56.55 -38.38 13.44
CA ASP F 129 55.18 -38.52 12.96
C ASP F 129 54.72 -39.98 13.15
N SER F 130 53.44 -40.15 13.46
CA SER F 130 52.84 -41.45 13.78
C SER F 130 52.70 -42.32 12.53
N LYS F 131 52.20 -41.71 11.44
CA LYS F 131 51.93 -42.42 10.18
C LYS F 131 53.25 -42.94 9.58
N SER F 132 54.12 -42.01 9.19
CA SER F 132 55.43 -42.31 8.60
C SER F 132 56.53 -41.63 9.43
N SER F 133 57.50 -42.43 9.89
CA SER F 133 58.52 -42.00 10.85
C SER F 133 59.70 -41.29 10.15
N ASP F 134 59.64 -41.18 8.82
CA ASP F 134 60.65 -40.47 8.03
C ASP F 134 60.63 -38.98 8.37
N LYS F 135 59.42 -38.41 8.53
CA LYS F 135 59.21 -36.99 8.79
C LYS F 135 59.40 -36.73 10.29
N SER F 136 59.76 -35.48 10.63
CA SER F 136 60.05 -35.08 12.00
C SER F 136 59.98 -33.54 12.14
N VAL F 137 59.90 -33.08 13.39
CA VAL F 137 59.92 -31.66 13.74
C VAL F 137 60.86 -31.47 14.93
N CYS F 138 61.39 -30.24 15.07
CA CYS F 138 62.25 -29.86 16.19
C CYS F 138 61.50 -28.89 17.10
N LEU F 139 61.41 -29.25 18.39
CA LEU F 139 60.61 -28.53 19.37
C LEU F 139 61.55 -27.85 20.39
N PHE F 140 61.82 -26.56 20.17
CA PHE F 140 62.50 -25.71 21.14
C PHE F 140 61.48 -25.22 22.17
N THR F 141 61.71 -25.56 23.44
CA THR F 141 60.71 -25.37 24.51
C THR F 141 61.39 -25.08 25.85
N ASP F 142 60.58 -24.61 26.81
CA ASP F 142 60.95 -24.38 28.21
C ASP F 142 62.05 -23.31 28.30
N PHE F 143 61.82 -22.19 27.62
CA PHE F 143 62.69 -21.02 27.69
C PHE F 143 61.87 -19.82 28.20
N ASP F 144 62.55 -18.92 28.93
CA ASP F 144 61.90 -17.76 29.55
C ASP F 144 61.56 -16.72 28.46
N SER F 145 60.77 -15.72 28.84
CA SER F 145 60.22 -14.72 27.92
C SER F 145 61.32 -13.83 27.33
N GLN F 146 62.48 -13.77 28.01
CA GLN F 146 63.63 -12.96 27.57
C GLN F 146 64.15 -13.45 26.22
N THR F 147 64.12 -14.78 26.01
CA THR F 147 64.58 -15.40 24.75
C THR F 147 63.58 -15.06 23.64
N ASN F 148 64.11 -14.70 22.46
CA ASN F 148 63.32 -14.37 21.27
C ASN F 148 63.74 -15.29 20.13
N VAL F 149 62.75 -15.97 19.53
CA VAL F 149 62.95 -16.85 18.37
C VAL F 149 62.76 -16.02 17.11
N SER F 150 63.59 -16.30 16.08
CA SER F 150 63.59 -15.57 14.82
C SER F 150 63.30 -16.52 13.65
N GLN F 151 62.94 -15.93 12.51
CA GLN F 151 62.67 -16.68 11.27
C GLN F 151 63.98 -17.33 10.78
N SER F 152 63.84 -18.42 10.01
CA SER F 152 64.97 -19.23 9.56
C SER F 152 65.76 -18.50 8.47
N LYS F 153 67.03 -18.88 8.32
CA LYS F 153 67.91 -18.38 7.26
C LYS F 153 67.47 -18.97 5.93
N ASP F 154 67.37 -20.31 5.87
CA ASP F 154 66.87 -21.03 4.72
C ASP F 154 65.34 -20.91 4.67
N SER F 155 64.81 -20.57 3.50
CA SER F 155 63.37 -20.38 3.29
C SER F 155 62.63 -21.73 3.26
N ASP F 156 63.36 -22.80 2.90
CA ASP F 156 62.84 -24.16 2.89
C ASP F 156 62.56 -24.62 4.33
N VAL F 157 63.39 -24.15 5.27
CA VAL F 157 63.21 -24.41 6.70
C VAL F 157 62.14 -23.46 7.24
N TYR F 158 61.20 -24.00 8.02
CA TYR F 158 60.08 -23.25 8.59
C TYR F 158 60.20 -23.23 10.12
N ILE F 159 60.17 -22.03 10.71
CA ILE F 159 60.19 -21.84 12.15
C ILE F 159 59.04 -20.91 12.53
N THR F 160 58.23 -21.33 13.52
CA THR F 160 57.07 -20.58 13.99
C THR F 160 57.52 -19.57 15.07
N ASP F 161 56.67 -18.58 15.32
CA ASP F 161 56.87 -17.60 16.38
C ASP F 161 56.60 -18.30 17.72
N LYS F 162 57.20 -17.78 18.80
CA LYS F 162 57.08 -18.38 20.13
C LYS F 162 55.64 -18.24 20.62
N CYS F 163 55.19 -19.24 21.40
CA CYS F 163 53.82 -19.33 21.90
C CYS F 163 53.84 -20.03 23.26
N VAL F 164 52.93 -19.59 24.15
CA VAL F 164 52.87 -20.08 25.53
C VAL F 164 51.57 -20.89 25.73
N LEU F 165 51.69 -21.96 26.51
CA LEU F 165 50.55 -22.80 26.92
C LEU F 165 50.44 -22.77 28.45
N ASP F 166 49.31 -23.24 28.97
CA ASP F 166 48.99 -23.14 30.38
C ASP F 166 48.28 -24.42 30.84
N MET F 167 49.05 -25.33 31.45
CA MET F 167 48.52 -26.50 32.13
C MET F 167 47.91 -26.05 33.47
N ARG F 168 46.58 -25.93 33.50
CA ARG F 168 45.85 -25.27 34.58
C ARG F 168 45.80 -26.16 35.83
N SER F 169 45.75 -27.48 35.64
CA SER F 169 45.66 -28.46 36.72
C SER F 169 46.94 -28.43 37.57
N MET F 170 48.09 -28.22 36.92
CA MET F 170 49.41 -28.23 37.58
C MET F 170 49.90 -26.81 37.83
N ASP F 171 49.20 -25.80 37.30
CA ASP F 171 49.59 -24.38 37.41
C ASP F 171 51.02 -24.22 36.86
N PHE F 172 51.15 -24.44 35.55
CA PHE F 172 52.45 -24.48 34.87
C PHE F 172 52.32 -23.80 33.50
N LYS F 173 53.28 -22.93 33.19
CA LYS F 173 53.36 -22.22 31.90
C LYS F 173 54.75 -22.43 31.30
N SER F 174 54.82 -22.47 29.97
CA SER F 174 56.07 -22.70 29.26
C SER F 174 55.95 -22.23 27.79
N ASN F 175 56.95 -21.47 27.33
CA ASN F 175 57.07 -21.07 25.94
C ASN F 175 57.51 -22.28 25.10
N SER F 176 57.26 -22.20 23.79
CA SER F 176 57.59 -23.27 22.85
C SER F 176 57.55 -22.74 21.42
N ALA F 177 58.32 -23.40 20.54
CA ALA F 177 58.38 -23.07 19.11
C ALA F 177 58.79 -24.32 18.33
N VAL F 178 58.14 -24.53 17.17
CA VAL F 178 58.35 -25.69 16.31
C VAL F 178 59.19 -25.28 15.11
N ALA F 179 59.96 -26.24 14.57
CA ALA F 179 60.76 -26.05 13.36
C ALA F 179 60.77 -27.36 12.55
N TRP F 180 60.67 -27.24 11.22
CA TRP F 180 60.66 -28.38 10.31
C TRP F 180 61.15 -27.95 8.92
N SER F 181 61.52 -28.94 8.09
CA SER F 181 62.01 -28.70 6.73
C SER F 181 61.92 -29.98 5.89
N ASN F 182 62.36 -29.88 4.64
CA ASN F 182 62.42 -31.00 3.69
C ASN F 182 63.77 -30.96 2.96
N ASP F 185 68.66 -34.35 6.38
CA ASP F 185 69.87 -33.63 6.71
C ASP F 185 69.58 -32.57 7.78
N PHE F 186 68.41 -31.92 7.68
CA PHE F 186 67.93 -30.93 8.64
C PHE F 186 67.84 -31.57 10.03
N ALA F 187 68.75 -31.16 10.92
CA ALA F 187 68.83 -31.64 12.31
C ALA F 187 68.41 -30.52 13.27
N CYS F 188 68.15 -30.90 14.53
CA CYS F 188 67.67 -29.99 15.56
C CYS F 188 68.81 -29.11 16.11
N ALA F 189 70.04 -29.58 15.96
CA ALA F 189 71.24 -28.81 16.33
C ALA F 189 71.40 -27.61 15.39
N ASN F 190 71.01 -27.78 14.12
CA ASN F 190 71.15 -26.76 13.07
C ASN F 190 69.84 -25.97 12.91
N ALA F 191 68.77 -26.41 13.59
CA ALA F 191 67.42 -25.87 13.43
C ALA F 191 67.36 -24.40 13.88
N PHE F 192 67.78 -24.16 15.13
CA PHE F 192 67.68 -22.85 15.76
C PHE F 192 69.09 -22.23 15.87
N ASN F 193 69.79 -22.14 14.74
CA ASN F 193 71.08 -21.48 14.65
C ASN F 193 70.89 -19.97 14.66
N ASN F 194 70.05 -19.47 13.75
CA ASN F 194 69.78 -18.05 13.58
C ASN F 194 68.79 -17.60 14.66
N SER F 195 69.23 -17.65 15.92
CA SER F 195 68.42 -17.31 17.09
C SER F 195 69.32 -17.30 18.33
N ILE F 196 69.21 -16.23 19.13
CA ILE F 196 69.99 -16.06 20.35
C ILE F 196 69.36 -16.90 21.46
N ILE F 197 69.70 -18.20 21.48
CA ILE F 197 69.20 -19.16 22.46
C ILE F 197 70.14 -19.17 23.66
N PRO F 198 69.64 -19.47 24.88
CA PRO F 198 70.51 -19.63 26.05
C PRO F 198 71.65 -20.63 25.83
N GLU F 199 72.75 -20.45 26.58
CA GLU F 199 73.96 -21.25 26.44
C GLU F 199 73.74 -22.66 27.03
N ASP F 200 72.86 -22.77 28.02
CA ASP F 200 72.62 -24.02 28.75
C ASP F 200 71.40 -24.76 28.17
N THR F 201 71.31 -24.78 26.84
CA THR F 201 70.22 -25.47 26.12
C THR F 201 70.58 -26.96 26.01
N PHE F 202 69.65 -27.82 26.41
CA PHE F 202 69.83 -29.27 26.43
C PHE F 202 69.52 -29.84 25.04
N PHE F 203 70.56 -30.33 24.36
CA PHE F 203 70.45 -31.03 23.08
C PHE F 203 70.70 -32.52 23.30
N PRO F 204 69.63 -33.35 23.45
CA PRO F 204 69.81 -34.78 23.73
C PRO F 204 70.24 -35.58 22.50
N SER F 205 70.80 -36.77 22.75
CA SER F 205 71.22 -37.71 21.71
C SER F 205 71.39 -39.10 22.31
N ALA G 3 19.31 -15.78 27.28
CA ALA G 3 19.54 -14.55 26.47
C ALA G 3 20.65 -14.78 25.42
N ALA G 4 20.62 -15.98 24.81
CA ALA G 4 21.63 -16.40 23.84
C ALA G 4 21.18 -16.06 22.41
N VAL G 5 22.16 -15.84 21.54
CA VAL G 5 21.95 -15.57 20.12
C VAL G 5 22.95 -16.41 19.32
N THR G 6 22.48 -16.98 18.20
CA THR G 6 23.27 -17.89 17.37
C THR G 6 23.36 -17.34 15.95
N GLN G 7 24.54 -17.56 15.32
CA GLN G 7 24.82 -17.13 13.95
C GLN G 7 25.30 -18.33 13.13
N SER G 8 25.00 -18.30 11.82
CA SER G 8 25.43 -19.33 10.88
C SER G 8 25.45 -18.77 9.47
N PRO G 9 26.51 -19.07 8.70
CA PRO G 9 27.65 -19.85 9.13
C PRO G 9 28.59 -19.07 10.05
N ARG G 10 29.43 -19.78 10.81
CA ARG G 10 30.40 -19.18 11.71
C ARG G 10 31.64 -18.73 10.92
N ASN G 11 31.94 -19.43 9.82
CA ASN G 11 33.08 -19.14 8.96
C ASN G 11 32.68 -19.47 7.51
N LYS G 12 33.02 -18.57 6.58
CA LYS G 12 32.56 -18.64 5.19
C LYS G 12 33.65 -18.13 4.24
N VAL G 13 33.83 -18.84 3.13
CA VAL G 13 34.69 -18.43 2.01
C VAL G 13 33.80 -18.32 0.76
N ALA G 14 33.96 -17.22 0.02
CA ALA G 14 33.14 -16.92 -1.15
C ALA G 14 34.00 -16.24 -2.24
N VAL G 15 33.44 -16.19 -3.45
CA VAL G 15 34.09 -15.58 -4.61
C VAL G 15 33.31 -14.31 -4.98
N THR G 16 33.99 -13.38 -5.68
CA THR G 16 33.39 -12.15 -6.17
C THR G 16 32.26 -12.49 -7.15
N GLY G 17 31.10 -11.84 -6.95
CA GLY G 17 29.92 -12.02 -7.80
C GLY G 17 28.92 -13.00 -7.21
N GLY G 18 29.36 -13.81 -6.25
CA GLY G 18 28.53 -14.83 -5.63
C GLY G 18 27.58 -14.25 -4.59
N LYS G 19 26.56 -15.04 -4.22
CA LYS G 19 25.58 -14.68 -3.20
C LYS G 19 26.02 -15.29 -1.87
N VAL G 20 25.97 -14.46 -0.81
CA VAL G 20 26.31 -14.89 0.55
C VAL G 20 25.16 -14.46 1.48
N THR G 21 24.68 -15.41 2.29
CA THR G 21 23.56 -15.20 3.20
C THR G 21 23.98 -15.56 4.63
N LEU G 22 24.20 -14.52 5.45
CA LEU G 22 24.51 -14.66 6.86
C LEU G 22 23.18 -14.62 7.64
N SER G 23 22.94 -15.68 8.44
CA SER G 23 21.71 -15.83 9.20
C SER G 23 21.98 -15.63 10.71
N CYS G 24 20.91 -15.36 11.45
CA CYS G 24 20.99 -15.06 12.88
C CYS G 24 19.67 -15.44 13.58
N ASN G 25 19.69 -16.57 14.28
CA ASN G 25 18.52 -17.09 15.02
C ASN G 25 18.58 -16.58 16.47
N GLN G 26 17.39 -16.39 17.06
CA GLN G 26 17.24 -15.82 18.40
C GLN G 26 15.89 -16.30 18.99
N THR G 27 15.95 -16.94 20.16
CA THR G 27 14.77 -17.53 20.81
C THR G 27 14.50 -16.82 22.15
N ASN G 28 14.61 -15.48 22.15
CA ASN G 28 14.38 -14.65 23.33
C ASN G 28 13.09 -13.85 23.17
N ASN G 29 12.44 -13.97 21.99
CA ASN G 29 11.25 -13.21 21.62
C ASN G 29 11.57 -11.71 21.64
N HIS G 30 12.79 -11.36 21.20
CA HIS G 30 13.22 -9.96 21.06
C HIS G 30 12.69 -9.40 19.75
N ASN G 31 12.00 -8.26 19.83
CA ASN G 31 11.46 -7.56 18.67
C ASN G 31 12.61 -7.06 17.78
N ASN G 32 13.64 -6.51 18.43
CA ASN G 32 14.69 -5.72 17.77
C ASN G 32 15.93 -6.61 17.56
N MET G 33 16.45 -6.59 16.33
CA MET G 33 17.68 -7.30 15.95
C MET G 33 18.55 -6.38 15.09
N TYR G 34 19.87 -6.62 15.13
CA TYR G 34 20.86 -5.70 14.55
C TYR G 34 21.96 -6.50 13.83
N TRP G 35 22.61 -5.85 12.86
CA TRP G 35 23.74 -6.40 12.11
C TRP G 35 24.89 -5.39 12.07
N TYR G 36 26.05 -5.82 12.56
CA TYR G 36 27.28 -5.02 12.56
C TYR G 36 28.37 -5.75 11.76
N ARG G 37 29.46 -5.02 11.48
CA ARG G 37 30.69 -5.61 10.96
C ARG G 37 31.89 -4.96 11.66
N GLN G 38 32.93 -5.77 11.91
CA GLN G 38 34.14 -5.35 12.61
C GLN G 38 35.33 -5.41 11.64
N ASP G 39 36.12 -4.32 11.62
CA ASP G 39 37.32 -4.20 10.78
C ASP G 39 38.43 -3.58 11.63
N THR G 40 39.63 -4.18 11.57
CA THR G 40 40.78 -3.72 12.34
C THR G 40 41.07 -2.26 11.99
N GLY G 41 41.09 -1.40 13.02
CA GLY G 41 41.27 0.03 12.88
C GLY G 41 39.98 0.80 13.12
N HIS G 42 38.84 0.12 12.95
CA HIS G 42 37.51 0.69 13.17
C HIS G 42 36.82 -0.07 14.30
N GLY G 43 35.74 0.53 14.83
CA GLY G 43 34.82 -0.14 15.74
C GLY G 43 33.73 -0.88 14.97
N LEU G 44 32.77 -1.46 15.70
CA LEU G 44 31.61 -2.09 15.09
C LEU G 44 30.69 -1.01 14.53
N ARG G 45 30.35 -1.14 13.23
CA ARG G 45 29.45 -0.21 12.53
C ARG G 45 28.18 -0.95 12.13
N LEU G 46 27.03 -0.30 12.31
CA LEU G 46 25.71 -0.86 12.06
C LEU G 46 25.43 -0.87 10.55
N ILE G 47 24.97 -2.01 10.03
CA ILE G 47 24.67 -2.20 8.61
C ILE G 47 23.16 -2.06 8.42
N HIS G 48 22.39 -2.96 9.04
CA HIS G 48 20.93 -2.98 9.01
C HIS G 48 20.39 -3.38 10.39
N TYR G 49 19.11 -3.05 10.63
CA TYR G 49 18.42 -3.46 11.85
C TYR G 49 16.93 -3.57 11.59
N SER G 50 16.23 -4.30 12.46
CA SER G 50 14.81 -4.60 12.32
C SER G 50 14.11 -4.42 13.67
N TYR G 51 12.88 -3.89 13.64
CA TYR G 51 12.06 -3.66 14.84
C TYR G 51 10.98 -4.74 14.97
N GLY G 52 10.92 -5.66 14.00
CA GLY G 52 9.94 -6.75 14.01
C GLY G 52 9.84 -7.43 12.65
N ALA G 53 9.15 -8.57 12.62
CA ALA G 53 8.96 -9.36 11.40
C ALA G 53 8.37 -8.49 10.30
N GLY G 54 9.07 -8.42 9.16
CA GLY G 54 8.67 -7.62 8.00
C GLY G 54 9.49 -6.34 7.87
N SER G 55 9.86 -5.75 9.01
CA SER G 55 10.60 -4.49 9.05
C SER G 55 12.10 -4.73 8.81
N THR G 56 12.71 -3.83 8.03
CA THR G 56 14.16 -3.72 7.86
C THR G 56 14.50 -2.24 7.63
N GLU G 57 15.58 -1.78 8.27
CA GLU G 57 15.99 -0.38 8.25
C GLU G 57 17.48 -0.27 7.92
N LYS G 58 17.85 0.82 7.25
CA LYS G 58 19.23 1.12 6.87
C LYS G 58 20.00 1.63 8.09
N GLY G 59 21.24 1.16 8.26
CA GLY G 59 22.13 1.56 9.34
C GLY G 59 23.03 2.72 8.92
N ASP G 60 24.31 2.64 9.30
CA ASP G 60 25.31 3.65 8.98
C ASP G 60 25.94 3.35 7.61
N ILE G 61 26.16 2.06 7.32
CA ILE G 61 26.85 1.61 6.11
C ILE G 61 26.03 0.50 5.43
N PRO G 62 24.80 0.81 4.96
CA PRO G 62 23.92 -0.22 4.39
C PRO G 62 24.26 -0.68 2.97
N ASP G 63 25.04 0.13 2.23
CA ASP G 63 25.32 -0.11 0.82
C ASP G 63 26.08 -1.44 0.65
N GLY G 64 25.59 -2.28 -0.27
CA GLY G 64 26.18 -3.58 -0.57
C GLY G 64 25.47 -4.72 0.13
N TYR G 65 24.51 -4.38 1.01
CA TYR G 65 23.80 -5.37 1.84
C TYR G 65 22.29 -5.16 1.71
N LYS G 66 21.56 -6.28 1.73
CA LYS G 66 20.10 -6.30 1.86
C LYS G 66 19.73 -7.14 3.08
N ALA G 67 18.84 -6.61 3.92
CA ALA G 67 18.38 -7.28 5.12
C ALA G 67 17.07 -8.04 4.82
N SER G 68 16.66 -8.90 5.75
CA SER G 68 15.46 -9.71 5.62
C SER G 68 15.05 -10.26 7.00
N ARG G 69 13.83 -9.90 7.43
CA ARG G 69 13.27 -10.35 8.70
C ARG G 69 12.01 -11.15 8.43
N PRO G 70 12.13 -12.46 8.07
CA PRO G 70 10.96 -13.29 7.78
C PRO G 70 10.11 -13.62 9.03
N SER G 71 10.74 -13.59 10.21
CA SER G 71 10.06 -13.90 11.47
C SER G 71 10.76 -13.16 12.63
N GLN G 72 10.21 -13.32 13.84
CA GLN G 72 10.76 -12.76 15.07
C GLN G 72 12.15 -13.36 15.35
N GLU G 73 12.33 -14.64 14.99
CA GLU G 73 13.50 -15.42 15.36
C GLU G 73 14.67 -15.11 14.42
N ASN G 74 14.45 -15.28 13.11
N ASN G 74 14.46 -15.28 13.12
CA ASN G 74 15.50 -15.18 12.10
CA ASN G 74 15.50 -15.19 12.11
C ASN G 74 15.63 -13.73 11.61
C ASN G 74 15.64 -13.74 11.63
N PHE G 75 16.87 -13.34 11.31
CA PHE G 75 17.20 -12.03 10.73
C PHE G 75 18.46 -12.19 9.89
N SER G 76 18.31 -12.15 8.56
CA SER G 76 19.37 -12.52 7.62
C SER G 76 19.97 -11.27 6.96
N LEU G 77 21.30 -11.29 6.79
CA LEU G 77 22.04 -10.29 6.04
C LEU G 77 22.49 -10.92 4.71
N ILE G 78 21.99 -10.38 3.60
CA ILE G 78 22.18 -10.96 2.27
C ILE G 78 23.12 -10.06 1.46
N LEU G 79 24.28 -10.62 1.09
CA LEU G 79 25.21 -10.00 0.15
C LEU G 79 24.87 -10.51 -1.26
N GLU G 80 24.13 -9.71 -2.01
CA GLU G 80 23.61 -10.10 -3.32
C GLU G 80 24.78 -10.29 -4.30
N LEU G 81 25.68 -9.30 -4.35
CA LEU G 81 26.89 -9.34 -5.17
C LEU G 81 28.10 -9.09 -4.27
N ALA G 82 28.73 -10.18 -3.82
CA ALA G 82 29.85 -10.15 -2.88
C ALA G 82 31.07 -9.49 -3.53
N THR G 83 31.83 -8.74 -2.72
CA THR G 83 33.06 -8.06 -3.16
C THR G 83 34.14 -8.22 -2.09
N PRO G 84 35.43 -8.11 -2.45
CA PRO G 84 36.53 -8.20 -1.47
C PRO G 84 36.44 -7.21 -0.30
N SER G 85 35.81 -6.05 -0.53
CA SER G 85 35.67 -4.99 0.48
C SER G 85 34.74 -5.40 1.62
N GLN G 86 33.98 -6.48 1.42
CA GLN G 86 33.04 -7.01 2.42
C GLN G 86 33.69 -8.13 3.24
N THR G 87 35.00 -8.35 3.04
CA THR G 87 35.79 -9.24 3.90
C THR G 87 35.86 -8.63 5.30
N SER G 88 35.20 -9.26 6.27
CA SER G 88 35.06 -8.72 7.61
C SER G 88 34.56 -9.80 8.57
N VAL G 89 34.45 -9.42 9.85
CA VAL G 89 33.78 -10.21 10.89
C VAL G 89 32.42 -9.55 11.17
N TYR G 90 31.33 -10.31 10.96
CA TYR G 90 29.96 -9.80 11.07
C TYR G 90 29.34 -10.29 12.38
N PHE G 91 28.90 -9.34 13.20
CA PHE G 91 28.26 -9.62 14.48
C PHE G 91 26.76 -9.31 14.40
N CYS G 92 25.95 -10.19 14.99
CA CYS G 92 24.51 -10.03 15.10
C CYS G 92 24.13 -9.84 16.58
N ALA G 93 23.11 -9.02 16.82
CA ALA G 93 22.64 -8.71 18.17
C ALA G 93 21.11 -8.69 18.20
N SER G 94 20.55 -8.79 19.41
CA SER G 94 19.11 -8.71 19.65
C SER G 94 18.86 -8.03 21.01
N GLY G 95 17.64 -7.53 21.19
CA GLY G 95 17.25 -6.87 22.43
C GLY G 95 15.77 -6.51 22.46
N ASP G 96 15.24 -6.33 23.66
CA ASP G 96 13.86 -5.89 23.89
C ASP G 96 13.84 -4.36 23.85
N GLU G 97 12.95 -3.74 24.64
CA GLU G 97 12.79 -2.27 24.67
C GLU G 97 13.98 -1.61 25.38
N GLY G 98 14.69 -2.37 26.23
CA GLY G 98 15.87 -1.89 26.96
C GLY G 98 17.04 -1.59 26.03
N TYR G 99 18.05 -0.91 26.56
CA TYR G 99 19.21 -0.45 25.78
C TYR G 99 20.17 -1.61 25.48
N THR G 100 20.19 -2.62 26.37
CA THR G 100 21.10 -3.75 26.27
C THR G 100 20.86 -4.50 24.94
N GLN G 101 21.96 -4.73 24.21
CA GLN G 101 21.97 -5.55 23.00
C GLN G 101 22.87 -6.76 23.23
N TYR G 102 22.27 -7.97 23.16
CA TYR G 102 22.95 -9.23 23.42
C TYR G 102 23.55 -9.73 22.10
N PHE G 103 24.88 -9.75 22.02
CA PHE G 103 25.61 -10.01 20.78
C PHE G 103 25.81 -11.52 20.59
N GLY G 104 25.91 -11.93 19.32
CA GLY G 104 26.18 -13.31 18.92
C GLY G 104 27.69 -13.57 18.88
N PRO G 105 28.11 -14.82 18.55
CA PRO G 105 29.51 -15.22 18.65
C PRO G 105 30.43 -14.70 17.54
N GLY G 106 29.83 -14.22 16.44
CA GLY G 106 30.56 -13.62 15.32
C GLY G 106 30.64 -14.55 14.12
N THR G 107 30.83 -13.93 12.94
CA THR G 107 30.87 -14.65 11.65
C THR G 107 31.98 -14.05 10.78
N ARG G 108 33.02 -14.85 10.52
CA ARG G 108 34.14 -14.44 9.66
C ARG G 108 33.77 -14.73 8.20
N LEU G 109 34.02 -13.73 7.33
CA LEU G 109 33.76 -13.84 5.89
C LEU G 109 35.01 -13.38 5.13
N LEU G 110 35.45 -14.21 4.17
CA LEU G 110 36.54 -13.89 3.25
C LEU G 110 36.02 -14.01 1.82
N VAL G 111 36.09 -12.91 1.06
CA VAL G 111 35.67 -12.86 -0.33
C VAL G 111 36.93 -12.80 -1.21
N LEU G 112 37.25 -13.94 -1.83
CA LEU G 112 38.42 -14.08 -2.70
C LEU G 112 38.07 -13.55 -4.10
N GLU G 113 39.12 -13.32 -4.91
CA GLU G 113 38.98 -12.91 -6.30
C GLU G 113 38.57 -14.13 -7.13
N ASP G 114 39.30 -15.23 -6.95
CA ASP G 114 39.03 -16.51 -7.61
C ASP G 114 39.27 -17.65 -6.61
N LEU G 115 38.70 -18.83 -6.92
CA LEU G 115 38.76 -20.00 -6.05
C LEU G 115 39.73 -21.05 -6.61
N ARG G 116 40.59 -20.64 -7.54
CA ARG G 116 41.44 -21.57 -8.32
C ARG G 116 42.53 -22.19 -7.43
N ASN G 117 42.98 -21.45 -6.39
CA ASN G 117 44.11 -21.85 -5.56
C ASN G 117 43.64 -22.43 -4.22
N VAL G 118 42.33 -22.64 -4.06
CA VAL G 118 41.76 -23.16 -2.81
C VAL G 118 42.17 -24.63 -2.66
N THR G 119 42.69 -24.98 -1.47
CA THR G 119 43.25 -26.30 -1.19
C THR G 119 43.08 -26.62 0.30
N PRO G 120 42.65 -27.86 0.67
CA PRO G 120 42.57 -28.25 2.07
C PRO G 120 43.93 -28.68 2.63
N PRO G 121 44.09 -28.77 3.96
CA PRO G 121 45.38 -29.10 4.58
C PRO G 121 45.67 -30.61 4.67
N LYS G 122 46.96 -30.94 4.77
CA LYS G 122 47.44 -32.26 5.19
C LYS G 122 47.87 -32.16 6.66
N VAL G 123 47.27 -32.99 7.51
CA VAL G 123 47.49 -32.93 8.96
C VAL G 123 48.40 -34.09 9.37
N SER G 124 49.46 -33.76 10.11
CA SER G 124 50.37 -34.73 10.72
C SER G 124 50.42 -34.49 12.23
N LEU G 125 50.39 -35.59 13.00
CA LEU G 125 50.53 -35.56 14.45
C LEU G 125 51.88 -36.16 14.84
N PHE G 126 52.71 -35.36 15.51
CA PHE G 126 54.06 -35.75 15.92
C PHE G 126 54.03 -36.13 17.40
N GLU G 127 54.56 -37.32 17.70
CA GLU G 127 54.54 -37.91 19.04
C GLU G 127 55.69 -37.32 19.87
N PRO G 128 55.55 -37.25 21.22
CA PRO G 128 56.58 -36.67 22.07
C PRO G 128 57.85 -37.52 22.15
N SER G 129 58.98 -36.86 22.46
CA SER G 129 60.29 -37.51 22.56
C SER G 129 60.44 -38.19 23.91
N LYS G 130 61.26 -39.24 23.95
CA LYS G 130 61.61 -39.96 25.19
C LYS G 130 62.53 -39.09 26.04
N ALA G 131 63.31 -38.21 25.38
CA ALA G 131 64.20 -37.27 26.04
C ALA G 131 63.40 -36.30 26.92
N GLU G 132 62.31 -35.76 26.36
CA GLU G 132 61.45 -34.79 27.04
C GLU G 132 60.81 -35.43 28.28
N ILE G 133 60.30 -36.65 28.12
CA ILE G 133 59.58 -37.37 29.16
C ILE G 133 60.51 -37.65 30.35
N SER G 134 61.76 -38.04 30.05
CA SER G 134 62.75 -38.37 31.07
C SER G 134 63.24 -37.10 31.80
N HIS G 135 63.33 -35.99 31.06
CA HIS G 135 63.93 -34.74 31.55
C HIS G 135 62.91 -33.92 32.35
N THR G 136 61.72 -33.69 31.75
CA THR G 136 60.71 -32.76 32.30
C THR G 136 59.54 -33.51 32.94
N GLN G 137 59.42 -34.82 32.69
CA GLN G 137 58.25 -35.62 33.07
C GLN G 137 56.98 -34.99 32.48
N LYS G 138 57.07 -34.61 31.21
CA LYS G 138 55.97 -34.02 30.46
C LYS G 138 56.08 -34.44 28.99
N ALA G 139 54.93 -34.58 28.32
CA ALA G 139 54.84 -35.06 26.95
C ALA G 139 54.14 -34.02 26.08
N THR G 140 54.86 -33.49 25.08
CA THR G 140 54.36 -32.48 24.16
C THR G 140 54.08 -33.13 22.79
N LEU G 141 52.79 -33.16 22.40
CA LEU G 141 52.37 -33.54 21.06
C LEU G 141 52.34 -32.29 20.19
N VAL G 142 52.75 -32.44 18.93
CA VAL G 142 52.77 -31.34 17.97
C VAL G 142 51.93 -31.73 16.75
N CYS G 143 51.00 -30.84 16.38
CA CYS G 143 50.16 -30.97 15.20
C CYS G 143 50.65 -30.00 14.12
N LEU G 144 50.42 -30.36 12.85
CA LEU G 144 50.98 -29.60 11.73
C LEU G 144 50.05 -29.70 10.52
N ALA G 145 49.26 -28.64 10.32
CA ALA G 145 48.47 -28.43 9.10
C ALA G 145 49.33 -27.67 8.09
N THR G 146 49.40 -28.19 6.85
CA THR G 146 50.29 -27.67 5.82
C THR G 146 49.62 -27.71 4.44
N GLY G 147 49.94 -26.71 3.61
CA GLY G 147 49.59 -26.67 2.20
C GLY G 147 48.12 -26.38 1.97
N PHE G 148 47.57 -25.40 2.70
CA PHE G 148 46.15 -25.06 2.62
C PHE G 148 45.98 -23.57 2.29
N TYR G 149 44.87 -23.27 1.60
CA TYR G 149 44.51 -21.92 1.17
C TYR G 149 43.00 -21.87 0.98
N PRO G 150 42.33 -20.81 1.48
CA PRO G 150 42.91 -19.73 2.25
C PRO G 150 43.15 -20.12 3.72
N ASP G 151 43.45 -19.12 4.57
CA ASP G 151 43.94 -19.35 5.94
C ASP G 151 42.79 -19.43 6.95
N HIS G 152 41.59 -19.82 6.49
CA HIS G 152 40.41 -19.94 7.35
C HIS G 152 40.30 -21.38 7.86
N VAL G 153 41.00 -21.67 8.97
CA VAL G 153 41.04 -22.99 9.59
C VAL G 153 40.86 -22.83 11.11
N GLU G 154 40.19 -23.82 11.72
CA GLU G 154 40.03 -23.92 13.18
C GLU G 154 40.67 -25.23 13.65
N LEU G 155 41.87 -25.13 14.23
CA LEU G 155 42.59 -26.28 14.77
C LEU G 155 42.17 -26.49 16.23
N SER G 156 41.89 -27.75 16.58
CA SER G 156 41.44 -28.13 17.92
C SER G 156 41.95 -29.53 18.29
N TRP G 157 42.13 -29.76 19.58
CA TRP G 157 42.62 -31.02 20.14
C TRP G 157 41.47 -31.76 20.83
N TRP G 158 41.42 -33.09 20.63
CA TRP G 158 40.38 -33.95 21.19
C TRP G 158 41.03 -35.18 21.85
N VAL G 159 40.77 -35.34 23.15
CA VAL G 159 41.26 -36.48 23.93
C VAL G 159 40.05 -37.32 24.37
N ASN G 160 40.02 -38.58 23.91
CA ASN G 160 38.93 -39.53 24.17
C ASN G 160 37.60 -38.90 23.75
N GLY G 161 37.57 -38.36 22.53
CA GLY G 161 36.38 -37.79 21.90
C GLY G 161 35.80 -36.62 22.69
N LYS G 162 36.68 -35.85 23.35
CA LYS G 162 36.28 -34.66 24.10
C LYS G 162 37.38 -33.60 23.96
N GLU G 163 36.96 -32.37 23.64
CA GLU G 163 37.86 -31.27 23.30
C GLU G 163 38.59 -30.80 24.56
N VAL G 164 39.91 -30.64 24.45
CA VAL G 164 40.77 -30.18 25.55
C VAL G 164 41.28 -28.77 25.21
N HIS G 165 41.29 -27.91 26.22
CA HIS G 165 41.75 -26.52 26.10
C HIS G 165 43.02 -26.31 26.96
N SER G 166 43.03 -26.88 28.17
CA SER G 166 44.16 -26.79 29.08
C SER G 166 45.40 -27.45 28.44
N GLY G 167 46.53 -26.74 28.50
CA GLY G 167 47.82 -27.22 28.00
C GLY G 167 47.89 -27.21 26.48
N VAL G 168 47.16 -26.29 25.85
CA VAL G 168 47.10 -26.16 24.39
C VAL G 168 47.69 -24.80 24.00
N CYS G 169 48.45 -24.80 22.90
CA CYS G 169 49.01 -23.58 22.30
C CYS G 169 48.94 -23.71 20.77
N THR G 170 48.29 -22.73 20.13
CA THR G 170 48.17 -22.66 18.68
C THR G 170 48.78 -21.34 18.20
N ASP G 171 49.36 -21.36 17.00
CA ASP G 171 50.00 -20.19 16.40
C ASP G 171 48.95 -19.13 16.14
N PRO G 172 49.16 -17.86 16.56
CA PRO G 172 48.17 -16.81 16.37
C PRO G 172 47.83 -16.55 14.89
N GLN G 173 48.85 -16.65 14.03
CA GLN G 173 48.71 -16.40 12.60
C GLN G 173 49.47 -17.47 11.82
N PRO G 174 48.86 -18.11 10.79
CA PRO G 174 49.58 -19.08 9.96
C PRO G 174 50.70 -18.43 9.13
N LEU G 175 51.84 -19.11 9.03
CA LEU G 175 52.98 -18.67 8.22
C LEU G 175 52.81 -19.19 6.78
N LYS G 176 53.42 -18.48 5.83
CA LYS G 176 53.34 -18.80 4.40
C LYS G 176 54.47 -19.76 4.02
N GLU G 177 54.15 -20.72 3.14
CA GLU G 177 55.10 -21.73 2.68
C GLU G 177 56.03 -21.14 1.62
N GLN G 178 55.44 -20.34 0.70
CA GLN G 178 56.17 -19.67 -0.37
C GLN G 178 55.89 -18.17 -0.30
N PRO G 179 56.55 -17.43 0.63
CA PRO G 179 56.31 -15.98 0.77
C PRO G 179 56.48 -15.17 -0.53
N ALA G 180 57.36 -15.64 -1.42
CA ALA G 180 57.64 -15.00 -2.71
C ALA G 180 56.38 -14.97 -3.58
N LEU G 181 55.76 -16.14 -3.77
CA LEU G 181 54.56 -16.30 -4.62
C LEU G 181 53.38 -15.54 -4.01
N ASN G 182 52.44 -15.14 -4.87
CA ASN G 182 51.31 -14.29 -4.49
C ASN G 182 50.30 -15.11 -3.68
N ASP G 183 49.62 -16.04 -4.35
CA ASP G 183 48.60 -16.90 -3.73
C ASP G 183 49.30 -18.14 -3.13
N SER G 184 50.02 -17.90 -2.03
CA SER G 184 50.82 -18.93 -1.37
C SER G 184 49.94 -19.74 -0.41
N ARG G 185 50.24 -21.04 -0.30
CA ARG G 185 49.59 -21.93 0.65
C ARG G 185 50.21 -21.71 2.03
N TYR G 186 49.40 -21.91 3.08
CA TYR G 186 49.76 -21.61 4.46
C TYR G 186 50.12 -22.90 5.21
N SER G 187 50.71 -22.72 6.39
CA SER G 187 50.99 -23.80 7.34
C SER G 187 50.69 -23.31 8.76
N LEU G 188 50.24 -24.23 9.62
CA LEU G 188 49.83 -23.92 10.99
C LEU G 188 50.25 -25.08 11.91
N SER G 189 50.94 -24.73 13.00
CA SER G 189 51.35 -25.69 14.02
C SER G 189 50.56 -25.43 15.31
N SER G 190 50.39 -26.50 16.11
CA SER G 190 49.76 -26.42 17.42
C SER G 190 50.37 -27.47 18.34
N ARG G 191 50.32 -27.21 19.65
CA ARG G 191 51.00 -28.01 20.66
C ARG G 191 50.01 -28.39 21.76
N LEU G 192 50.10 -29.64 22.23
CA LEU G 192 49.35 -30.13 23.39
C LEU G 192 50.33 -30.80 24.37
N ARG G 193 50.51 -30.16 25.54
CA ARG G 193 51.41 -30.66 26.58
C ARG G 193 50.57 -31.32 27.68
N VAL G 194 50.94 -32.56 28.02
CA VAL G 194 50.30 -33.35 29.07
C VAL G 194 51.40 -33.97 29.95
N SER G 195 50.99 -34.54 31.09
CA SER G 195 51.89 -35.27 31.98
C SER G 195 52.30 -36.58 31.33
N ALA G 196 53.48 -37.08 31.69
CA ALA G 196 54.08 -38.27 31.09
C ALA G 196 53.16 -39.49 31.31
N THR G 197 52.64 -39.63 32.53
CA THR G 197 51.80 -40.78 32.92
C THR G 197 50.51 -40.80 32.09
N PHE G 198 50.00 -39.62 31.72
CA PHE G 198 48.79 -39.49 30.90
C PHE G 198 49.06 -39.94 29.47
N TRP G 199 50.23 -39.59 28.94
CA TRP G 199 50.67 -40.00 27.60
C TRP G 199 50.99 -41.50 27.59
N GLN G 200 51.61 -41.98 28.68
CA GLN G 200 52.07 -43.38 28.80
C GLN G 200 50.88 -44.33 28.93
N ASN G 201 49.74 -43.82 29.39
CA ASN G 201 48.49 -44.58 29.50
C ASN G 201 47.98 -44.92 28.09
N PRO G 202 47.96 -46.21 27.69
CA PRO G 202 47.60 -46.60 26.33
C PRO G 202 46.09 -46.65 26.02
N ARG G 203 45.25 -46.20 26.96
CA ARG G 203 43.80 -46.15 26.77
C ARG G 203 43.34 -44.70 26.51
N ASN G 204 44.30 -43.78 26.35
CA ASN G 204 44.03 -42.39 25.99
C ASN G 204 44.27 -42.22 24.49
N HIS G 205 43.22 -41.77 23.78
CA HIS G 205 43.26 -41.55 22.34
C HIS G 205 43.37 -40.04 22.05
N PHE G 206 44.54 -39.63 21.54
CA PHE G 206 44.82 -38.24 21.20
C PHE G 206 44.54 -38.01 19.71
N ARG G 207 43.92 -36.87 19.39
CA ARG G 207 43.56 -36.53 18.01
C ARG G 207 43.59 -35.01 17.83
N CYS G 208 44.35 -34.56 16.83
CA CYS G 208 44.34 -33.18 16.34
C CYS G 208 43.45 -33.07 15.11
N GLN G 209 42.48 -32.15 15.14
CA GLN G 209 41.50 -31.95 14.07
C GLN G 209 41.62 -30.51 13.54
N VAL G 210 41.54 -30.38 12.21
CA VAL G 210 41.52 -29.09 11.53
C VAL G 210 40.21 -28.96 10.76
N GLN G 211 39.40 -27.95 11.12
CA GLN G 211 38.16 -27.62 10.42
C GLN G 211 38.48 -26.60 9.31
N PHE G 212 38.69 -27.12 8.09
CA PHE G 212 38.99 -26.29 6.92
C PHE G 212 37.68 -25.79 6.30
N TYR G 213 37.65 -24.50 5.95
CA TYR G 213 36.52 -23.87 5.27
C TYR G 213 36.95 -23.50 3.84
N GLY G 214 36.22 -24.03 2.86
CA GLY G 214 36.51 -23.80 1.44
C GLY G 214 35.24 -23.67 0.62
N LEU G 215 35.13 -24.48 -0.43
CA LEU G 215 34.00 -24.43 -1.37
C LEU G 215 32.80 -25.18 -0.77
N SER G 216 31.64 -25.00 -1.42
CA SER G 216 30.40 -25.69 -1.09
C SER G 216 29.99 -26.57 -2.27
N GLU G 217 28.81 -27.20 -2.17
CA GLU G 217 28.26 -28.06 -3.21
C GLU G 217 27.89 -27.22 -4.46
N ASN G 218 27.46 -25.99 -4.22
CA ASN G 218 26.90 -25.10 -5.26
C ASN G 218 28.02 -24.55 -6.15
N ASP G 219 29.21 -24.32 -5.57
CA ASP G 219 30.35 -23.75 -6.28
C ASP G 219 30.78 -24.69 -7.41
N GLU G 220 30.99 -24.13 -8.61
CA GLU G 220 31.41 -24.89 -9.80
C GLU G 220 32.93 -25.09 -9.73
N TRP G 221 33.39 -26.22 -10.28
CA TRP G 221 34.79 -26.64 -10.26
C TRP G 221 35.22 -27.12 -11.65
N THR G 222 36.23 -26.45 -12.22
CA THR G 222 36.70 -26.70 -13.59
C THR G 222 37.99 -27.54 -13.59
N GLN G 223 38.74 -27.52 -12.49
CA GLN G 223 40.03 -28.22 -12.38
C GLN G 223 39.79 -29.74 -12.24
N ASP G 224 40.87 -30.50 -12.44
CA ASP G 224 40.83 -31.96 -12.53
C ASP G 224 41.04 -32.60 -11.15
N ARG G 225 41.65 -31.86 -10.22
CA ARG G 225 41.92 -32.37 -8.86
C ARG G 225 40.60 -32.41 -8.07
N ALA G 226 40.67 -32.98 -6.86
CA ALA G 226 39.51 -33.12 -5.97
C ALA G 226 38.99 -31.73 -5.57
N LYS G 227 37.67 -31.62 -5.42
CA LYS G 227 37.00 -30.36 -5.12
C LYS G 227 37.32 -29.95 -3.68
N PRO G 228 37.98 -28.79 -3.46
CA PRO G 228 38.43 -28.39 -2.13
C PRO G 228 37.30 -27.79 -1.28
N VAL G 229 36.42 -28.67 -0.78
CA VAL G 229 35.20 -28.27 -0.08
C VAL G 229 35.50 -28.11 1.41
N THR G 230 34.59 -27.43 2.11
CA THR G 230 34.60 -27.31 3.57
C THR G 230 34.56 -28.71 4.18
N GLN G 231 35.66 -29.12 4.82
CA GLN G 231 35.84 -30.48 5.32
C GLN G 231 36.70 -30.47 6.59
N ILE G 232 36.81 -31.65 7.21
CA ILE G 232 37.68 -31.88 8.36
C ILE G 232 38.83 -32.80 7.92
N VAL G 233 40.03 -32.48 8.40
CA VAL G 233 41.20 -33.34 8.28
C VAL G 233 41.82 -33.46 9.67
N SER G 234 42.27 -34.67 10.03
CA SER G 234 42.76 -34.97 11.37
C SER G 234 43.84 -36.06 11.33
N ALA G 235 44.60 -36.13 12.43
CA ALA G 235 45.58 -37.18 12.68
C ALA G 235 45.42 -37.65 14.13
N GLU G 236 45.68 -38.93 14.37
CA GLU G 236 45.39 -39.58 15.66
C GLU G 236 46.58 -40.41 16.10
N ALA G 237 46.63 -40.68 17.42
CA ALA G 237 47.66 -41.51 18.03
C ALA G 237 47.22 -41.93 19.44
N TRP G 238 47.48 -43.19 19.80
CA TRP G 238 47.21 -43.74 21.12
C TRP G 238 48.43 -43.51 22.02
N GLY G 239 48.23 -43.67 23.33
CA GLY G 239 49.31 -43.66 24.31
C GLY G 239 50.11 -44.95 24.26
N ARG G 240 51.32 -44.91 24.85
CA ARG G 240 52.23 -46.05 24.85
C ARG G 240 53.28 -45.87 25.95
N ALA G 241 53.55 -46.96 26.69
CA ALA G 241 54.53 -46.97 27.77
C ALA G 241 55.83 -47.61 27.27
N LYS H 3 -10.40 21.03 10.29
CA LYS H 3 -11.41 22.12 10.34
C LYS H 3 -11.00 23.27 9.40
N THR H 4 -12.00 23.99 8.87
CA THR H 4 -11.79 25.15 8.01
C THR H 4 -11.40 26.34 8.89
N PRO H 5 -10.38 27.14 8.51
CA PRO H 5 -9.89 28.24 9.36
C PRO H 5 -10.86 29.42 9.45
N GLN H 6 -11.10 29.90 10.68
CA GLN H 6 -11.92 31.06 10.96
C GLN H 6 -11.03 32.31 10.98
N ILE H 7 -11.34 33.27 10.10
CA ILE H 7 -10.58 34.51 9.96
C ILE H 7 -11.43 35.67 10.53
N GLN H 8 -10.75 36.64 11.15
CA GLN H 8 -11.37 37.81 11.76
C GLN H 8 -10.45 39.02 11.58
N VAL H 9 -10.99 40.07 10.96
CA VAL H 9 -10.26 41.31 10.68
C VAL H 9 -10.81 42.42 11.57
N TYR H 10 -9.92 43.23 12.14
CA TYR H 10 -10.28 44.31 13.07
C TYR H 10 -9.11 45.28 13.22
N SER H 11 -9.44 46.54 13.54
CA SER H 11 -8.48 47.61 13.73
C SER H 11 -8.18 47.80 15.22
N ARG H 12 -6.94 48.20 15.53
CA ARG H 12 -6.45 48.38 16.90
C ARG H 12 -7.14 49.60 17.54
N HIS H 13 -7.08 50.74 16.84
CA HIS H 13 -7.65 52.00 17.28
C HIS H 13 -8.95 52.27 16.52
N PRO H 14 -9.79 53.23 16.97
CA PRO H 14 -10.99 53.62 16.23
C PRO H 14 -10.66 54.08 14.80
N PRO H 15 -11.37 53.55 13.77
CA PRO H 15 -11.04 53.88 12.38
C PRO H 15 -11.49 55.29 11.99
N GLU H 16 -10.54 56.10 11.51
CA GLU H 16 -10.79 57.46 11.04
C GLU H 16 -9.94 57.72 9.79
N ASN H 17 -10.56 58.32 8.77
CA ASN H 17 -9.94 58.54 7.47
C ASN H 17 -8.81 59.56 7.60
N GLY H 18 -7.60 59.15 7.20
CA GLY H 18 -6.40 59.98 7.25
C GLY H 18 -5.41 59.50 8.29
N LYS H 19 -5.91 59.26 9.52
CA LYS H 19 -5.09 58.91 10.67
C LYS H 19 -4.48 57.53 10.50
N PRO H 20 -3.15 57.34 10.73
CA PRO H 20 -2.54 56.01 10.76
C PRO H 20 -3.12 55.10 11.84
N ASN H 21 -3.03 53.79 11.61
CA ASN H 21 -3.66 52.77 12.45
C ASN H 21 -2.99 51.42 12.16
N ILE H 22 -3.28 50.41 12.99
CA ILE H 22 -2.84 49.03 12.78
C ILE H 22 -4.06 48.17 12.46
N LEU H 23 -3.93 47.31 11.45
CA LEU H 23 -4.95 46.34 11.06
C LEU H 23 -4.48 44.93 11.49
N ASN H 24 -5.38 44.20 12.16
CA ASN H 24 -5.10 42.86 12.67
C ASN H 24 -5.86 41.82 11.83
N CYS H 25 -5.27 40.62 11.70
CA CYS H 25 -5.90 39.46 11.08
C CYS H 25 -5.63 38.23 11.94
N TYR H 26 -6.68 37.72 12.59
CA TYR H 26 -6.60 36.63 13.56
C TYR H 26 -7.18 35.36 12.94
N VAL H 27 -6.29 34.44 12.56
CA VAL H 27 -6.64 33.15 11.96
C VAL H 27 -6.62 32.08 13.07
N THR H 28 -7.71 31.32 13.18
CA THR H 28 -7.90 30.35 14.27
C THR H 28 -8.56 29.08 13.74
N GLN H 29 -8.52 28.03 14.57
CA GLN H 29 -9.24 26.76 14.38
C GLN H 29 -8.82 26.13 13.05
N PHE H 30 -7.54 25.75 12.95
CA PHE H 30 -7.01 25.09 11.75
C PHE H 30 -5.93 24.07 12.15
N HIS H 31 -5.86 22.99 11.38
CA HIS H 31 -4.81 21.97 11.46
C HIS H 31 -4.82 21.15 10.18
N PRO H 32 -3.65 20.80 9.63
CA PRO H 32 -2.33 21.03 10.22
C PRO H 32 -1.88 22.50 10.21
N PRO H 33 -0.80 22.85 10.96
CA PRO H 33 -0.41 24.25 11.14
C PRO H 33 0.22 24.96 9.93
N HIS H 34 0.57 24.21 8.88
CA HIS H 34 1.13 24.80 7.66
C HIS H 34 0.05 25.66 6.96
N ILE H 35 0.24 26.99 7.01
CA ILE H 35 -0.75 27.95 6.52
C ILE H 35 -0.01 29.14 5.88
N GLU H 36 -0.64 29.74 4.87
CA GLU H 36 -0.11 30.90 4.15
C GLU H 36 -1.09 32.07 4.30
N ILE H 37 -0.68 33.11 5.05
CA ILE H 37 -1.51 34.27 5.35
C ILE H 37 -0.95 35.49 4.62
N GLN H 38 -1.85 36.26 4.01
CA GLN H 38 -1.52 37.47 3.25
C GLN H 38 -2.54 38.57 3.61
N MET H 39 -2.03 39.78 3.83
CA MET H 39 -2.88 40.96 4.03
C MET H 39 -2.82 41.82 2.75
N LEU H 40 -4.00 42.14 2.21
CA LEU H 40 -4.14 42.75 0.89
C LEU H 40 -4.64 44.19 1.03
N LYS H 41 -4.21 45.04 0.08
CA LYS H 41 -4.70 46.41 -0.09
C LYS H 41 -5.13 46.59 -1.55
N ASN H 42 -6.45 46.58 -1.78
CA ASN H 42 -7.05 46.67 -3.11
C ASN H 42 -6.62 45.47 -3.96
N GLY H 43 -6.46 44.31 -3.31
CA GLY H 43 -6.11 43.05 -3.97
C GLY H 43 -4.60 42.82 -4.06
N LYS H 44 -3.81 43.86 -3.80
CA LYS H 44 -2.35 43.81 -3.92
C LYS H 44 -1.75 43.36 -2.59
N LYS H 45 -0.59 42.68 -2.69
CA LYS H 45 0.12 42.10 -1.54
C LYS H 45 0.84 43.23 -0.79
N ILE H 46 0.54 43.38 0.51
CA ILE H 46 1.22 44.35 1.36
C ILE H 46 2.56 43.74 1.79
N PRO H 47 3.70 44.41 1.53
CA PRO H 47 5.00 43.92 1.98
C PRO H 47 5.30 44.28 3.44
N LYS H 48 6.14 43.47 4.09
CA LYS H 48 6.57 43.67 5.48
C LYS H 48 5.34 43.59 6.40
N VAL H 49 4.84 42.37 6.58
CA VAL H 49 3.72 42.07 7.48
C VAL H 49 4.25 41.27 8.67
N GLU H 50 3.99 41.77 9.88
CA GLU H 50 4.48 41.15 11.11
C GLU H 50 3.52 40.02 11.53
N MET H 51 4.06 38.80 11.59
CA MET H 51 3.36 37.63 12.09
C MET H 51 3.75 37.40 13.55
N SER H 52 2.77 37.01 14.37
CA SER H 52 3.03 36.55 15.73
C SER H 52 3.53 35.10 15.67
N ASP H 53 4.13 34.64 16.77
CA ASP H 53 4.56 33.25 16.90
C ASP H 53 3.31 32.37 16.95
N MET H 54 3.34 31.25 16.22
CA MET H 54 2.21 30.34 16.15
C MET H 54 2.11 29.58 17.48
N SER H 55 0.87 29.27 17.87
CA SER H 55 0.55 28.63 19.14
C SER H 55 -0.71 27.77 18.95
N PHE H 56 -1.25 27.23 20.05
CA PHE H 56 -2.51 26.48 20.02
C PHE H 56 -3.23 26.62 21.38
N SER H 57 -4.52 26.28 21.37
CA SER H 57 -5.42 26.44 22.52
C SER H 57 -5.55 25.12 23.28
N LYS H 58 -6.51 25.05 24.21
CA LYS H 58 -6.78 23.86 25.03
C LYS H 58 -7.19 22.67 24.15
N ASP H 59 -7.87 22.95 23.03
CA ASP H 59 -8.38 21.92 22.12
C ASP H 59 -7.37 21.62 21.00
N TRP H 60 -6.11 22.03 21.19
CA TRP H 60 -4.98 21.67 20.32
C TRP H 60 -5.13 22.26 18.91
N SER H 61 -5.98 23.28 18.76
CA SER H 61 -6.22 23.94 17.48
C SER H 61 -5.31 25.18 17.40
N PHE H 62 -4.64 25.33 16.26
CA PHE H 62 -3.61 26.37 16.08
C PHE H 62 -4.27 27.73 15.85
N TYR H 63 -3.56 28.80 16.25
CA TYR H 63 -3.95 30.18 16.00
C TYR H 63 -2.71 31.04 15.77
N ILE H 64 -2.87 32.13 15.01
CA ILE H 64 -1.79 33.04 14.67
C ILE H 64 -2.38 34.42 14.38
N LEU H 65 -1.62 35.47 14.74
CA LEU H 65 -2.03 36.87 14.57
C LEU H 65 -1.08 37.57 13.60
N ALA H 66 -1.59 37.88 12.40
CA ALA H 66 -0.92 38.75 11.43
C ALA H 66 -1.43 40.18 11.62
N HIS H 67 -0.54 41.16 11.45
CA HIS H 67 -0.90 42.57 11.58
C HIS H 67 0.08 43.45 10.77
N THR H 68 -0.42 44.64 10.39
CA THR H 68 0.36 45.61 9.62
C THR H 68 -0.25 47.00 9.81
N GLU H 69 0.56 48.04 9.56
CA GLU H 69 0.12 49.44 9.63
C GLU H 69 -0.68 49.78 8.37
N PHE H 70 -1.64 50.69 8.51
CA PHE H 70 -2.51 51.10 7.40
C PHE H 70 -3.17 52.45 7.73
N THR H 71 -3.50 53.20 6.68
CA THR H 71 -4.25 54.45 6.77
C THR H 71 -5.57 54.27 6.04
N PRO H 72 -6.70 54.04 6.75
CA PRO H 72 -7.97 53.69 6.12
C PRO H 72 -8.65 54.88 5.42
N THR H 73 -8.74 54.81 4.08
CA THR H 73 -9.40 55.83 3.26
C THR H 73 -10.82 55.36 2.93
N GLU H 74 -11.57 56.22 2.23
CA GLU H 74 -12.94 55.93 1.79
C GLU H 74 -12.91 54.92 0.62
N THR H 75 -11.91 55.07 -0.26
CA THR H 75 -11.83 54.32 -1.52
C THR H 75 -11.21 52.94 -1.30
N ASP H 76 -10.10 52.89 -0.55
CA ASP H 76 -9.25 51.70 -0.43
C ASP H 76 -9.99 50.59 0.35
N THR H 77 -9.79 49.35 -0.09
CA THR H 77 -10.30 48.14 0.57
C THR H 77 -9.13 47.31 1.09
N TYR H 78 -9.31 46.74 2.29
CA TYR H 78 -8.31 45.89 2.95
C TYR H 78 -8.93 44.51 3.19
N ALA H 79 -8.10 43.46 3.05
CA ALA H 79 -8.54 42.07 3.17
C ALA H 79 -7.42 41.20 3.74
N CYS H 80 -7.78 39.96 4.09
CA CYS H 80 -6.84 38.97 4.62
C CYS H 80 -7.09 37.61 3.93
N ARG H 81 -6.15 37.22 3.07
CA ARG H 81 -6.26 36.00 2.25
C ARG H 81 -5.52 34.85 2.94
N VAL H 82 -6.17 33.69 3.02
CA VAL H 82 -5.65 32.51 3.72
C VAL H 82 -5.73 31.31 2.78
N LYS H 83 -4.57 30.67 2.54
CA LYS H 83 -4.46 29.41 1.81
C LYS H 83 -4.14 28.28 2.79
N HIS H 84 -4.96 27.23 2.75
CA HIS H 84 -4.86 26.09 3.67
C HIS H 84 -5.20 24.80 2.92
N ALA H 85 -4.66 23.68 3.42
CA ALA H 85 -4.84 22.36 2.80
C ALA H 85 -6.31 21.91 2.89
N SER H 86 -6.98 22.27 3.99
CA SER H 86 -8.37 21.90 4.25
C SER H 86 -9.29 22.47 3.16
N MET H 87 -9.09 23.75 2.82
CA MET H 87 -9.88 24.45 1.81
C MET H 87 -9.33 24.14 0.42
N ALA H 88 -10.21 24.22 -0.60
CA ALA H 88 -9.85 24.01 -1.99
C ALA H 88 -9.34 25.32 -2.60
N GLU H 89 -10.15 26.37 -2.48
CA GLU H 89 -9.83 27.71 -2.97
C GLU H 89 -9.50 28.62 -1.79
N PRO H 90 -8.45 29.46 -1.87
CA PRO H 90 -8.12 30.39 -0.78
C PRO H 90 -9.30 31.31 -0.39
N LYS H 91 -9.58 31.40 0.90
CA LYS H 91 -10.65 32.22 1.45
C LYS H 91 -10.13 33.64 1.68
N THR H 92 -10.99 34.63 1.42
CA THR H 92 -10.66 36.06 1.54
C THR H 92 -11.76 36.75 2.37
N VAL H 93 -11.35 37.31 3.52
CA VAL H 93 -12.24 38.08 4.39
C VAL H 93 -11.84 39.56 4.30
N TYR H 94 -12.79 40.40 3.87
CA TYR H 94 -12.58 41.83 3.68
C TYR H 94 -12.86 42.56 5.00
N TRP H 95 -12.11 43.64 5.24
CA TRP H 95 -12.32 44.53 6.39
C TRP H 95 -13.52 45.43 6.12
N ASP H 96 -14.44 45.47 7.09
CA ASP H 96 -15.55 46.41 7.10
C ASP H 96 -15.47 47.23 8.39
N ARG H 97 -15.28 48.54 8.23
CA ARG H 97 -15.15 49.48 9.36
C ARG H 97 -16.39 49.41 10.26
N ASP H 98 -17.55 49.12 9.64
CA ASP H 98 -18.84 49.03 10.33
C ASP H 98 -18.89 47.75 11.19
N MET H 99 -18.49 46.61 10.59
CA MET H 99 -18.49 45.32 11.29
C MET H 99 -17.36 45.30 12.32
C1 NAG I . -33.55 -2.25 -33.05
C2 NAG I . -34.66 -1.44 -32.39
C3 NAG I . -34.50 -1.39 -30.88
C4 NAG I . -34.35 -2.79 -30.32
C5 NAG I . -33.18 -3.49 -31.01
C6 NAG I . -32.98 -4.92 -30.52
C7 NAG I . -35.53 0.34 -33.83
C8 NAG I . -35.43 1.80 -34.19
N2 NAG I . -34.68 -0.08 -32.90
O3 NAG I . -35.63 -0.74 -30.30
O4 NAG I . -34.14 -2.73 -28.89
O5 NAG I . -33.44 -3.53 -32.42
O6 NAG I . -34.07 -5.74 -30.93
O7 NAG I . -36.35 -0.38 -34.37
C1 NAG I . -35.23 -3.34 -28.17
C2 NAG I . -34.88 -3.44 -26.68
C3 NAG I . -36.07 -3.89 -25.83
C4 NAG I . -37.37 -3.17 -26.20
C5 NAG I . -37.58 -3.21 -27.72
C6 NAG I . -38.87 -2.52 -28.14
C7 NAG I . -32.52 -4.08 -26.65
C8 NAG I . -31.54 -5.19 -26.41
N2 NAG I . -33.80 -4.41 -26.50
O3 NAG I . -35.78 -3.65 -24.45
O4 NAG I . -38.46 -3.81 -25.53
O5 NAG I . -36.44 -2.60 -28.33
O6 NAG I . -38.62 -1.58 -29.19
O7 NAG I . -32.14 -2.96 -26.97
C1 NAG J . -5.19 -15.78 -39.22
C2 NAG J . -4.29 -16.34 -38.13
C3 NAG J . -3.31 -15.28 -37.64
C4 NAG J . -2.57 -14.62 -38.78
C5 NAG J . -3.55 -14.16 -39.86
C6 NAG J . -2.80 -13.57 -41.05
C7 NAG J . -5.62 -18.05 -37.00
C8 NAG J . -6.33 -18.45 -35.73
N2 NAG J . -5.06 -16.84 -37.00
O3 NAG J . -2.39 -15.89 -36.72
O4 NAG J . -1.83 -13.48 -38.31
O5 NAG J . -4.37 -15.26 -40.27
O6 NAG J . -3.70 -13.36 -42.15
O7 NAG J . -5.56 -18.81 -37.96
C1 NAG J . -0.44 -13.77 -38.04
C2 NAG J . 0.32 -12.45 -37.96
C3 NAG J . 1.73 -12.57 -37.38
C4 NAG J . 1.80 -13.54 -36.20
C5 NAG J . 1.08 -14.84 -36.55
C6 NAG J . 1.13 -15.87 -35.42
C7 NAG J . 0.13 -10.62 -39.61
C8 NAG J . 0.27 -10.26 -41.06
N2 NAG J . 0.41 -11.90 -39.31
O3 NAG J . 2.16 -11.27 -36.94
O4 NAG J . 3.17 -13.82 -35.89
O5 NAG J . -0.28 -14.53 -36.85
O6 NAG J . 0.35 -15.41 -34.32
O7 NAG J . -0.23 -9.79 -38.78
C1 BMA J . 3.70 -13.03 -34.80
C2 BMA J . 4.58 -13.91 -33.93
C3 BMA J . 5.18 -13.11 -32.77
C4 BMA J . 5.86 -11.84 -33.30
C5 BMA J . 4.93 -11.06 -34.23
C6 BMA J . 5.66 -9.86 -34.85
O2 BMA J . 5.64 -14.47 -34.73
O3 BMA J . 6.13 -13.91 -32.06
O4 BMA J . 6.24 -11.01 -32.18
O5 BMA J . 4.45 -11.90 -35.28
O6 BMA J . 4.80 -9.18 -35.76
C1 FUC J . -3.88 -11.96 -42.45
C2 FUC J . -4.47 -11.82 -43.86
C3 FUC J . -5.92 -12.31 -43.90
C4 FUC J . -6.74 -11.61 -42.81
C5 FUC J . -6.06 -11.78 -41.46
C6 FUC J . -6.84 -11.04 -40.37
O2 FUC J . -3.68 -12.58 -44.79
O3 FUC J . -6.50 -12.05 -45.19
O4 FUC J . -6.87 -10.22 -43.13
O5 FUC J . -4.72 -11.28 -41.51
C1 NAG K . 9.65 16.02 2.43
C2 NAG K . 10.03 16.00 0.94
C3 NAG K . 10.37 17.39 0.44
C4 NAG K . 9.29 18.41 0.82
C5 NAG K . 9.03 18.32 2.32
C6 NAG K . 7.94 19.29 2.78
C7 NAG K . 11.06 13.88 0.26
C8 NAG K . 12.35 13.14 0.10
N2 NAG K . 11.16 15.13 0.73
O3 NAG K . 10.52 17.36 -0.99
O4 NAG K . 9.72 19.73 0.46
O5 NAG K . 8.63 17.00 2.64
O6 NAG K . 6.65 18.87 2.31
O7 NAG K . 9.99 13.36 -0.02
C1 NAG K . 8.75 20.38 -0.40
C2 NAG K . 8.97 21.89 -0.41
C3 NAG K . 7.89 22.55 -1.24
C4 NAG K . 7.82 21.94 -2.64
C5 NAG K . 7.78 20.41 -2.59
C6 NAG K . 7.94 19.82 -3.98
C7 NAG K . 10.07 22.63 1.66
C8 NAG K . 9.85 23.22 3.02
N2 NAG K . 8.96 22.43 0.94
O3 NAG K . 8.16 23.95 -1.35
O4 NAG K . 6.66 22.43 -3.31
O5 NAG K . 8.81 19.90 -1.74
O6 NAG K . 7.98 18.38 -3.92
O7 NAG K . 11.19 22.35 1.25
C1 NAG L . 15.06 22.30 11.77
C2 NAG L . 15.43 22.29 10.29
C3 NAG L . 16.29 21.09 9.94
C4 NAG L . 17.51 21.02 10.87
C5 NAG L . 17.01 20.99 12.31
C6 NAG L . 18.15 20.90 13.31
C7 NAG L . 13.91 23.28 8.64
C8 NAG L . 12.64 23.08 7.88
N2 NAG L . 14.24 22.28 9.47
O3 NAG L . 16.73 21.18 8.57
O4 NAG L . 18.30 19.86 10.58
O5 NAG L . 16.25 22.18 12.56
O6 NAG L . 19.01 22.04 13.18
O7 NAG L . 14.59 24.28 8.49
C1 NAG L . 19.63 20.22 10.18
C2 NAG L . 20.53 18.99 10.16
C3 NAG L . 21.92 19.28 9.60
C4 NAG L . 21.87 20.12 8.32
C5 NAG L . 20.94 21.32 8.50
C6 NAG L . 20.82 22.14 7.21
C7 NAG L . 19.82 17.56 12.01
C8 NAG L . 20.15 17.09 13.40
N2 NAG L . 20.67 18.44 11.49
O3 NAG L . 22.60 18.05 9.33
O4 NAG L . 23.18 20.55 7.97
O5 NAG L . 19.65 20.86 8.89
O6 NAG L . 19.86 23.19 7.40
O7 NAG L . 18.83 17.16 11.42
C1 NAG M . 7.28 13.61 41.61
C2 NAG M . 8.00 12.48 42.34
C3 NAG M . 7.28 11.16 42.13
C4 NAG M . 5.80 11.26 42.45
C5 NAG M . 5.18 12.46 41.75
C6 NAG M . 3.72 12.65 42.16
C7 NAG M . 10.36 13.14 42.37
C8 NAG M . 11.75 12.84 41.87
N2 NAG M . 9.38 12.36 41.90
O3 NAG M . 7.90 10.15 42.95
O4 NAG M . 5.12 10.07 42.00
O5 NAG M . 5.92 13.66 42.06
O6 NAG M . 3.23 13.93 41.70
O7 NAG M . 10.16 14.03 43.17
C1 NAG M . 4.94 9.07 43.04
C2 NAG M . 3.76 8.19 42.63
C3 NAG M . 3.59 6.98 43.53
C4 NAG M . 4.91 6.27 43.85
C5 NAG M . 5.98 7.29 44.24
C6 NAG M . 7.31 6.61 44.51
C7 NAG M . 1.64 9.02 41.69
C8 NAG M . 0.45 9.90 41.94
N2 NAG M . 2.55 8.99 42.67
O3 NAG M . 2.70 6.04 42.90
O4 NAG M . 4.70 5.35 44.94
O5 NAG M . 6.11 8.27 43.21
O6 NAG M . 8.35 7.18 43.70
O7 NAG M . 1.75 8.38 40.66
C1 BMA M . 4.59 3.98 44.52
C2 BMA M . 5.04 3.08 45.67
C3 BMA M . 5.01 1.61 45.24
C4 BMA M . 3.63 1.26 44.70
C5 BMA M . 3.15 2.27 43.65
C6 BMA M . 1.71 1.99 43.25
O2 BMA M . 4.19 3.28 46.80
O3 BMA M . 5.32 0.73 46.34
O4 BMA M . 3.68 -0.04 44.11
O5 BMA M . 3.26 3.61 44.15
O6 BMA M . 1.22 3.02 42.39
C1 MAN M . 6.66 0.92 46.85
C2 MAN M . 7.32 -0.43 47.14
C3 MAN M . 6.98 -1.00 48.52
C4 MAN M . 7.02 0.08 49.59
C5 MAN M . 6.10 1.21 49.16
C6 MAN M . 5.91 2.27 50.24
O2 MAN M . 8.74 -0.28 47.01
O3 MAN M . 7.91 -2.04 48.85
O4 MAN M . 6.60 -0.45 50.85
O5 MAN M . 6.68 1.79 47.99
O6 MAN M . 7.17 2.68 50.79
C1 FUC M . 2.28 13.79 40.63
C2 FUC M . 1.46 15.07 40.51
C3 FUC M . 2.31 16.23 40.00
C4 FUC M . 3.00 15.84 38.70
C5 FUC M . 3.77 14.54 38.88
C6 FUC M . 4.42 14.09 37.58
O2 FUC M . 0.89 15.40 41.78
O3 FUC M . 1.50 17.39 39.80
O4 FUC M . 2.03 15.70 37.65
O5 FUC M . 2.90 13.50 39.36
C1 GOL N . -9.49 -10.33 -8.86
O1 GOL N . -10.60 -9.83 -9.63
C2 GOL N . -9.08 -9.31 -7.81
O2 GOL N . -7.83 -9.70 -7.26
C3 GOL N . -10.14 -9.22 -6.72
O3 GOL N . -10.01 -7.99 -6.00
NA NA O . -27.22 -5.37 -3.47
C1 NAG P . -33.54 9.83 -29.89
C2 NAG P . -34.67 10.68 -29.30
C3 NAG P . -36.01 10.42 -29.97
C4 NAG P . -35.89 10.44 -31.49
C5 NAG P . -34.78 9.48 -31.92
C6 NAG P . -34.62 9.41 -33.44
C7 NAG P . -34.17 11.11 -26.92
C8 NAG P . -34.44 10.68 -25.52
N2 NAG P . -34.79 10.41 -27.87
O3 NAG P . -36.96 11.41 -29.56
O4 NAG P . -37.14 10.07 -32.09
O5 NAG P . -33.56 9.92 -31.33
O6 NAG P . -34.11 10.65 -33.95
O7 NAG P . -33.42 12.05 -27.18
C1 JUD Q . -18.02 -11.45 -25.86
C5 JUD Q . -15.83 -12.61 -26.16
C4 JUD Q . -16.57 -13.85 -26.67
C3 JUD Q . -17.96 -13.42 -27.22
C2 JUD Q . -18.82 -14.62 -27.63
C6 JUD Q . -16.70 -11.80 -25.21
O4 JUD Q . -16.70 -14.81 -25.58
O1 JUD Q . -17.75 -10.60 -27.00
O3 JUD Q . -14.65 -13.01 -25.47
CBT JUD Q . -16.92 5.73 -30.80
CBS JUD Q . -16.06 4.46 -30.83
CBR JUD Q . -15.77 4.06 -32.29
CBQ JUD Q . -14.95 2.77 -32.33
CBP JUD Q . -15.40 1.89 -33.51
CBO JUD Q . -14.57 0.60 -33.56
CBN JUD Q . -15.50 -0.59 -33.81
CBM JUD Q . -14.67 -1.83 -34.16
CBL JUD Q . -15.60 -3.03 -34.45
CBK JUD Q . -15.86 -3.83 -33.17
CBJ JUD Q . -16.67 -5.08 -33.51
CBI JUD Q . -16.80 -5.99 -32.28
CBH JUD Q . -17.86 -5.44 -31.30
CBG JUD Q . -18.35 -6.55 -30.36
CAQ JUD Q . -17.20 -7.14 -29.52
OAR JUD Q . -16.40 -6.08 -28.98
CAP JUD Q . -17.71 -8.00 -28.34
OAS JUD Q . -18.51 -7.18 -27.48
CAN JUD Q . -18.54 -9.22 -28.81
CAM JUD Q . -18.94 -10.06 -27.59
O5 JUD Q . -16.01 -10.59 -24.87
O2 JUD Q . -18.69 -12.67 -26.24
O6 JUD Q . -18.30 -15.21 -28.83
CAT JUD Q . -16.42 -16.17 -25.95
CAU JUD Q . -15.06 -16.50 -25.77
CAV JUD Q . -14.35 -17.15 -26.78
CAW JUD Q . -13.01 -17.49 -26.61
CAX JUD Q . -12.36 -17.19 -25.41
CBA JUD Q . -11.01 -17.54 -25.22
FBS JUD Q . -10.33 -17.50 -26.42
FBT JUD Q . -10.93 -18.81 -24.71
FBR JUD Q . -10.38 -16.67 -24.34
CAY JUD Q . -13.07 -16.55 -24.38
CAZ JUD Q . -14.41 -16.21 -24.57
NAO JUD Q . -17.74 -10.05 -29.73
CBE JUD Q . -18.33 -10.95 -30.55
OBF JUD Q . -19.53 -11.15 -30.60
CBU JUD Q . -17.35 -11.75 -31.42
CBV JUD Q . -17.82 -11.80 -32.88
CBW JUD Q . -17.29 -10.60 -33.67
CBX JUD Q . -17.49 -10.87 -35.16
CBY JUD Q . -17.37 -9.58 -35.98
CBZ JUD Q . -18.24 -9.71 -37.23
CCA JUD Q . -17.92 -8.58 -38.22
CCB JUD Q . -18.91 -8.60 -39.40
CCC JUD Q . -20.32 -8.21 -38.92
CCD JUD Q . -21.11 -7.52 -40.04
CCE JUD Q . -21.61 -8.55 -41.06
CCF JUD Q . -22.92 -9.18 -40.59
CCG JUD Q . -23.44 -10.12 -41.67
CCH JUD Q . -24.38 -11.18 -41.06
CCI JUD Q . -24.75 -12.19 -42.14
CCJ JUD Q . -23.73 -13.33 -42.15
CCK JUD Q . -23.67 -13.97 -43.55
CCL JUD Q . -22.89 -15.28 -43.49
CCM JUD Q . -21.37 -15.01 -43.58
CCN JUD Q . -20.62 -15.88 -42.57
CCO JUD Q . -19.17 -16.15 -43.01
CCP JUD Q . -18.39 -14.85 -43.31
CCQ JUD Q . -18.34 -13.94 -42.08
CCR JUD Q . -17.24 -12.90 -42.27
CCS JUD Q . -17.34 -11.83 -41.19
C1 GOL R . -2.60 37.34 23.41
O1 GOL R . -2.04 36.12 23.92
C2 GOL R . -2.47 38.46 24.43
O2 GOL R . -3.15 39.63 23.96
C3 GOL R . -0.98 38.78 24.65
O3 GOL R . -0.84 39.50 25.88
C1 JUD S . 18.84 10.60 26.86
C5 JUD S . 18.46 9.88 29.21
C4 JUD S . 19.26 11.09 29.71
C3 JUD S . 19.24 12.19 28.62
C2 JUD S . 20.15 13.39 28.95
C6 JUD S . 18.93 9.45 27.83
O4 JUD S . 20.61 10.66 30.04
O1 JUD S . 17.46 11.01 26.73
O3 JUD S . 18.64 8.78 30.11
CBT JUD S . 4.52 7.78 16.59
CBS JUD S . 4.93 7.74 18.06
CBR JUD S . 4.11 8.75 18.86
CBQ JUD S . 4.53 8.72 20.33
CBP JUD S . 4.39 10.12 20.94
CBO JUD S . 4.80 10.09 22.42
CBN JUD S . 5.82 11.21 22.70
CBM JUD S . 6.03 11.34 24.21
CBL JUD S . 6.97 12.52 24.51
CBK JUD S . 8.42 12.04 24.60
CBJ JUD S . 9.32 13.20 25.05
CBI JUD S . 10.75 12.69 25.32
CBH JUD S . 11.48 12.44 24.00
CBG JUD S . 13.01 12.43 24.22
CAQ JUD S . 13.43 11.32 25.19
OAR JUD S . 12.78 10.08 24.84
CAP JUD S . 14.95 11.07 25.17
OAS JUD S . 15.33 10.70 23.83
CAN JUD S . 15.75 12.31 25.61
CAM JUD S . 17.25 11.95 25.67
O5 JUD S . 18.09 8.39 27.36
O2 JUD S . 19.68 11.66 27.35
O6 JUD S . 19.62 14.13 30.05
CAT JUD S . 21.15 11.22 31.25
CAU JUD S . 20.80 10.49 32.39
CAV JUD S . 20.24 11.13 33.49
CAW JUD S . 19.91 10.42 34.65
CAX JUD S . 20.13 9.03 34.72
CBA JUD S . 19.79 8.32 35.88
FBS JUD S . 18.64 8.82 36.42
FBT JUD S . 20.79 8.44 36.80
FBR JUD S . 19.59 6.99 35.61
CAY JUD S . 20.70 8.39 33.61
CAZ JUD S . 21.04 9.12 32.45
NAO JUD S . 15.34 12.76 26.95
CBE JUD S . 15.61 13.99 27.41
OBF JUD S . 16.21 14.85 26.76
CBU JUD S . 15.13 14.29 28.83
CBV JUD S . 14.41 15.64 28.92
CBW JUD S . 12.92 15.47 28.62
CBX JUD S . 12.20 16.77 29.01
CBY JUD S . 10.77 16.80 28.43
CBZ JUD S . 10.42 18.25 28.10
CCA JUD S . 8.92 18.39 27.83
CCB JUD S . 8.58 19.85 27.50
CCC JUD S . 9.24 20.26 26.17
CCD JUD S . 8.44 21.35 25.45
CCE JUD S . 8.65 22.71 26.11
CCF JUD S . 9.94 23.36 25.62
CCG JUD S . 10.00 24.81 26.10
CCH JUD S . 11.43 25.34 26.05
CCI JUD S . 11.51 26.66 26.85
CCJ JUD S . 11.85 26.35 28.31
CCK JUD S . 11.30 27.47 29.21
CCL JUD S . 11.78 27.25 30.65
CCM JUD S . 10.81 26.34 31.41
CCN JUD S . 11.59 25.49 32.42
CCO JUD S . 10.70 25.02 33.58
CCP JUD S . 9.47 24.24 33.09
CCQ JUD S . 9.86 23.06 32.22
CCR JUD S . 8.77 21.98 32.32
CCS JUD S . 8.80 21.10 31.07
C1 GOL T . 17.64 -1.15 31.73
O1 GOL T . 18.14 -1.40 33.05
C2 GOL T . 18.30 -2.07 30.72
O2 GOL T . 17.97 -1.66 29.39
C3 GOL T . 17.84 -3.51 30.95
O3 GOL T . 18.37 -4.37 29.93
NA NA U . 26.08 -19.27 3.30
NA NA V . 33.74 -1.74 11.02
#